data_7D09
#
_entry.id   7D09
#
_cell.length_a   1.00
_cell.length_b   1.00
_cell.length_c   1.00
_cell.angle_alpha   90.00
_cell.angle_beta   90.00
_cell.angle_gamma   90.00
#
_symmetry.space_group_name_H-M   'P 1'
#
loop_
_entity.id
_entity.type
_entity.pdbx_description
1 polymer 'Intermembrane phospholipid transport system permease protein MlaE'
2 polymer 'ABC transporter ATP-binding protein'
3 polymer 'Anti-sigma factor antagonist'
4 polymer 'MCE family protein'
5 non-polymer "ADENOSINE-5'-TRIPHOSPHATE"
#
loop_
_entity_poly.entity_id
_entity_poly.type
_entity_poly.pdbx_seq_one_letter_code
_entity_poly.pdbx_strand_id
1 'polypeptide(L)'
;MNTIAWLGRLVIERIRGIGVAALMLLQIIFSLPSAGGFGRFVYQMHRVGVMSLLIITVSGLFIGLVLGLQGYSILVNVGS
ESMLGTMVSLTLLRELAPVVAALLFAGRAGSALTAEIGSMKQSEQLASMEMIGVDPLKQIVSPRLWAGIVSLPMLTVIFA
AIGIVGGKLVGVDFLGVDEGSFWSGMQNNVQFGHDVVNGIIKSIVFALLCTWIAVFQGYACDPTPEGIATAMTRTVVYSS
LCVLGFDFVLTAVMFGGI
;
A,D
2 'polypeptide(L)'
;MMNNKTPLSTQSLIEVKNLSFNRGERVIYDNISLNIRRGQITAIMGPSGTGKTTLLRLIGGQLVPDQGEVLLDGKDIAQM
SRQELFAARARMGMLFQSGALFTDMSVYENVAFPIRAHTKLSENLIAELVALKLESVGLRGTEQLMPTELSGGMNRRVAL
ARAIALDPDLIMYDEPFAGQDPIVKGVLTRLIRSLREALDLTTIIVSHDVPETLSIADYIYVVAEGKIQGEGTPEELQAY
ASPFVKQFLTGSAEGPVEYQFSHQAYLDNEVRP
;
B,E
3 'polypeptide(L)'
;VVQYLNQELVVSGKIDFENAEQQYQAGLAIIKKQTSFPLIVDLKQLEHGNTLALAVLVQWLRQTPQKSGLHFKNVPEKML
KIIQACHLQEDLHLVLEHHHHHH
;
C,F
4 'polypeptide(L)'
;MKSRTSELAVGIFVIIFGIALFFLAMKVSGLVGTNLSDGYTMKAQFDNVNGLKPRAKVTMSGVTIGRVDSITLDPVTRLA
TVTFDLDGKLTSFNAEQLKEVQKNALDELRYSSDYTQATPAQQKTMEQQLISNMNSITSIDEDAYIMVATNGLLGEKYLK
IVPGGGLNYLKRGDTISNTQGTMDLEDLISKFITGGGAGKVAAGSSSAEEKAPASTDSSAQPSFVE
;
G,H,I,J,K,L
#
loop_
_chem_comp.id
_chem_comp.type
_chem_comp.name
_chem_comp.formula
ATP non-polymer ADENOSINE-5'-TRIPHOSPHATE 'C10 H16 N5 O13 P3'
#
# COMPACT_ATOMS: atom_id res chain seq x y z
N MET A 1 -36.74 15.39 2.53
CA MET A 1 -35.48 16.02 2.90
C MET A 1 -34.93 15.40 4.18
N ASN A 2 -35.26 14.14 4.41
CA ASN A 2 -34.70 13.43 5.55
C ASN A 2 -33.28 12.92 5.27
N THR A 3 -33.00 12.53 4.03
CA THR A 3 -31.71 11.94 3.70
C THR A 3 -30.60 12.98 3.77
N ILE A 4 -30.89 14.22 3.35
CA ILE A 4 -29.96 15.32 3.57
C ILE A 4 -29.88 15.70 5.04
N ALA A 5 -30.97 15.52 5.79
CA ALA A 5 -30.91 15.77 7.22
C ALA A 5 -30.14 14.69 7.95
N TRP A 6 -30.22 13.46 7.48
CA TRP A 6 -29.43 12.39 8.08
C TRP A 6 -27.96 12.50 7.70
N LEU A 7 -27.69 12.99 6.48
CA LEU A 7 -26.30 13.14 6.04
C LEU A 7 -25.60 14.27 6.77
N GLY A 8 -26.32 15.36 7.07
CA GLY A 8 -25.72 16.43 7.83
C GLY A 8 -25.52 16.08 9.28
N ARG A 9 -26.35 15.17 9.78
CA ARG A 9 -26.24 14.71 11.15
C ARG A 9 -25.09 13.71 11.29
N LEU A 10 -24.67 13.11 10.17
CA LEU A 10 -23.58 12.14 10.21
C LEU A 10 -22.24 12.85 10.32
N VAL A 11 -22.01 13.89 9.53
CA VAL A 11 -20.71 14.56 9.53
C VAL A 11 -20.57 15.57 10.65
N ILE A 12 -21.63 15.86 11.40
CA ILE A 12 -21.49 16.69 12.59
C ILE A 12 -20.98 15.86 13.75
N GLU A 13 -21.48 14.63 13.90
CA GLU A 13 -20.95 13.71 14.88
C GLU A 13 -19.52 13.28 14.57
N ARG A 14 -19.15 13.23 13.30
CA ARG A 14 -17.78 12.88 12.95
C ARG A 14 -16.84 14.06 13.14
N ILE A 15 -17.36 15.28 13.17
CA ILE A 15 -16.52 16.43 13.47
C ILE A 15 -16.26 16.52 14.96
N ARG A 16 -17.30 16.34 15.78
CA ARG A 16 -17.08 16.40 17.23
C ARG A 16 -16.36 15.16 17.71
N GLY A 17 -16.34 14.08 16.92
CA GLY A 17 -15.49 12.95 17.24
C GLY A 17 -14.02 13.23 17.08
N ILE A 18 -13.66 14.17 16.21
CA ILE A 18 -12.26 14.57 16.11
C ILE A 18 -11.85 15.36 17.34
N GLY A 19 -12.74 16.22 17.83
CA GLY A 19 -12.40 17.06 18.97
C GLY A 19 -12.22 16.30 20.26
N VAL A 20 -12.92 15.17 20.42
CA VAL A 20 -12.67 14.33 21.57
C VAL A 20 -11.31 13.64 21.44
N ALA A 21 -10.97 13.18 20.24
CA ALA A 21 -9.69 12.51 20.04
C ALA A 21 -8.51 13.47 20.06
N ALA A 22 -8.75 14.77 19.88
CA ALA A 22 -7.67 15.73 20.04
C ALA A 22 -7.40 16.01 21.51
N LEU A 23 -8.46 16.14 22.31
CA LEU A 23 -8.29 16.35 23.74
C LEU A 23 -7.77 15.12 24.45
N MET A 24 -7.97 13.94 23.88
CA MET A 24 -7.40 12.73 24.46
C MET A 24 -5.90 12.66 24.23
N LEU A 25 -5.40 13.25 23.15
CA LEU A 25 -3.97 13.21 22.89
C LEU A 25 -3.20 14.20 23.74
N LEU A 26 -3.83 15.33 24.08
CA LEU A 26 -3.15 16.31 24.92
C LEU A 26 -3.09 15.87 26.37
N GLN A 27 -3.91 14.91 26.78
CA GLN A 27 -3.82 14.40 28.14
C GLN A 27 -2.77 13.31 28.27
N ILE A 28 -2.44 12.62 27.19
CA ILE A 28 -1.45 11.54 27.27
C ILE A 28 -0.04 12.11 27.27
N ILE A 29 0.27 12.96 26.28
CA ILE A 29 1.65 13.38 26.09
C ILE A 29 2.08 14.51 27.01
N PHE A 30 1.15 15.22 27.63
CA PHE A 30 1.51 16.29 28.57
C PHE A 30 1.39 15.76 29.99
N SER A 31 2.23 14.78 30.31
CA SER A 31 2.27 14.20 31.64
C SER A 31 3.61 13.50 31.86
N LEU A 32 4.23 13.75 33.01
CA LEU A 32 5.45 13.05 33.37
C LEU A 32 5.07 11.62 33.76
N PRO A 33 5.87 10.62 33.39
CA PRO A 33 5.42 9.23 33.47
C PRO A 33 5.35 8.72 34.90
N SER A 34 4.40 7.84 35.14
CA SER A 34 4.20 7.23 36.45
C SER A 34 5.29 6.18 36.68
N ALA A 35 5.47 5.79 37.93
CA ALA A 35 6.50 4.82 38.30
C ALA A 35 6.12 3.44 37.77
N GLY A 36 7.02 2.86 36.97
CA GLY A 36 6.75 1.59 36.33
C GLY A 36 6.35 1.72 34.88
N GLY A 37 6.41 2.93 34.32
CA GLY A 37 5.94 3.15 32.97
C GLY A 37 6.87 2.66 31.89
N PHE A 38 8.12 2.40 32.21
CA PHE A 38 9.04 1.88 31.19
C PHE A 38 8.98 0.36 31.12
N GLY A 39 8.55 -0.30 32.19
CA GLY A 39 8.45 -1.75 32.14
C GLY A 39 7.30 -2.23 31.27
N ARG A 40 6.29 -1.39 31.10
CA ARG A 40 5.15 -1.78 30.26
C ARG A 40 5.37 -1.37 28.82
N PHE A 41 6.22 -0.37 28.59
CA PHE A 41 6.50 0.05 27.22
C PHE A 41 7.37 -0.97 26.50
N VAL A 42 8.27 -1.62 27.24
CA VAL A 42 9.10 -2.67 26.64
C VAL A 42 8.25 -3.89 26.31
N TYR A 43 7.24 -4.17 27.13
CA TYR A 43 6.36 -5.29 26.84
C TYR A 43 5.43 -4.97 25.68
N GLN A 44 4.99 -3.72 25.57
CA GLN A 44 4.06 -3.36 24.50
C GLN A 44 4.78 -3.19 23.19
N MET A 45 6.11 -3.13 23.22
CA MET A 45 6.88 -3.11 22.00
C MET A 45 6.97 -4.53 21.42
N HIS A 46 6.76 -5.53 22.28
CA HIS A 46 6.74 -6.91 21.83
C HIS A 46 5.46 -7.22 21.05
N ARG A 47 4.32 -6.78 21.57
CA ARG A 47 3.04 -7.08 20.94
C ARG A 47 2.86 -6.35 19.61
N VAL A 48 3.16 -5.06 19.60
CA VAL A 48 2.96 -4.22 18.42
C VAL A 48 4.06 -4.45 17.41
N GLY A 49 5.31 -4.30 17.84
CA GLY A 49 6.42 -4.38 16.92
C GLY A 49 6.84 -5.76 16.48
N VAL A 50 7.20 -6.62 17.44
CA VAL A 50 7.88 -7.88 17.13
C VAL A 50 6.94 -8.85 16.43
N MET A 51 5.65 -8.81 16.79
CA MET A 51 4.68 -9.68 16.11
C MET A 51 4.42 -9.20 14.69
N SER A 52 4.66 -7.92 14.41
CA SER A 52 4.47 -7.41 13.06
C SER A 52 5.70 -7.62 12.19
N LEU A 53 6.74 -8.26 12.69
CA LEU A 53 8.01 -8.35 11.98
C LEU A 53 7.93 -9.35 10.84
N LEU A 54 7.05 -10.32 10.93
CA LEU A 54 7.01 -11.39 9.94
C LEU A 54 6.30 -10.95 8.68
N ILE A 55 5.22 -10.18 8.82
CA ILE A 55 4.44 -9.76 7.66
C ILE A 55 5.20 -8.73 6.85
N ILE A 56 5.89 -7.81 7.54
CA ILE A 56 6.61 -6.73 6.86
C ILE A 56 7.82 -7.25 6.10
N THR A 57 8.57 -8.18 6.70
CA THR A 57 9.77 -8.70 6.05
C THR A 57 9.42 -9.56 4.84
N VAL A 58 8.35 -10.34 4.92
CA VAL A 58 7.93 -11.16 3.79
C VAL A 58 7.31 -10.32 2.69
N SER A 59 6.41 -9.39 3.03
CA SER A 59 5.77 -8.57 2.02
C SER A 59 6.72 -7.53 1.44
N GLY A 60 7.77 -7.17 2.19
CA GLY A 60 8.76 -6.26 1.64
C GLY A 60 9.60 -6.90 0.57
N LEU A 61 9.74 -8.23 0.64
CA LEU A 61 10.48 -8.95 -0.39
C LEU A 61 9.68 -9.02 -1.68
N PHE A 62 8.35 -9.14 -1.57
CA PHE A 62 7.52 -9.37 -2.74
C PHE A 62 7.37 -8.12 -3.58
N ILE A 63 7.50 -6.94 -2.95
CA ILE A 63 7.50 -5.71 -3.72
C ILE A 63 8.83 -5.50 -4.41
N GLY A 64 9.94 -5.90 -3.78
CA GLY A 64 11.25 -5.79 -4.38
C GLY A 64 11.41 -6.68 -5.59
N LEU A 65 10.78 -7.86 -5.57
CA LEU A 65 10.83 -8.72 -6.74
C LEU A 65 9.98 -8.18 -7.88
N VAL A 66 8.95 -7.40 -7.55
CA VAL A 66 8.12 -6.77 -8.57
C VAL A 66 8.79 -5.53 -9.13
N LEU A 67 9.41 -4.72 -8.28
CA LEU A 67 10.05 -3.49 -8.75
C LEU A 67 11.27 -3.77 -9.60
N GLY A 68 11.97 -4.86 -9.33
CA GLY A 68 13.08 -5.24 -10.18
C GLY A 68 12.63 -5.85 -11.48
N LEU A 69 11.46 -6.47 -11.51
CA LEU A 69 10.97 -7.11 -12.72
C LEU A 69 10.23 -6.12 -13.61
N GLN A 70 9.63 -5.08 -13.04
CA GLN A 70 8.95 -4.10 -13.86
C GLN A 70 9.90 -3.03 -14.35
N GLY A 71 10.85 -2.63 -13.51
CA GLY A 71 11.83 -1.63 -13.92
C GLY A 71 12.80 -2.13 -14.96
N TYR A 72 13.00 -3.43 -15.07
CA TYR A 72 13.85 -3.97 -16.12
C TYR A 72 13.11 -4.03 -17.45
N SER A 73 11.79 -4.27 -17.42
CA SER A 73 11.05 -4.39 -18.67
C SER A 73 10.87 -3.05 -19.36
N ILE A 74 10.97 -1.95 -18.60
CA ILE A 74 10.85 -0.63 -19.19
C ILE A 74 12.21 -0.08 -19.58
N LEU A 75 13.22 -0.28 -18.73
CA LEU A 75 14.53 0.28 -18.98
C LEU A 75 15.36 -0.52 -19.98
N VAL A 76 14.83 -1.62 -20.52
CA VAL A 76 15.58 -2.34 -21.53
C VAL A 76 15.27 -1.85 -22.94
N ASN A 77 14.14 -1.16 -23.12
CA ASN A 77 13.83 -0.60 -24.44
C ASN A 77 14.64 0.64 -24.72
N VAL A 78 14.96 1.43 -23.69
CA VAL A 78 15.75 2.63 -23.85
C VAL A 78 17.21 2.27 -23.65
N GLY A 79 17.46 1.03 -23.23
CA GLY A 79 18.79 0.49 -23.25
C GLY A 79 19.71 1.01 -22.17
N SER A 80 19.14 1.76 -21.22
CA SER A 80 19.91 2.33 -20.13
C SER A 80 19.43 1.71 -18.82
N GLU A 81 20.11 0.64 -18.39
CA GLU A 81 19.74 -0.04 -17.15
C GLU A 81 20.92 -0.09 -16.21
N SER A 82 21.80 0.90 -16.30
CA SER A 82 22.65 1.25 -15.18
C SER A 82 21.90 2.11 -14.18
N MET A 83 20.74 2.62 -14.57
CA MET A 83 19.83 3.33 -13.68
C MET A 83 18.79 2.41 -13.07
N LEU A 84 18.95 1.10 -13.20
CA LEU A 84 18.02 0.17 -12.55
C LEU A 84 18.18 0.20 -11.04
N GLY A 85 19.42 0.24 -10.56
CA GLY A 85 19.65 0.30 -9.13
C GLY A 85 19.27 1.63 -8.53
N THR A 86 19.18 2.68 -9.35
CA THR A 86 18.71 3.96 -8.84
C THR A 86 17.20 3.95 -8.67
N MET A 87 16.45 3.61 -9.72
CA MET A 87 15.00 3.72 -9.67
C MET A 87 14.34 2.72 -8.75
N VAL A 88 15.01 1.60 -8.47
CA VAL A 88 14.49 0.67 -7.46
C VAL A 88 14.66 1.28 -6.08
N SER A 89 15.85 1.80 -5.78
CA SER A 89 16.09 2.36 -4.46
C SER A 89 15.55 3.77 -4.33
N LEU A 90 15.09 4.37 -5.42
CA LEU A 90 14.41 5.64 -5.29
C LEU A 90 12.91 5.50 -5.18
N THR A 91 12.34 4.42 -5.71
CA THR A 91 10.92 4.20 -5.53
C THR A 91 10.62 3.78 -4.11
N LEU A 92 11.51 2.98 -3.50
CA LEU A 92 11.27 2.48 -2.17
C LEU A 92 11.53 3.54 -1.11
N LEU A 93 12.70 4.18 -1.17
CA LEU A 93 13.18 5.01 -0.06
C LEU A 93 12.34 6.25 0.17
N ARG A 94 11.83 6.87 -0.89
CA ARG A 94 11.07 8.08 -0.67
C ARG A 94 9.58 7.86 -0.82
N GLU A 95 9.16 6.78 -1.50
CA GLU A 95 7.73 6.70 -1.78
C GLU A 95 7.02 5.45 -1.28
N LEU A 96 7.49 4.25 -1.61
CA LEU A 96 6.69 3.06 -1.33
C LEU A 96 6.85 2.56 0.09
N ALA A 97 8.07 2.47 0.59
CA ALA A 97 8.30 2.00 1.96
C ALA A 97 7.72 2.91 3.05
N PRO A 98 7.60 4.24 2.88
CA PRO A 98 6.78 4.96 3.86
C PRO A 98 5.29 4.68 3.75
N VAL A 99 4.79 4.37 2.56
CA VAL A 99 3.35 4.31 2.35
C VAL A 99 2.80 2.90 2.51
N VAL A 100 3.40 1.92 1.84
CA VAL A 100 2.89 0.56 1.91
C VAL A 100 3.09 -0.03 3.30
N ALA A 101 4.20 0.27 3.95
CA ALA A 101 4.43 -0.24 5.31
C ALA A 101 3.55 0.43 6.34
N ALA A 102 2.83 1.49 5.98
CA ALA A 102 1.79 2.02 6.85
C ALA A 102 0.43 1.46 6.51
N LEU A 103 0.24 0.93 5.30
CA LEU A 103 -1.00 0.26 4.96
C LEU A 103 -1.06 -1.16 5.48
N LEU A 104 0.09 -1.75 5.82
CA LEU A 104 0.10 -3.06 6.44
C LEU A 104 0.20 -2.96 7.96
N PHE A 105 0.66 -1.83 8.48
CA PHE A 105 0.66 -1.64 9.92
C PHE A 105 -0.72 -1.26 10.43
N ALA A 106 -1.55 -0.63 9.60
CA ALA A 106 -2.90 -0.28 10.00
C ALA A 106 -3.76 -1.54 10.09
N GLY A 107 -3.48 -2.52 9.25
CA GLY A 107 -4.21 -3.76 9.29
C GLY A 107 -3.82 -4.67 10.43
N ARG A 108 -2.56 -5.09 10.45
CA ARG A 108 -2.09 -6.07 11.43
C ARG A 108 -2.02 -5.50 12.84
N ALA A 109 -1.26 -4.45 13.05
CA ALA A 109 -1.04 -3.97 14.42
C ALA A 109 -1.86 -2.74 14.71
N GLY A 110 -2.46 -2.15 13.68
CA GLY A 110 -3.35 -1.04 13.92
C GLY A 110 -4.69 -1.48 14.48
N SER A 111 -5.34 -2.41 13.78
CA SER A 111 -6.67 -2.83 14.19
C SER A 111 -6.63 -3.75 15.39
N ALA A 112 -5.48 -4.35 15.67
CA ALA A 112 -5.36 -5.24 16.82
C ALA A 112 -5.41 -4.47 18.13
N LEU A 113 -4.95 -3.21 18.11
CA LEU A 113 -5.04 -2.38 19.31
C LEU A 113 -6.47 -1.97 19.57
N THR A 114 -7.27 -1.82 18.53
CA THR A 114 -8.66 -1.42 18.70
C THR A 114 -9.50 -2.58 19.21
N ALA A 115 -9.09 -3.81 18.90
CA ALA A 115 -9.73 -4.96 19.51
C ALA A 115 -9.28 -5.13 20.96
N GLU A 116 -8.04 -4.74 21.24
CA GLU A 116 -7.47 -4.99 22.56
C GLU A 116 -8.01 -3.99 23.58
N ILE A 117 -8.03 -2.71 23.23
CA ILE A 117 -8.63 -1.73 24.13
C ILE A 117 -10.14 -1.78 24.05
N GLY A 118 -10.67 -2.30 22.93
CA GLY A 118 -12.12 -2.36 22.80
C GLY A 118 -12.74 -3.45 23.64
N SER A 119 -12.10 -4.61 23.72
CA SER A 119 -12.64 -5.69 24.53
C SER A 119 -12.44 -5.42 26.01
N MET A 120 -11.54 -4.52 26.37
CA MET A 120 -11.45 -4.10 27.76
C MET A 120 -12.56 -3.15 28.13
N LYS A 121 -13.21 -2.54 27.14
CA LYS A 121 -14.28 -1.60 27.45
C LYS A 121 -15.63 -2.29 27.58
N GLN A 122 -15.86 -3.38 26.86
CA GLN A 122 -17.16 -4.02 26.97
C GLN A 122 -17.22 -4.94 28.17
N SER A 123 -16.08 -5.45 28.61
CA SER A 123 -16.03 -6.37 29.75
C SER A 123 -15.67 -5.66 31.03
N GLU A 124 -15.80 -4.33 31.05
CA GLU A 124 -15.78 -3.47 32.22
C GLU A 124 -14.46 -3.51 32.98
N GLN A 125 -13.36 -3.85 32.30
CA GLN A 125 -12.06 -3.78 32.94
C GLN A 125 -11.59 -2.35 33.07
N LEU A 126 -12.01 -1.49 32.15
CA LEU A 126 -11.60 -0.10 32.21
C LEU A 126 -12.36 0.63 33.32
N ALA A 127 -13.62 0.26 33.53
CA ALA A 127 -14.39 0.91 34.57
C ALA A 127 -13.99 0.42 35.96
N SER A 128 -13.53 -0.83 36.02
CA SER A 128 -13.12 -1.41 37.29
C SER A 128 -11.76 -0.87 37.69
N MET A 129 -10.93 -0.54 36.71
CA MET A 129 -9.59 -0.04 37.00
C MET A 129 -9.66 1.37 37.57
N GLU A 130 -10.68 2.12 37.20
CA GLU A 130 -10.75 3.50 37.64
C GLU A 130 -11.22 3.62 39.09
N MET A 131 -12.07 2.70 39.54
CA MET A 131 -12.58 2.79 40.91
C MET A 131 -11.52 2.46 41.93
N ILE A 132 -10.48 1.73 41.53
CA ILE A 132 -9.34 1.48 42.40
C ILE A 132 -8.56 2.78 42.53
N GLY A 133 -8.67 3.64 41.53
CA GLY A 133 -7.98 4.90 41.54
C GLY A 133 -6.98 5.06 40.42
N VAL A 134 -6.60 3.96 39.79
CA VAL A 134 -5.68 3.96 38.66
C VAL A 134 -6.37 4.57 37.47
N ASP A 135 -5.72 5.54 36.84
CA ASP A 135 -6.30 6.20 35.67
C ASP A 135 -5.99 5.37 34.43
N PRO A 136 -7.02 4.93 33.68
CA PRO A 136 -6.77 3.98 32.59
C PRO A 136 -6.10 4.57 31.38
N LEU A 137 -6.08 5.90 31.23
CA LEU A 137 -5.34 6.51 30.14
C LEU A 137 -3.83 6.36 30.36
N LYS A 138 -3.37 6.62 31.56
CA LYS A 138 -1.94 6.52 31.85
C LYS A 138 -1.50 5.07 31.98
N GLN A 139 -2.40 4.20 32.42
CA GLN A 139 -2.03 2.82 32.68
C GLN A 139 -2.07 1.94 31.45
N ILE A 140 -3.14 1.99 30.67
CA ILE A 140 -3.37 1.06 29.57
C ILE A 140 -3.08 1.72 28.22
N VAL A 141 -3.61 2.92 28.01
CA VAL A 141 -3.58 3.53 26.68
C VAL A 141 -2.19 4.06 26.36
N SER A 142 -1.56 4.76 27.31
CA SER A 142 -0.30 5.44 27.04
C SER A 142 0.91 4.55 26.75
N PRO A 143 1.08 3.35 27.32
CA PRO A 143 2.14 2.48 26.79
C PRO A 143 1.83 1.90 25.42
N ARG A 144 0.59 1.95 24.97
CA ARG A 144 0.29 1.47 23.62
C ARG A 144 0.54 2.55 22.58
N LEU A 145 0.38 3.81 22.95
CA LEU A 145 0.60 4.90 22.00
C LEU A 145 2.09 5.08 21.73
N TRP A 146 2.92 5.07 22.77
CA TRP A 146 4.35 5.25 22.59
C TRP A 146 5.01 4.03 21.98
N ALA A 147 4.38 2.86 22.04
CA ALA A 147 4.91 1.70 21.34
C ALA A 147 4.49 1.66 19.89
N GLY A 148 3.67 2.61 19.46
CA GLY A 148 3.29 2.69 18.06
C GLY A 148 4.11 3.73 17.32
N ILE A 149 4.48 4.80 18.01
CA ILE A 149 5.28 5.85 17.39
C ILE A 149 6.72 5.37 17.21
N VAL A 150 7.17 4.45 18.06
CA VAL A 150 8.53 3.94 17.92
C VAL A 150 8.59 2.78 16.93
N SER A 151 7.62 1.88 16.94
CA SER A 151 7.76 0.63 16.21
C SER A 151 7.51 0.74 14.72
N LEU A 152 6.88 1.78 14.23
CA LEU A 152 6.73 1.86 12.78
C LEU A 152 7.95 2.42 12.06
N PRO A 153 8.63 3.49 12.50
CA PRO A 153 9.86 3.90 11.78
C PRO A 153 10.99 2.91 11.91
N MET A 154 10.95 2.00 12.87
CA MET A 154 11.88 0.89 12.86
C MET A 154 11.49 -0.19 11.87
N LEU A 155 10.26 -0.13 11.34
CA LEU A 155 9.78 -1.15 10.43
C LEU A 155 9.80 -0.73 8.98
N THR A 156 9.76 0.57 8.68
CA THR A 156 9.93 0.98 7.30
C THR A 156 11.38 0.86 6.84
N VAL A 157 12.34 0.90 7.78
CA VAL A 157 13.72 0.68 7.40
C VAL A 157 13.96 -0.78 7.06
N ILE A 158 13.37 -1.69 7.83
CA ILE A 158 13.45 -3.12 7.52
C ILE A 158 12.66 -3.43 6.25
N PHE A 159 11.61 -2.67 5.98
CA PHE A 159 10.90 -2.79 4.71
C PHE A 159 11.76 -2.31 3.55
N ALA A 160 12.47 -1.19 3.74
CA ALA A 160 13.25 -0.65 2.63
C ALA A 160 14.54 -1.43 2.40
N ALA A 161 15.12 -2.01 3.45
CA ALA A 161 16.37 -2.74 3.27
C ALA A 161 16.12 -4.08 2.61
N ILE A 162 15.06 -4.78 3.03
CA ILE A 162 14.71 -6.05 2.39
C ILE A 162 14.17 -5.85 0.98
N GLY A 163 13.63 -4.67 0.67
CA GLY A 163 13.08 -4.46 -0.65
C GLY A 163 14.15 -4.23 -1.69
N ILE A 164 15.26 -3.61 -1.29
CA ILE A 164 16.38 -3.37 -2.19
C ILE A 164 17.16 -4.65 -2.42
N VAL A 165 17.39 -5.41 -1.35
CA VAL A 165 18.07 -6.70 -1.43
C VAL A 165 17.27 -7.69 -2.27
N GLY A 166 15.95 -7.66 -2.14
CA GLY A 166 15.11 -8.46 -3.02
C GLY A 166 15.14 -7.98 -4.46
N GLY A 167 15.21 -6.66 -4.67
CA GLY A 167 15.34 -6.14 -6.01
C GLY A 167 16.70 -6.40 -6.62
N LYS A 168 17.72 -6.57 -5.78
CA LYS A 168 19.03 -6.94 -6.29
C LYS A 168 19.07 -8.40 -6.72
N LEU A 169 18.17 -9.22 -6.17
CA LEU A 169 18.20 -10.64 -6.48
C LEU A 169 17.64 -10.91 -7.87
N VAL A 170 16.53 -10.26 -8.24
CA VAL A 170 15.93 -10.56 -9.53
C VAL A 170 16.55 -9.70 -10.62
N GLY A 171 17.20 -8.60 -10.27
CA GLY A 171 17.80 -7.76 -11.28
C GLY A 171 19.17 -8.26 -11.69
N VAL A 172 20.03 -8.50 -10.70
CA VAL A 172 21.41 -8.84 -10.99
C VAL A 172 21.57 -10.33 -11.21
N ASP A 173 21.00 -11.14 -10.33
CA ASP A 173 21.30 -12.57 -10.32
C ASP A 173 20.36 -13.41 -11.17
N PHE A 174 19.27 -12.85 -11.68
CA PHE A 174 18.35 -13.63 -12.50
C PHE A 174 18.18 -13.07 -13.90
N LEU A 175 18.11 -11.75 -14.05
CA LEU A 175 17.98 -11.15 -15.36
C LEU A 175 19.33 -10.81 -15.98
N GLY A 176 20.38 -10.71 -15.18
CA GLY A 176 21.73 -10.58 -15.71
C GLY A 176 22.17 -9.17 -16.02
N VAL A 177 22.16 -8.28 -15.03
CA VAL A 177 22.77 -6.97 -15.22
C VAL A 177 24.07 -6.97 -14.45
N ASP A 178 24.88 -5.93 -14.61
CA ASP A 178 26.18 -5.87 -13.94
C ASP A 178 25.99 -5.53 -12.47
N GLU A 179 26.72 -6.24 -11.62
CA GLU A 179 26.61 -6.06 -10.18
C GLU A 179 27.28 -4.77 -9.75
N GLY A 180 28.44 -4.44 -10.33
CA GLY A 180 29.15 -3.24 -9.95
C GLY A 180 28.47 -1.97 -10.40
N SER A 181 27.84 -1.98 -11.57
CA SER A 181 27.10 -0.82 -12.00
C SER A 181 25.74 -0.73 -11.33
N PHE A 182 25.28 -1.80 -10.70
CA PHE A 182 24.08 -1.72 -9.89
C PHE A 182 24.33 -0.90 -8.63
N TRP A 183 25.38 -1.24 -7.89
CA TRP A 183 25.63 -0.54 -6.64
C TRP A 183 26.21 0.86 -6.86
N SER A 184 27.05 1.03 -7.87
CA SER A 184 27.65 2.34 -8.09
C SER A 184 26.67 3.32 -8.72
N GLY A 185 25.55 2.81 -9.27
CA GLY A 185 24.49 3.71 -9.67
C GLY A 185 23.70 4.24 -8.50
N MET A 186 23.79 3.57 -7.34
CA MET A 186 23.07 4.04 -6.17
C MET A 186 23.78 5.20 -5.48
N GLN A 187 25.10 5.07 -5.26
CA GLN A 187 25.80 6.05 -4.44
C GLN A 187 25.95 7.39 -5.13
N ASN A 188 25.74 7.44 -6.45
CA ASN A 188 25.78 8.71 -7.15
C ASN A 188 24.49 9.49 -6.96
N ASN A 189 23.36 8.81 -7.08
CA ASN A 189 22.07 9.49 -7.16
C ASN A 189 21.30 9.51 -5.85
N VAL A 190 21.62 8.64 -4.90
CA VAL A 190 20.85 8.51 -3.67
C VAL A 190 21.63 9.12 -2.52
N GLN A 191 21.25 10.32 -2.10
CA GLN A 191 21.87 10.93 -0.94
C GLN A 191 21.29 10.32 0.33
N PHE A 192 21.93 10.64 1.45
CA PHE A 192 21.41 10.16 2.73
C PHE A 192 20.41 11.13 3.32
N GLY A 193 20.80 12.39 3.53
CA GLY A 193 19.97 13.31 4.29
C GLY A 193 18.76 13.79 3.53
N HIS A 194 18.79 13.68 2.20
CA HIS A 194 17.66 14.12 1.41
C HIS A 194 16.68 12.99 1.15
N ASP A 195 17.13 11.74 1.19
CA ASP A 195 16.32 10.61 0.79
C ASP A 195 16.04 9.62 1.91
N VAL A 196 17.04 9.21 2.67
CA VAL A 196 16.81 8.22 3.72
C VAL A 196 16.25 8.89 4.96
N VAL A 197 16.68 10.12 5.26
CA VAL A 197 16.11 10.81 6.41
C VAL A 197 14.70 11.32 6.09
N ASN A 198 14.47 11.77 4.86
CA ASN A 198 13.12 12.20 4.50
C ASN A 198 12.17 11.03 4.31
N GLY A 199 12.67 9.80 4.24
CA GLY A 199 11.80 8.64 4.28
C GLY A 199 11.48 8.20 5.68
N ILE A 200 12.21 8.71 6.67
CA ILE A 200 11.95 8.39 8.07
C ILE A 200 10.99 9.40 8.70
N ILE A 201 11.18 10.69 8.40
CA ILE A 201 10.27 11.72 8.88
C ILE A 201 8.89 11.55 8.28
N LYS A 202 8.81 10.96 7.09
CA LYS A 202 7.50 10.68 6.50
C LYS A 202 6.79 9.56 7.24
N SER A 203 7.54 8.65 7.87
CA SER A 203 6.89 7.58 8.62
C SER A 203 6.63 7.92 10.07
N ILE A 204 7.23 8.96 10.63
CA ILE A 204 6.85 9.37 11.97
C ILE A 204 5.51 10.10 11.96
N VAL A 205 5.23 10.86 10.91
CA VAL A 205 3.91 11.47 10.78
C VAL A 205 2.88 10.41 10.44
N PHE A 206 3.30 9.32 9.80
CA PHE A 206 2.36 8.24 9.54
C PHE A 206 2.15 7.38 10.77
N ALA A 207 3.16 7.22 11.61
CA ALA A 207 3.01 6.39 12.80
C ALA A 207 2.16 7.06 13.86
N LEU A 208 2.12 8.39 13.84
CA LEU A 208 1.27 9.09 14.80
C LEU A 208 -0.20 8.93 14.43
N LEU A 209 -0.51 8.93 13.13
CA LEU A 209 -1.92 8.88 12.73
C LEU A 209 -2.47 7.47 12.75
N CYS A 210 -1.64 6.46 12.48
CA CYS A 210 -2.15 5.09 12.52
C CYS A 210 -2.23 4.55 13.94
N THR A 211 -1.74 5.29 14.92
CA THR A 211 -1.82 4.86 16.31
C THR A 211 -2.78 5.70 17.13
N TRP A 212 -2.84 7.00 16.90
CA TRP A 212 -3.79 7.85 17.62
C TRP A 212 -5.22 7.57 17.17
N ILE A 213 -5.41 7.16 15.92
CA ILE A 213 -6.74 6.74 15.50
C ILE A 213 -7.07 5.38 16.07
N ALA A 214 -6.13 4.46 16.01
CA ALA A 214 -6.40 3.07 16.40
C ALA A 214 -6.53 2.90 17.90
N VAL A 215 -6.11 3.90 18.67
CA VAL A 215 -6.31 3.88 20.11
C VAL A 215 -7.63 4.55 20.49
N PHE A 216 -7.97 5.64 19.81
CA PHE A 216 -9.19 6.38 20.13
C PHE A 216 -10.42 5.58 19.76
N GLN A 217 -10.38 4.82 18.66
CA GLN A 217 -11.53 4.02 18.28
C GLN A 217 -11.79 2.89 19.26
N GLY A 218 -10.74 2.35 19.89
CA GLY A 218 -10.93 1.30 20.87
C GLY A 218 -11.18 1.81 22.26
N TYR A 219 -11.02 3.11 22.48
CA TYR A 219 -11.34 3.68 23.77
C TYR A 219 -12.75 4.25 23.78
N ALA A 220 -13.14 4.92 22.70
CA ALA A 220 -14.49 5.42 22.55
C ALA A 220 -15.34 4.48 21.68
N CYS A 221 -15.49 3.24 22.11
CA CYS A 221 -16.41 2.31 21.45
C CYS A 221 -17.82 2.58 21.93
N ASP A 222 -18.75 1.72 21.53
CA ASP A 222 -19.94 1.51 22.33
C ASP A 222 -19.87 0.06 22.79
N PRO A 223 -19.99 -0.19 24.09
CA PRO A 223 -19.72 -1.54 24.60
C PRO A 223 -20.80 -2.53 24.20
N THR A 224 -20.46 -3.33 23.20
CA THR A 224 -21.36 -4.24 22.50
C THR A 224 -20.47 -5.18 21.70
N PRO A 225 -20.72 -6.48 21.72
CA PRO A 225 -19.85 -7.42 21.00
C PRO A 225 -19.86 -7.26 19.50
N GLU A 226 -20.88 -6.64 18.94
CA GLU A 226 -20.91 -6.27 17.54
C GLU A 226 -20.75 -4.77 17.33
N GLY A 227 -20.48 -4.02 18.40
CA GLY A 227 -20.08 -2.64 18.30
C GLY A 227 -18.57 -2.50 18.32
N ILE A 228 -17.88 -3.53 18.79
CA ILE A 228 -16.42 -3.55 18.70
C ILE A 228 -15.97 -3.79 17.27
N ALA A 229 -16.55 -4.79 16.61
CA ALA A 229 -16.18 -5.16 15.24
C ALA A 229 -16.55 -4.12 14.22
N THR A 230 -17.47 -3.21 14.53
CA THR A 230 -17.75 -2.10 13.63
C THR A 230 -16.75 -0.97 13.82
N ALA A 231 -16.02 -0.97 14.94
CA ALA A 231 -14.98 0.02 15.15
C ALA A 231 -13.61 -0.50 14.77
N MET A 232 -13.50 -1.73 14.29
CA MET A 232 -12.22 -2.20 13.77
C MET A 232 -12.13 -1.96 12.28
N THR A 233 -13.26 -1.79 11.60
CA THR A 233 -13.22 -1.33 10.22
C THR A 233 -13.25 0.18 10.12
N ARG A 234 -13.65 0.87 11.18
CA ARG A 234 -13.56 2.32 11.19
C ARG A 234 -12.11 2.77 11.35
N THR A 235 -11.24 1.90 11.86
CA THR A 235 -9.86 2.29 12.09
C THR A 235 -8.90 1.79 11.03
N VAL A 236 -9.35 0.90 10.15
CA VAL A 236 -8.52 0.56 8.99
C VAL A 236 -8.81 1.53 7.86
N VAL A 237 -10.06 1.95 7.73
CA VAL A 237 -10.44 2.92 6.69
C VAL A 237 -9.85 4.29 6.98
N TYR A 238 -9.97 4.75 8.23
CA TYR A 238 -9.54 6.11 8.54
C TYR A 238 -8.02 6.22 8.57
N SER A 239 -7.32 5.12 8.79
CA SER A 239 -5.87 5.16 8.75
C SER A 239 -5.36 5.19 7.31
N SER A 240 -6.00 4.43 6.43
CA SER A 240 -5.56 4.37 5.05
C SER A 240 -5.91 5.64 4.28
N LEU A 241 -6.84 6.44 4.79
CA LEU A 241 -7.12 7.71 4.14
C LEU A 241 -6.18 8.80 4.62
N CYS A 242 -5.73 8.73 5.86
CA CYS A 242 -4.81 9.74 6.37
C CYS A 242 -3.38 9.44 5.99
N VAL A 243 -3.06 8.19 5.65
CA VAL A 243 -1.75 7.87 5.11
C VAL A 243 -1.60 8.41 3.70
N LEU A 244 -2.59 8.16 2.86
CA LEU A 244 -2.53 8.63 1.48
C LEU A 244 -2.82 10.13 1.38
N GLY A 245 -3.45 10.71 2.39
CA GLY A 245 -3.74 12.13 2.37
C GLY A 245 -2.53 12.96 2.75
N PHE A 246 -1.84 12.54 3.81
CA PHE A 246 -0.61 13.18 4.24
C PHE A 246 0.59 12.75 3.39
N ASP A 247 0.40 11.82 2.47
CA ASP A 247 1.42 11.50 1.48
C ASP A 247 1.67 12.66 0.54
N PHE A 248 0.60 13.18 -0.07
CA PHE A 248 0.74 14.23 -1.08
C PHE A 248 1.23 15.53 -0.47
N VAL A 249 0.84 15.81 0.77
CA VAL A 249 1.27 17.04 1.42
C VAL A 249 2.74 16.96 1.79
N LEU A 250 3.21 15.78 2.20
CA LEU A 250 4.61 15.65 2.58
C LEU A 250 5.50 15.48 1.36
N THR A 251 4.96 14.98 0.25
CA THR A 251 5.74 14.84 -0.97
C THR A 251 5.94 16.20 -1.63
N ALA A 252 4.91 17.05 -1.60
CA ALA A 252 5.00 18.37 -2.22
C ALA A 252 5.98 19.26 -1.50
N VAL A 253 6.13 19.07 -0.19
CA VAL A 253 7.06 19.88 0.59
C VAL A 253 8.48 19.38 0.39
N MET A 254 8.68 18.07 0.51
CA MET A 254 10.03 17.51 0.50
C MET A 254 10.63 17.46 -0.89
N PHE A 255 9.81 17.18 -1.91
CA PHE A 255 10.35 17.01 -3.25
C PHE A 255 9.65 17.92 -4.25
N GLY A 256 9.50 19.19 -3.89
CA GLY A 256 8.86 20.15 -4.77
C GLY A 256 9.80 21.23 -5.27
N THR B 10 -28.94 2.74 63.86
CA THR B 10 -27.91 2.58 62.85
C THR B 10 -27.78 3.84 62.01
N GLN B 11 -26.54 4.23 61.70
CA GLN B 11 -26.31 5.45 60.95
C GLN B 11 -26.17 5.11 59.47
N SER B 12 -26.43 6.10 58.63
CA SER B 12 -26.29 5.96 57.20
C SER B 12 -24.85 6.22 56.78
N LEU B 13 -24.36 5.42 55.84
CA LEU B 13 -23.02 5.62 55.29
C LEU B 13 -23.07 6.43 54.00
N ILE B 14 -23.96 6.07 53.08
CA ILE B 14 -24.17 6.82 51.85
C ILE B 14 -25.58 7.38 51.90
N GLU B 15 -25.68 8.70 51.74
CA GLU B 15 -26.98 9.37 51.66
C GLU B 15 -27.13 10.04 50.31
N VAL B 16 -27.83 9.40 49.40
CA VAL B 16 -28.12 9.99 48.11
C VAL B 16 -29.32 10.92 48.29
N LYS B 17 -29.18 12.16 47.85
CA LYS B 17 -30.20 13.18 48.10
C LYS B 17 -30.52 13.96 46.83
N ASN B 18 -31.55 13.51 46.12
CA ASN B 18 -32.26 14.26 45.08
C ASN B 18 -31.34 14.65 43.92
N LEU B 19 -30.89 13.63 43.19
CA LEU B 19 -30.03 13.86 42.04
C LEU B 19 -30.79 13.56 40.75
N SER B 20 -30.13 13.88 39.63
CA SER B 20 -30.66 13.55 38.32
C SER B 20 -29.52 13.22 37.38
N PHE B 21 -29.72 12.23 36.51
CA PHE B 21 -28.73 11.83 35.55
C PHE B 21 -29.37 11.69 34.18
N ASN B 22 -28.86 12.42 33.21
CA ASN B 22 -29.43 12.43 31.86
C ASN B 22 -28.35 12.08 30.86
N ARG B 23 -28.49 10.94 30.20
CA ARG B 23 -27.56 10.63 29.12
C ARG B 23 -28.16 11.04 27.77
N GLY B 24 -28.61 12.29 27.69
CA GLY B 24 -28.95 12.91 26.42
C GLY B 24 -30.42 12.76 26.11
N GLU B 25 -31.22 13.78 26.47
CA GLU B 25 -32.69 13.78 26.49
C GLU B 25 -33.30 12.44 26.90
N ARG B 26 -32.81 11.88 28.00
CA ARG B 26 -33.35 10.64 28.54
C ARG B 26 -33.26 10.73 30.05
N VAL B 27 -34.36 10.43 30.74
CA VAL B 27 -34.39 10.60 32.18
C VAL B 27 -34.05 9.29 32.87
N ILE B 28 -33.00 9.31 33.67
CA ILE B 28 -32.70 8.25 34.62
C ILE B 28 -32.62 8.94 35.97
N TYR B 29 -33.43 8.46 36.93
CA TYR B 29 -33.47 8.98 38.29
C TYR B 29 -33.79 10.46 38.36
N ASP B 30 -35.04 10.82 38.06
CA ASP B 30 -35.48 12.21 38.06
C ASP B 30 -35.23 12.76 39.45
N ASN B 31 -35.93 12.21 40.43
CA ASN B 31 -35.75 12.63 41.81
C ASN B 31 -35.87 11.41 42.70
N ILE B 32 -34.83 11.16 43.49
CA ILE B 32 -34.71 9.93 44.26
C ILE B 32 -33.77 10.17 45.44
N SER B 33 -34.14 9.63 46.60
CA SER B 33 -33.34 9.75 47.81
C SER B 33 -33.18 8.38 48.44
N LEU B 34 -31.94 7.96 48.66
CA LEU B 34 -31.65 6.64 49.20
C LEU B 34 -30.89 6.76 50.51
N ASN B 35 -30.94 5.71 51.31
CA ASN B 35 -30.22 5.62 52.56
C ASN B 35 -29.53 4.26 52.62
N ILE B 36 -28.22 4.28 52.85
CA ILE B 36 -27.45 3.05 53.00
C ILE B 36 -27.03 2.96 54.45
N ARG B 37 -27.74 2.18 55.24
CA ARG B 37 -27.45 2.04 56.65
C ARG B 37 -26.25 1.14 56.86
N ARG B 38 -25.48 1.43 57.90
CA ARG B 38 -24.20 0.78 58.13
C ARG B 38 -24.41 -0.64 58.62
N GLY B 39 -23.59 -1.55 58.12
CA GLY B 39 -23.63 -2.94 58.54
C GLY B 39 -24.85 -3.71 58.11
N GLN B 40 -25.55 -3.25 57.08
CA GLN B 40 -26.85 -3.80 56.75
C GLN B 40 -26.96 -4.01 55.24
N ILE B 41 -27.44 -5.18 54.85
CA ILE B 41 -27.51 -5.55 53.44
C ILE B 41 -28.68 -4.84 52.79
N THR B 42 -28.39 -3.99 51.81
CA THR B 42 -29.39 -3.16 51.15
C THR B 42 -29.50 -3.59 49.70
N ALA B 43 -30.67 -4.03 49.28
CA ALA B 43 -30.85 -4.49 47.91
C ALA B 43 -31.55 -3.43 47.07
N ILE B 44 -31.24 -3.43 45.77
CA ILE B 44 -31.86 -2.54 44.80
C ILE B 44 -32.35 -3.41 43.66
N MET B 45 -33.66 -3.47 43.46
CA MET B 45 -34.26 -4.28 42.41
C MET B 45 -35.04 -3.41 41.43
N GLY B 46 -35.39 -3.98 40.29
CA GLY B 46 -36.17 -3.28 39.29
C GLY B 46 -36.13 -3.96 37.95
N PRO B 47 -36.83 -3.40 36.96
CA PRO B 47 -36.82 -3.97 35.62
C PRO B 47 -35.54 -3.64 34.89
N SER B 48 -35.16 -4.55 33.98
CA SER B 48 -33.91 -4.44 33.26
C SER B 48 -34.00 -3.34 32.22
N GLY B 49 -32.94 -2.56 32.09
CA GLY B 49 -32.93 -1.47 31.14
C GLY B 49 -32.85 -0.13 31.84
N THR B 50 -33.30 -0.09 33.09
CA THR B 50 -33.21 1.13 33.87
C THR B 50 -31.80 1.28 34.39
N GLY B 51 -31.46 2.43 34.97
CA GLY B 51 -30.09 2.65 35.37
C GLY B 51 -29.67 2.00 36.67
N LYS B 52 -29.82 0.68 36.81
CA LYS B 52 -29.49 0.01 38.06
C LYS B 52 -27.99 0.00 38.30
N THR B 53 -27.21 -0.45 37.32
CA THR B 53 -25.76 -0.49 37.51
C THR B 53 -25.11 0.86 37.23
N THR B 54 -25.87 1.85 36.78
CA THR B 54 -25.37 3.21 36.81
C THR B 54 -25.57 3.85 38.17
N LEU B 55 -26.47 3.31 39.00
CA LEU B 55 -26.60 3.81 40.35
C LEU B 55 -25.40 3.43 41.19
N LEU B 56 -24.83 2.26 40.95
CA LEU B 56 -23.62 1.90 41.66
C LEU B 56 -22.42 2.72 41.21
N ARG B 57 -22.42 3.20 39.96
CA ARG B 57 -21.35 4.05 39.52
C ARG B 57 -21.50 5.48 40.02
N LEU B 58 -22.73 5.93 40.27
CA LEU B 58 -22.94 7.23 40.88
C LEU B 58 -22.68 7.21 42.37
N ILE B 59 -22.95 6.09 43.03
CA ILE B 59 -22.54 5.94 44.42
C ILE B 59 -21.03 5.85 44.53
N GLY B 60 -20.41 5.07 43.65
CA GLY B 60 -18.97 4.89 43.71
C GLY B 60 -18.19 6.09 43.21
N GLY B 61 -18.86 7.04 42.58
CA GLY B 61 -18.19 8.24 42.14
C GLY B 61 -17.31 8.03 40.92
N GLN B 62 -17.88 7.54 39.83
CA GLN B 62 -17.20 7.53 38.55
C GLN B 62 -17.93 8.37 37.54
N LEU B 63 -19.25 8.23 37.46
CA LEU B 63 -20.05 9.16 36.70
C LEU B 63 -20.51 10.28 37.63
N VAL B 64 -20.85 11.41 37.05
CA VAL B 64 -21.11 12.64 37.78
C VAL B 64 -22.62 12.87 37.84
N PRO B 65 -23.16 13.30 38.98
CA PRO B 65 -24.57 13.69 39.01
C PRO B 65 -24.77 15.03 38.33
N ASP B 66 -26.03 15.42 38.13
CA ASP B 66 -26.29 16.69 37.49
C ASP B 66 -27.09 17.65 38.35
N GLN B 67 -27.89 17.15 39.30
CA GLN B 67 -28.69 18.05 40.12
C GLN B 67 -28.74 17.62 41.57
N GLY B 68 -27.71 16.94 42.05
CA GLY B 68 -27.76 16.42 43.40
C GLY B 68 -26.37 16.22 43.97
N GLU B 69 -26.33 15.44 45.05
CA GLU B 69 -25.09 15.22 45.79
C GLU B 69 -25.02 13.78 46.23
N VAL B 70 -23.80 13.30 46.45
CA VAL B 70 -23.56 11.98 47.03
C VAL B 70 -22.82 12.17 48.34
N LEU B 71 -23.44 11.78 49.44
CA LEU B 71 -22.98 12.10 50.78
C LEU B 71 -22.27 10.91 51.39
N LEU B 72 -20.95 11.01 51.55
CA LEU B 72 -20.17 10.01 52.28
C LEU B 72 -19.69 10.67 53.58
N ASP B 73 -20.55 10.61 54.60
CA ASP B 73 -20.28 11.11 55.96
C ASP B 73 -19.88 12.58 55.96
N GLY B 74 -20.78 13.44 55.51
CA GLY B 74 -20.55 14.85 55.44
C GLY B 74 -20.00 15.31 54.11
N LYS B 75 -19.01 14.59 53.59
CA LYS B 75 -18.30 15.04 52.40
C LYS B 75 -19.05 14.65 51.14
N ASP B 76 -19.16 15.58 50.20
CA ASP B 76 -19.59 15.27 48.85
C ASP B 76 -18.48 14.50 48.14
N ILE B 77 -18.86 13.67 47.17
CA ILE B 77 -17.87 12.94 46.39
C ILE B 77 -17.18 13.86 45.39
N ALA B 78 -17.96 14.69 44.68
CA ALA B 78 -17.38 15.51 43.62
C ALA B 78 -16.57 16.69 44.16
N GLN B 79 -16.76 17.05 45.42
CA GLN B 79 -16.06 18.20 46.00
C GLN B 79 -14.73 17.78 46.62
N MET B 80 -14.44 16.49 46.59
CA MET B 80 -13.19 15.98 47.12
C MET B 80 -12.05 16.36 46.18
N SER B 81 -10.85 16.52 46.74
CA SER B 81 -9.67 16.76 45.93
C SER B 81 -9.19 15.45 45.31
N ARG B 82 -8.14 15.54 44.50
CA ARG B 82 -7.61 14.34 43.88
C ARG B 82 -6.80 13.48 44.85
N GLN B 83 -6.51 14.00 46.05
CA GLN B 83 -5.83 13.22 47.07
C GLN B 83 -6.74 12.78 48.20
N GLU B 84 -8.00 13.21 48.20
CA GLU B 84 -9.01 12.64 49.09
C GLU B 84 -9.89 11.64 48.38
N LEU B 85 -10.22 11.90 47.11
CA LEU B 85 -10.97 10.95 46.31
C LEU B 85 -10.17 9.68 46.06
N PHE B 86 -8.85 9.81 45.95
CA PHE B 86 -8.01 8.62 45.91
C PHE B 86 -7.94 7.92 47.25
N ALA B 87 -8.19 8.66 48.34
CA ALA B 87 -8.26 8.04 49.65
C ALA B 87 -9.64 7.50 49.97
N ALA B 88 -10.70 8.10 49.43
CA ALA B 88 -12.04 7.59 49.68
C ALA B 88 -12.33 6.33 48.89
N ARG B 89 -11.67 6.16 47.73
CA ARG B 89 -11.83 4.96 46.94
C ARG B 89 -11.07 3.78 47.51
N ALA B 90 -10.28 3.98 48.55
CA ALA B 90 -9.71 2.88 49.32
C ALA B 90 -10.70 2.28 50.30
N ARG B 91 -11.89 2.89 50.42
CA ARG B 91 -12.93 2.42 51.31
C ARG B 91 -14.11 1.86 50.54
N MET B 92 -13.90 1.39 49.31
CA MET B 92 -14.97 0.91 48.46
C MET B 92 -14.51 -0.31 47.67
N GLY B 93 -15.42 -1.24 47.48
CA GLY B 93 -15.19 -2.37 46.62
C GLY B 93 -16.30 -2.48 45.61
N MET B 94 -16.08 -3.30 44.59
CA MET B 94 -17.02 -3.41 43.49
C MET B 94 -16.81 -4.72 42.77
N LEU B 95 -17.81 -5.60 42.84
CA LEU B 95 -17.81 -6.85 42.08
C LEU B 95 -18.76 -6.66 40.92
N PHE B 96 -18.23 -6.69 39.70
CA PHE B 96 -19.04 -6.27 38.57
C PHE B 96 -19.90 -7.39 38.04
N GLN B 97 -20.55 -7.13 36.91
CA GLN B 97 -21.54 -8.02 36.32
C GLN B 97 -20.91 -9.30 35.83
N SER B 98 -19.76 -9.19 35.17
CA SER B 98 -19.17 -10.36 34.53
C SER B 98 -17.88 -10.80 35.21
N GLY B 99 -17.56 -10.24 36.37
CA GLY B 99 -16.30 -10.53 36.99
C GLY B 99 -15.17 -9.95 36.20
N ALA B 100 -15.03 -8.62 36.21
CA ALA B 100 -14.13 -7.94 35.30
C ALA B 100 -12.67 -8.13 35.68
N LEU B 101 -12.13 -9.32 35.42
CA LEU B 101 -10.73 -9.58 35.72
C LEU B 101 -9.83 -8.99 34.65
N PHE B 102 -8.56 -8.82 34.99
CA PHE B 102 -7.57 -8.32 34.05
C PHE B 102 -6.88 -9.48 33.35
N THR B 103 -7.34 -9.84 32.16
CA THR B 103 -6.93 -11.07 31.49
C THR B 103 -5.47 -11.12 31.07
N ASP B 104 -4.80 -9.97 31.02
CA ASP B 104 -3.43 -9.90 30.55
C ASP B 104 -2.43 -10.10 31.68
N MET B 105 -2.91 -10.46 32.88
CA MET B 105 -2.03 -10.65 34.01
C MET B 105 -2.61 -11.72 34.92
N SER B 106 -1.74 -12.32 35.74
CA SER B 106 -2.05 -13.53 36.49
C SER B 106 -3.04 -13.30 37.62
N VAL B 107 -3.37 -14.37 38.33
CA VAL B 107 -4.30 -14.30 39.45
C VAL B 107 -3.65 -13.57 40.63
N TYR B 108 -2.38 -13.86 40.89
CA TYR B 108 -1.66 -13.18 41.97
C TYR B 108 -1.48 -11.69 41.66
N GLU B 109 -1.38 -11.34 40.39
CA GLU B 109 -1.30 -9.94 40.03
C GLU B 109 -2.65 -9.25 40.06
N ASN B 110 -3.75 -10.01 39.95
CA ASN B 110 -5.06 -9.39 40.05
C ASN B 110 -5.36 -8.97 41.48
N VAL B 111 -5.10 -9.85 42.43
CA VAL B 111 -5.43 -9.58 43.83
C VAL B 111 -4.49 -8.55 44.41
N ALA B 112 -3.23 -8.53 43.98
CA ALA B 112 -2.27 -7.57 44.48
C ALA B 112 -2.38 -6.22 43.80
N PHE B 113 -3.25 -6.08 42.80
CA PHE B 113 -3.37 -4.80 42.11
C PHE B 113 -3.97 -3.68 42.96
N PRO B 114 -4.99 -3.88 43.81
CA PRO B 114 -5.37 -2.77 44.71
C PRO B 114 -4.39 -2.51 45.83
N ILE B 115 -3.53 -3.46 46.17
CA ILE B 115 -2.56 -3.21 47.24
C ILE B 115 -1.40 -2.39 46.71
N ARG B 116 -0.89 -2.74 45.53
CA ARG B 116 0.23 -2.03 44.95
C ARG B 116 -0.15 -0.67 44.41
N ALA B 117 -1.44 -0.42 44.17
CA ALA B 117 -1.83 0.89 43.66
C ALA B 117 -1.94 1.91 44.79
N HIS B 118 -2.27 1.45 45.99
CA HIS B 118 -2.49 2.36 47.11
C HIS B 118 -1.35 2.36 48.10
N THR B 119 -0.89 1.19 48.55
CA THR B 119 0.02 1.11 49.67
C THR B 119 1.38 0.60 49.23
N LYS B 120 2.40 0.89 50.03
CA LYS B 120 3.79 0.64 49.64
C LYS B 120 4.36 -0.38 50.60
N LEU B 121 4.30 -1.66 50.23
CA LEU B 121 4.77 -2.72 51.10
C LEU B 121 5.77 -3.59 50.37
N SER B 122 6.50 -4.40 51.13
CA SER B 122 7.47 -5.32 50.55
C SER B 122 6.76 -6.53 49.98
N GLU B 123 7.50 -7.35 49.25
CA GLU B 123 6.92 -8.50 48.59
C GLU B 123 6.58 -9.63 49.54
N ASN B 124 7.27 -9.73 50.67
CA ASN B 124 6.99 -10.83 51.60
C ASN B 124 5.74 -10.57 52.42
N LEU B 125 5.22 -9.34 52.42
CA LEU B 125 3.95 -9.05 53.05
C LEU B 125 2.80 -9.01 52.06
N ILE B 126 3.05 -8.59 50.82
CA ILE B 126 2.01 -8.61 49.80
C ILE B 126 1.66 -10.05 49.44
N ALA B 127 2.67 -10.89 49.25
CA ALA B 127 2.43 -12.28 48.91
C ALA B 127 1.87 -13.09 50.07
N GLU B 128 1.89 -12.57 51.28
CA GLU B 128 1.13 -13.15 52.38
C GLU B 128 -0.31 -12.68 52.38
N LEU B 129 -0.54 -11.40 52.06
CA LEU B 129 -1.89 -10.86 52.10
C LEU B 129 -2.75 -11.42 50.98
N VAL B 130 -2.16 -11.65 49.81
CA VAL B 130 -2.87 -12.32 48.73
C VAL B 130 -3.15 -13.78 49.10
N ALA B 131 -2.24 -14.41 49.84
CA ALA B 131 -2.48 -15.78 50.25
C ALA B 131 -3.51 -15.87 51.38
N LEU B 132 -3.82 -14.74 52.03
CA LEU B 132 -4.90 -14.74 52.99
C LEU B 132 -6.23 -14.33 52.35
N LYS B 133 -6.18 -13.50 51.31
CA LYS B 133 -7.42 -13.13 50.62
C LYS B 133 -7.94 -14.28 49.77
N LEU B 134 -7.04 -14.94 49.04
CA LEU B 134 -7.46 -16.08 48.22
C LEU B 134 -7.80 -17.30 49.06
N GLU B 135 -7.41 -17.30 50.33
CA GLU B 135 -7.82 -18.38 51.22
C GLU B 135 -9.24 -18.17 51.73
N SER B 136 -9.60 -16.93 52.07
CA SER B 136 -10.91 -16.64 52.64
C SER B 136 -12.03 -16.84 51.63
N VAL B 137 -11.71 -16.73 50.34
CA VAL B 137 -12.65 -17.12 49.30
C VAL B 137 -12.66 -18.63 49.12
N GLY B 138 -11.48 -19.25 49.19
CA GLY B 138 -11.38 -20.69 49.05
C GLY B 138 -10.68 -21.10 47.78
N LEU B 139 -9.69 -20.31 47.36
CA LEU B 139 -8.96 -20.58 46.13
C LEU B 139 -7.46 -20.42 46.34
N ARG B 140 -6.94 -21.00 47.42
CA ARG B 140 -5.55 -20.75 47.83
C ARG B 140 -4.52 -21.38 46.90
N GLY B 141 -4.86 -22.49 46.25
CA GLY B 141 -3.87 -23.21 45.47
C GLY B 141 -3.59 -22.57 44.13
N THR B 142 -4.51 -21.73 43.65
CA THR B 142 -4.35 -21.07 42.37
C THR B 142 -3.80 -19.66 42.56
N GLU B 143 -2.51 -19.50 42.33
CA GLU B 143 -1.90 -18.18 42.43
C GLU B 143 -0.97 -17.92 41.25
N GLN B 144 -0.93 -18.80 40.26
CA GLN B 144 0.04 -18.60 39.19
C GLN B 144 -0.55 -18.66 37.79
N LEU B 145 -1.78 -19.10 37.61
CA LEU B 145 -2.33 -19.28 36.29
C LEU B 145 -3.15 -18.06 35.87
N MET B 146 -3.27 -17.88 34.57
CA MET B 146 -3.96 -16.74 33.99
C MET B 146 -5.47 -16.95 34.11
N PRO B 147 -6.26 -15.87 34.01
CA PRO B 147 -7.72 -16.07 34.12
C PRO B 147 -8.41 -16.52 32.83
N THR B 148 -7.74 -17.42 32.12
CA THR B 148 -8.37 -18.37 31.20
C THR B 148 -7.71 -19.69 31.57
N GLU B 149 -8.49 -20.78 31.51
CA GLU B 149 -8.42 -22.09 32.17
C GLU B 149 -8.99 -21.99 33.58
N LEU B 150 -9.49 -20.82 33.94
CA LEU B 150 -10.32 -20.65 35.11
C LEU B 150 -11.76 -20.89 34.71
N SER B 151 -12.45 -21.72 35.47
CA SER B 151 -13.85 -22.03 35.22
C SER B 151 -14.72 -20.82 35.57
N GLY B 152 -15.95 -20.82 35.07
CA GLY B 152 -16.85 -19.71 35.31
C GLY B 152 -17.27 -19.55 36.75
N GLY B 153 -17.24 -20.66 37.50
CA GLY B 153 -17.52 -20.59 38.92
C GLY B 153 -16.39 -20.02 39.74
N MET B 154 -15.15 -20.17 39.27
CA MET B 154 -13.99 -19.60 39.94
C MET B 154 -13.65 -18.22 39.42
N ASN B 155 -14.28 -17.78 38.34
CA ASN B 155 -14.00 -16.45 37.81
C ASN B 155 -14.54 -15.36 38.71
N ARG B 156 -15.79 -15.50 39.15
CA ARG B 156 -16.39 -14.51 40.03
C ARG B 156 -15.82 -14.56 41.45
N ARG B 157 -15.31 -15.71 41.87
CA ARG B 157 -14.75 -15.82 43.21
C ARG B 157 -13.40 -15.14 43.33
N VAL B 158 -12.61 -15.12 42.25
CA VAL B 158 -11.37 -14.36 42.26
C VAL B 158 -11.65 -12.87 42.31
N ALA B 159 -12.60 -12.41 41.49
CA ALA B 159 -12.96 -11.01 41.46
C ALA B 159 -13.65 -10.54 42.74
N LEU B 160 -14.14 -11.46 43.56
CA LEU B 160 -14.55 -11.09 44.90
C LEU B 160 -13.36 -10.86 45.81
N ALA B 161 -12.29 -11.65 45.62
CA ALA B 161 -11.10 -11.48 46.45
C ALA B 161 -10.35 -10.20 46.10
N ARG B 162 -10.44 -9.75 44.84
CA ARG B 162 -9.79 -8.51 44.47
C ARG B 162 -10.51 -7.31 45.05
N ALA B 163 -11.84 -7.34 45.06
CA ALA B 163 -12.62 -6.23 45.57
C ALA B 163 -12.60 -6.13 47.09
N ILE B 164 -12.12 -7.17 47.78
CA ILE B 164 -12.14 -7.22 49.23
C ILE B 164 -10.73 -7.11 49.80
N ALA B 165 -9.74 -6.92 48.93
CA ALA B 165 -8.33 -7.04 49.30
C ALA B 165 -7.80 -5.82 50.03
N LEU B 166 -8.64 -4.87 50.39
CA LEU B 166 -8.20 -3.74 51.20
C LEU B 166 -8.98 -3.58 52.49
N ASP B 167 -9.92 -4.48 52.78
CA ASP B 167 -10.93 -4.40 53.83
C ASP B 167 -11.69 -3.08 53.77
N PRO B 168 -12.59 -2.91 52.81
CA PRO B 168 -13.37 -1.68 52.78
C PRO B 168 -14.57 -1.74 53.71
N ASP B 169 -15.43 -0.74 53.66
CA ASP B 169 -16.66 -0.78 54.43
C ASP B 169 -17.84 -0.63 53.48
N LEU B 170 -17.61 -0.87 52.20
CA LEU B 170 -18.67 -0.76 51.21
C LEU B 170 -18.29 -1.62 50.02
N ILE B 171 -18.94 -2.76 49.87
CA ILE B 171 -18.71 -3.64 48.73
C ILE B 171 -20.04 -3.84 48.01
N MET B 172 -20.07 -3.51 46.73
CA MET B 172 -21.31 -3.46 45.97
C MET B 172 -21.32 -4.59 44.94
N TYR B 173 -22.01 -5.67 45.25
CA TYR B 173 -22.18 -6.75 44.29
C TYR B 173 -23.15 -6.31 43.22
N ASP B 174 -22.91 -6.73 41.99
CA ASP B 174 -23.73 -6.38 40.86
C ASP B 174 -24.16 -7.64 40.12
N GLU B 175 -25.33 -8.16 40.48
CA GLU B 175 -25.91 -9.43 40.03
C GLU B 175 -24.91 -10.56 40.23
N PRO B 176 -24.65 -10.99 41.47
CA PRO B 176 -23.62 -12.00 41.68
C PRO B 176 -24.00 -13.39 41.20
N PHE B 177 -25.28 -13.67 41.01
CA PHE B 177 -25.70 -14.91 40.39
C PHE B 177 -26.65 -14.70 39.22
N ALA B 178 -26.11 -14.40 38.04
CA ALA B 178 -26.91 -14.15 36.86
C ALA B 178 -26.73 -15.32 35.90
N GLY B 179 -27.61 -16.30 35.99
CA GLY B 179 -27.52 -17.47 35.15
C GLY B 179 -26.38 -18.37 35.55
N GLN B 180 -26.40 -18.84 36.79
CA GLN B 180 -25.38 -19.75 37.29
C GLN B 180 -26.06 -21.00 37.81
N ASP B 181 -25.28 -22.06 37.98
CA ASP B 181 -25.73 -23.34 38.51
C ASP B 181 -26.24 -23.17 39.94
N PRO B 182 -27.14 -24.03 40.42
CA PRO B 182 -27.57 -23.93 41.81
C PRO B 182 -26.49 -24.30 42.82
N ILE B 183 -25.41 -24.96 42.39
CA ILE B 183 -24.27 -25.16 43.27
C ILE B 183 -23.45 -23.88 43.40
N VAL B 184 -23.14 -23.26 42.27
CA VAL B 184 -22.33 -22.04 42.28
C VAL B 184 -23.14 -20.88 42.83
N LYS B 185 -24.45 -20.88 42.64
CA LYS B 185 -25.30 -19.93 43.35
C LYS B 185 -25.32 -20.22 44.84
N GLY B 186 -25.20 -21.48 45.23
CA GLY B 186 -25.21 -21.81 46.64
C GLY B 186 -23.92 -21.48 47.35
N VAL B 187 -22.80 -21.49 46.63
CA VAL B 187 -21.53 -21.10 47.23
C VAL B 187 -21.50 -19.59 47.44
N LEU B 188 -21.92 -18.83 46.42
CA LEU B 188 -21.82 -17.39 46.47
C LEU B 188 -22.81 -16.76 47.45
N THR B 189 -23.91 -17.43 47.74
CA THR B 189 -24.87 -16.83 48.67
C THR B 189 -24.42 -17.02 50.11
N ARG B 190 -23.44 -17.88 50.35
CA ARG B 190 -22.89 -18.01 51.68
C ARG B 190 -21.73 -17.05 51.91
N LEU B 191 -20.96 -16.77 50.87
CA LEU B 191 -19.85 -15.84 51.02
C LEU B 191 -20.32 -14.40 51.16
N ILE B 192 -21.50 -14.06 50.64
CA ILE B 192 -22.07 -12.75 50.90
C ILE B 192 -22.50 -12.65 52.35
N ARG B 193 -23.01 -13.75 52.91
CA ARG B 193 -23.39 -13.75 54.32
C ARG B 193 -22.18 -13.79 55.24
N SER B 194 -21.22 -14.66 54.93
CA SER B 194 -20.07 -14.89 55.80
C SER B 194 -19.10 -13.71 55.85
N LEU B 195 -18.69 -13.21 54.69
CA LEU B 195 -17.65 -12.19 54.65
C LEU B 195 -18.15 -10.84 55.14
N ARG B 196 -19.45 -10.60 55.02
CA ARG B 196 -20.04 -9.40 55.59
C ARG B 196 -20.00 -9.45 57.10
N GLU B 197 -20.31 -10.62 57.65
CA GLU B 197 -20.56 -10.72 59.07
C GLU B 197 -19.26 -10.75 59.86
N ALA B 198 -18.18 -11.22 59.22
CA ALA B 198 -16.89 -11.31 59.88
C ALA B 198 -16.00 -10.08 59.68
N LEU B 199 -16.39 -9.17 58.78
CA LEU B 199 -15.53 -8.02 58.46
C LEU B 199 -16.21 -6.68 58.67
N ASP B 200 -17.46 -6.68 59.14
CA ASP B 200 -18.28 -5.46 59.34
C ASP B 200 -18.42 -4.66 58.04
N LEU B 201 -18.84 -5.34 56.97
CA LEU B 201 -19.02 -4.65 55.70
C LEU B 201 -20.38 -3.99 55.64
N THR B 202 -20.71 -3.44 54.47
CA THR B 202 -22.02 -2.86 54.21
C THR B 202 -22.30 -3.09 52.73
N THR B 203 -23.07 -4.12 52.44
CA THR B 203 -23.19 -4.59 51.08
C THR B 203 -24.35 -3.94 50.36
N ILE B 204 -24.25 -3.90 49.04
CA ILE B 204 -25.35 -3.49 48.16
C ILE B 204 -25.47 -4.55 47.07
N ILE B 205 -26.63 -5.19 46.99
CA ILE B 205 -26.87 -6.21 45.98
C ILE B 205 -27.88 -5.67 44.98
N VAL B 206 -27.45 -5.48 43.75
CA VAL B 206 -28.35 -5.17 42.65
C VAL B 206 -28.61 -6.51 42.00
N SER B 207 -29.89 -6.86 41.82
CA SER B 207 -30.27 -8.15 41.29
C SER B 207 -31.75 -8.11 40.94
N HIS B 208 -32.20 -9.09 40.16
CA HIS B 208 -33.62 -9.36 40.03
C HIS B 208 -33.80 -10.86 40.19
N ASP B 209 -33.91 -11.29 41.45
CA ASP B 209 -34.21 -12.66 41.79
C ASP B 209 -34.91 -12.66 43.13
N VAL B 210 -36.24 -12.61 43.11
CA VAL B 210 -37.11 -12.45 44.27
C VAL B 210 -36.92 -13.47 45.39
N PRO B 211 -36.69 -14.81 45.15
CA PRO B 211 -36.49 -15.72 46.29
C PRO B 211 -35.31 -15.42 47.22
N GLU B 212 -34.09 -15.26 46.69
CA GLU B 212 -32.97 -14.94 47.57
C GLU B 212 -32.98 -13.50 48.04
N THR B 213 -33.46 -12.58 47.21
CA THR B 213 -33.34 -11.16 47.55
C THR B 213 -34.31 -10.78 48.66
N LEU B 214 -35.40 -11.53 48.80
CA LEU B 214 -36.24 -11.33 49.98
C LEU B 214 -35.66 -12.01 51.20
N SER B 215 -34.74 -12.95 51.03
CA SER B 215 -34.21 -13.71 52.16
C SER B 215 -32.73 -13.46 52.41
N ILE B 216 -32.13 -12.46 51.78
CA ILE B 216 -30.74 -12.11 52.06
C ILE B 216 -30.59 -10.63 52.36
N ALA B 217 -31.61 -9.84 52.08
CA ALA B 217 -31.51 -8.40 52.26
C ALA B 217 -32.26 -8.00 53.52
N ASP B 218 -32.03 -6.77 53.96
CA ASP B 218 -32.71 -6.26 55.14
C ASP B 218 -33.41 -4.95 54.86
N TYR B 219 -33.21 -4.39 53.66
CA TYR B 219 -33.89 -3.16 53.26
C TYR B 219 -33.83 -3.11 51.74
N ILE B 220 -34.99 -3.11 51.09
CA ILE B 220 -35.08 -3.28 49.65
C ILE B 220 -35.66 -2.03 49.02
N TYR B 221 -34.94 -1.44 48.08
CA TYR B 221 -35.45 -0.37 47.23
C TYR B 221 -35.84 -0.97 45.89
N VAL B 222 -36.99 -0.54 45.37
CA VAL B 222 -37.47 -0.97 44.06
C VAL B 222 -37.67 0.27 43.21
N VAL B 223 -36.82 0.45 42.20
CA VAL B 223 -36.87 1.61 41.33
C VAL B 223 -37.36 1.10 39.97
N ALA B 224 -38.26 1.87 39.34
CA ALA B 224 -38.91 1.38 38.13
C ALA B 224 -38.66 2.23 36.90
N GLU B 225 -38.85 3.54 36.97
CA GLU B 225 -38.62 4.38 35.79
C GLU B 225 -37.94 5.70 36.14
N GLY B 226 -37.45 5.84 37.36
CA GLY B 226 -36.84 7.07 37.77
C GLY B 226 -37.21 7.49 39.17
N LYS B 227 -38.00 6.69 39.87
CA LYS B 227 -38.36 6.99 41.24
C LYS B 227 -38.55 5.68 41.98
N ILE B 228 -38.79 5.78 43.28
CA ILE B 228 -38.96 4.61 44.12
C ILE B 228 -40.41 4.16 44.04
N GLN B 229 -40.63 2.88 43.77
CA GLN B 229 -41.96 2.29 43.85
C GLN B 229 -42.29 1.76 45.23
N GLY B 230 -41.30 1.58 46.09
CA GLY B 230 -41.53 1.02 47.40
C GLY B 230 -40.26 0.71 48.15
N GLU B 231 -40.29 0.76 49.47
CA GLU B 231 -39.09 0.53 50.25
C GLU B 231 -39.48 -0.02 51.60
N GLY B 232 -38.47 -0.53 52.31
CA GLY B 232 -38.72 -1.03 53.63
C GLY B 232 -38.17 -2.43 53.82
N THR B 233 -38.27 -2.91 55.06
CA THR B 233 -37.90 -4.27 55.42
C THR B 233 -38.80 -5.24 54.67
N PRO B 234 -38.33 -6.45 54.35
CA PRO B 234 -39.14 -7.35 53.52
C PRO B 234 -40.43 -7.87 54.17
N GLU B 235 -40.74 -7.49 55.41
CA GLU B 235 -42.07 -7.76 55.94
C GLU B 235 -43.07 -6.78 55.34
N GLU B 236 -42.83 -5.49 55.55
CA GLU B 236 -43.72 -4.42 55.14
C GLU B 236 -43.61 -4.08 53.66
N LEU B 237 -42.66 -4.65 52.94
CA LEU B 237 -42.64 -4.45 51.50
C LEU B 237 -43.79 -5.18 50.85
N GLN B 238 -44.09 -6.39 51.32
CA GLN B 238 -45.21 -7.16 50.80
C GLN B 238 -46.52 -6.78 51.49
N ALA B 239 -46.46 -6.09 52.63
CA ALA B 239 -47.67 -5.65 53.31
C ALA B 239 -48.14 -4.28 52.82
N TYR B 240 -47.21 -3.43 52.39
CA TYR B 240 -47.53 -2.13 51.81
C TYR B 240 -47.42 -2.18 50.29
N ALA B 241 -47.87 -3.27 49.71
CA ALA B 241 -47.65 -3.58 48.29
C ALA B 241 -48.38 -2.59 47.40
N SER B 242 -47.61 -1.69 46.79
CA SER B 242 -48.04 -0.79 45.73
C SER B 242 -48.44 -1.62 44.52
N PRO B 243 -49.31 -1.14 43.63
CA PRO B 243 -49.73 -1.97 42.48
C PRO B 243 -48.64 -2.27 41.47
N PHE B 244 -47.49 -1.62 41.55
CA PHE B 244 -46.37 -2.04 40.72
C PHE B 244 -45.44 -3.00 41.45
N VAL B 245 -45.25 -2.83 42.74
CA VAL B 245 -44.41 -3.75 43.50
C VAL B 245 -45.09 -5.11 43.66
N LYS B 246 -46.42 -5.12 43.76
CA LYS B 246 -47.15 -6.36 43.94
C LYS B 246 -47.08 -7.23 42.70
N GLN B 247 -47.05 -6.61 41.53
CA GLN B 247 -46.85 -7.35 40.30
C GLN B 247 -45.40 -7.76 40.11
N PHE B 248 -44.48 -6.97 40.64
CA PHE B 248 -43.06 -7.26 40.44
C PHE B 248 -42.62 -8.46 41.27
N LEU B 249 -42.98 -8.48 42.56
CA LEU B 249 -42.53 -9.55 43.44
C LEU B 249 -43.23 -10.88 43.16
N THR B 250 -44.38 -10.85 42.50
CA THR B 250 -45.12 -12.08 42.22
C THR B 250 -45.04 -12.53 40.78
N GLY B 251 -44.82 -11.61 39.84
CA GLY B 251 -44.84 -11.98 38.44
C GLY B 251 -46.24 -12.23 37.93
N SER B 252 -47.16 -11.33 38.22
CA SER B 252 -48.56 -11.53 37.87
C SER B 252 -48.86 -10.85 36.53
N ALA B 253 -50.08 -11.09 36.05
CA ALA B 253 -50.51 -10.56 34.77
C ALA B 253 -51.46 -9.37 34.91
N GLU B 254 -51.57 -8.80 36.10
CA GLU B 254 -52.41 -7.64 36.34
C GLU B 254 -51.60 -6.56 37.02
N GLY B 255 -51.71 -5.33 36.50
CA GLY B 255 -50.98 -4.21 37.04
C GLY B 255 -50.74 -3.14 35.99
N PRO B 256 -49.77 -2.27 36.22
CA PRO B 256 -49.51 -1.18 35.28
C PRO B 256 -48.65 -1.54 34.08
N VAL B 257 -47.98 -2.69 34.09
CA VAL B 257 -47.22 -3.15 32.94
C VAL B 257 -48.02 -4.27 32.28
N GLU B 258 -48.14 -4.22 30.96
CA GLU B 258 -49.18 -4.93 30.24
C GLU B 258 -48.64 -6.18 29.56
N TYR B 259 -49.55 -7.05 29.14
CA TYR B 259 -49.24 -8.23 28.36
C TYR B 259 -49.22 -7.90 26.87
N GLN B 260 -50.34 -7.41 26.35
CA GLN B 260 -50.51 -7.17 24.93
C GLN B 260 -49.66 -5.99 24.49
N PHE B 261 -49.36 -5.94 23.19
CA PHE B 261 -48.67 -4.77 22.65
C PHE B 261 -49.64 -3.64 22.36
N SER B 262 -50.61 -3.89 21.48
CA SER B 262 -51.61 -2.91 21.12
C SER B 262 -53.00 -3.47 21.35
N HIS B 263 -53.94 -2.60 21.69
CA HIS B 263 -55.32 -3.01 21.94
C HIS B 263 -56.26 -2.50 20.85
N GLN B 264 -55.91 -2.80 19.61
CA GLN B 264 -56.72 -2.37 18.47
C GLN B 264 -57.64 -3.51 18.02
N ALA B 265 -58.41 -4.04 18.96
CA ALA B 265 -59.33 -5.13 18.67
C ALA B 265 -58.62 -6.22 17.88
N TYR B 266 -58.64 -6.08 16.56
CA TYR B 266 -57.99 -7.03 15.65
C TYR B 266 -58.53 -6.83 14.25
N LEU B 267 -59.84 -7.03 14.10
CA LEU B 267 -60.49 -6.87 12.81
C LEU B 267 -60.34 -5.44 12.31
N ASP B 268 -59.67 -4.60 13.09
CA ASP B 268 -59.46 -3.21 12.69
C ASP B 268 -58.18 -3.08 11.90
N ASN B 269 -57.30 -4.07 11.99
CA ASN B 269 -56.19 -4.23 11.07
C ASN B 269 -56.65 -5.03 9.87
N GLU B 270 -56.18 -4.61 8.70
CA GLU B 270 -56.32 -5.38 7.48
C GLU B 270 -54.91 -5.72 7.03
N VAL B 271 -54.61 -7.01 6.94
CA VAL B 271 -53.25 -7.45 6.63
C VAL B 271 -53.03 -7.36 5.12
N ARG B 272 -52.57 -6.20 4.67
CA ARG B 272 -52.40 -5.94 3.25
C ARG B 272 -50.93 -5.82 2.89
N VAL C 1 1.09 0.88 66.76
CA VAL C 1 2.17 1.71 66.26
C VAL C 1 3.47 1.25 66.92
N VAL C 2 3.40 0.96 68.23
CA VAL C 2 4.56 0.55 69.01
C VAL C 2 4.27 -0.81 69.63
N GLN C 3 5.33 -1.57 69.90
CA GLN C 3 5.22 -2.84 70.59
C GLN C 3 6.41 -3.02 71.52
N TYR C 4 6.16 -3.55 72.71
CA TYR C 4 7.22 -3.76 73.69
C TYR C 4 7.50 -5.24 73.92
N LEU C 5 8.61 -5.53 74.59
CA LEU C 5 8.99 -6.91 74.87
C LEU C 5 8.83 -7.30 76.33
N ASN C 6 9.67 -6.74 77.19
CA ASN C 6 9.60 -7.07 78.62
C ASN C 6 9.92 -8.53 78.81
N GLN C 7 8.89 -9.36 78.73
CA GLN C 7 9.02 -10.80 78.86
C GLN C 7 8.00 -11.41 77.91
N GLU C 8 6.97 -10.63 77.63
CA GLU C 8 5.90 -11.01 76.72
C GLU C 8 5.64 -9.84 75.79
N LEU C 9 5.93 -10.02 74.49
CA LEU C 9 5.74 -8.93 73.54
C LEU C 9 4.25 -8.65 73.35
N VAL C 10 3.86 -7.41 73.58
CA VAL C 10 2.49 -6.97 73.41
C VAL C 10 2.46 -5.96 72.26
N VAL C 11 1.49 -6.12 71.37
CA VAL C 11 1.31 -5.22 70.24
C VAL C 11 0.23 -4.21 70.60
N SER C 12 0.55 -2.94 70.42
CA SER C 12 -0.37 -1.87 70.80
C SER C 12 -0.59 -0.96 69.62
N GLY C 13 -1.63 -0.15 69.71
CA GLY C 13 -1.94 0.80 68.66
C GLY C 13 -2.67 0.15 67.50
N LYS C 14 -2.41 0.70 66.32
CA LYS C 14 -3.12 0.33 65.11
C LYS C 14 -2.12 -0.12 64.06
N ILE C 15 -2.49 -1.12 63.26
CA ILE C 15 -1.63 -1.64 62.20
C ILE C 15 -2.39 -1.52 60.88
N ASP C 16 -2.13 -0.44 60.13
CA ASP C 16 -2.81 -0.26 58.86
C ASP C 16 -2.00 0.53 57.83
N PHE C 17 -1.24 -0.16 56.99
CA PHE C 17 -0.82 0.27 55.65
C PHE C 17 0.15 1.45 55.60
N GLU C 18 0.44 2.09 56.74
CA GLU C 18 1.54 3.03 56.81
C GLU C 18 2.26 2.96 58.15
N ASN C 19 2.09 1.86 58.86
CA ASN C 19 2.97 1.57 59.99
C ASN C 19 3.36 0.10 60.02
N ALA C 20 3.08 -0.65 58.95
CA ALA C 20 3.26 -2.09 58.97
C ALA C 20 4.61 -2.55 58.44
N GLU C 21 5.48 -1.62 58.09
CA GLU C 21 6.80 -2.02 57.60
C GLU C 21 7.86 -1.96 58.68
N GLN C 22 7.78 -0.99 59.60
CA GLN C 22 8.69 -1.04 60.73
C GLN C 22 8.16 -1.92 61.85
N GLN C 23 6.84 -2.07 61.97
CA GLN C 23 6.30 -2.89 63.04
C GLN C 23 6.49 -4.37 62.79
N TYR C 24 6.58 -4.78 61.53
CA TYR C 24 6.90 -6.16 61.23
C TYR C 24 8.36 -6.47 61.54
N GLN C 25 9.27 -5.52 61.29
CA GLN C 25 10.69 -5.82 61.40
C GLN C 25 11.20 -5.55 62.81
N ALA C 26 10.53 -4.68 63.56
CA ALA C 26 10.91 -4.49 64.96
C ALA C 26 10.61 -5.72 65.78
N GLY C 27 9.53 -6.44 65.46
CA GLY C 27 9.28 -7.71 66.09
C GLY C 27 10.10 -8.85 65.54
N LEU C 28 10.62 -8.71 64.32
CA LEU C 28 11.41 -9.78 63.72
C LEU C 28 12.77 -9.91 64.38
N ALA C 29 13.37 -8.79 64.80
CA ALA C 29 14.64 -8.85 65.50
C ALA C 29 14.49 -9.40 66.91
N ILE C 30 13.28 -9.29 67.48
CA ILE C 30 13.01 -9.78 68.83
C ILE C 30 13.12 -11.29 68.90
N ILE C 31 12.73 -11.99 67.83
CA ILE C 31 12.68 -13.45 67.82
C ILE C 31 14.06 -14.07 67.95
N LYS C 32 15.09 -13.42 67.41
CA LYS C 32 16.39 -14.08 67.33
C LYS C 32 17.22 -13.84 68.58
N LYS C 33 16.76 -13.01 69.52
CA LYS C 33 17.43 -12.85 70.80
C LYS C 33 16.80 -13.75 71.86
N GLN C 34 15.79 -14.52 71.46
CA GLN C 34 14.97 -15.25 72.43
C GLN C 34 14.88 -16.71 72.00
N THR C 35 15.61 -17.56 72.72
CA THR C 35 15.71 -18.97 72.40
C THR C 35 14.82 -19.79 73.34
N SER C 36 14.54 -21.03 72.92
CA SER C 36 13.69 -22.05 73.53
C SER C 36 12.22 -21.63 73.54
N PHE C 37 11.79 -20.85 72.53
CA PHE C 37 10.46 -20.37 72.16
C PHE C 37 9.46 -20.08 73.29
N PRO C 38 9.76 -19.22 74.28
CA PRO C 38 8.68 -18.80 75.18
C PRO C 38 7.94 -17.55 74.70
N LEU C 39 8.17 -17.13 73.46
CA LEU C 39 7.63 -15.88 72.95
C LEU C 39 6.15 -16.05 72.61
N ILE C 40 5.33 -16.08 73.64
CA ILE C 40 3.89 -16.20 73.47
C ILE C 40 3.32 -14.79 73.44
N VAL C 41 2.38 -14.54 72.54
CA VAL C 41 1.90 -13.19 72.33
C VAL C 41 0.64 -12.97 73.15
N ASP C 42 0.57 -11.81 73.82
CA ASP C 42 -0.63 -11.41 74.52
C ASP C 42 -1.19 -10.14 73.89
N LEU C 43 -1.37 -10.17 72.58
CA LEU C 43 -1.89 -9.03 71.84
C LEU C 43 -3.30 -8.70 72.30
N LYS C 44 -3.46 -7.55 72.94
CA LYS C 44 -4.76 -7.14 73.43
C LYS C 44 -5.03 -5.64 73.32
N GLN C 45 -3.99 -4.83 73.07
CA GLN C 45 -4.21 -3.39 72.92
C GLN C 45 -4.60 -3.03 71.49
N LEU C 46 -4.68 -4.01 70.60
CA LEU C 46 -5.17 -3.78 69.25
C LEU C 46 -6.62 -3.34 69.28
N GLU C 47 -7.01 -2.43 68.40
CA GLU C 47 -8.37 -1.94 68.38
C GLU C 47 -9.02 -2.03 67.01
N HIS C 48 -8.20 -2.12 65.96
CA HIS C 48 -8.73 -2.11 64.61
C HIS C 48 -8.04 -3.11 63.70
N GLY C 49 -7.82 -4.34 64.19
CA GLY C 49 -7.24 -5.42 63.41
C GLY C 49 -7.99 -5.72 62.14
N ASN C 50 -7.33 -5.50 61.00
CA ASN C 50 -8.01 -5.50 59.72
C ASN C 50 -7.25 -6.33 58.69
N THR C 51 -6.89 -7.55 59.10
CA THR C 51 -6.38 -8.65 58.25
C THR C 51 -4.95 -8.42 57.77
N LEU C 52 -4.45 -7.18 57.86
CA LEU C 52 -3.06 -6.90 57.62
C LEU C 52 -2.34 -7.16 58.93
N ALA C 53 -3.04 -6.91 60.03
CA ALA C 53 -2.51 -7.23 61.35
C ALA C 53 -2.38 -8.73 61.53
N LEU C 54 -3.20 -9.51 60.83
CA LEU C 54 -2.97 -10.94 60.77
C LEU C 54 -1.80 -11.25 59.85
N ALA C 55 -1.59 -10.44 58.81
CA ALA C 55 -0.58 -10.75 57.81
C ALA C 55 0.83 -10.58 58.36
N VAL C 56 1.03 -9.59 59.23
CA VAL C 56 2.33 -9.44 59.87
C VAL C 56 2.49 -10.46 61.00
N LEU C 57 1.37 -10.99 61.47
CA LEU C 57 1.40 -11.90 62.61
C LEU C 57 1.80 -13.30 62.18
N VAL C 58 1.33 -13.74 61.01
CA VAL C 58 1.73 -15.04 60.50
C VAL C 58 3.18 -15.00 60.03
N GLN C 59 3.63 -13.83 59.57
CA GLN C 59 4.99 -13.72 59.03
C GLN C 59 6.03 -13.79 60.13
N TRP C 60 5.65 -13.48 61.37
CA TRP C 60 6.54 -13.74 62.49
C TRP C 60 6.65 -15.23 62.76
N LEU C 61 5.56 -15.98 62.49
CA LEU C 61 5.59 -17.42 62.72
C LEU C 61 6.36 -18.14 61.63
N ARG C 62 6.54 -17.49 60.48
CA ARG C 62 7.21 -18.13 59.36
C ARG C 62 8.71 -18.29 59.61
N GLN C 63 9.29 -17.33 60.31
CA GLN C 63 10.72 -17.38 60.63
C GLN C 63 10.99 -18.32 61.80
N THR C 64 10.10 -18.28 62.80
CA THR C 64 10.25 -19.11 63.99
C THR C 64 10.64 -20.54 63.63
N PRO C 65 11.47 -21.17 64.45
CA PRO C 65 11.88 -22.55 64.20
C PRO C 65 10.66 -23.45 64.08
N GLN C 66 10.85 -24.67 63.57
CA GLN C 66 9.75 -25.61 63.41
C GLN C 66 8.56 -24.97 62.72
N LYS C 67 7.60 -24.50 63.51
CA LYS C 67 6.41 -23.85 62.97
C LYS C 67 5.37 -23.59 64.06
N SER C 68 5.79 -22.96 65.14
CA SER C 68 4.88 -22.65 66.24
C SER C 68 5.65 -22.15 67.45
N GLY C 69 6.82 -21.56 67.21
CA GLY C 69 7.65 -21.04 68.27
C GLY C 69 6.98 -19.95 69.07
N LEU C 70 5.65 -19.96 69.08
CA LEU C 70 4.87 -18.97 69.80
C LEU C 70 3.45 -19.44 70.06
N HIS C 71 2.66 -18.58 70.68
CA HIS C 71 1.28 -18.85 71.00
C HIS C 71 0.59 -17.51 71.12
N PHE C 72 -0.69 -17.45 70.77
CA PHE C 72 -1.40 -16.19 70.83
C PHE C 72 -2.48 -16.24 71.90
N LYS C 73 -2.65 -15.13 72.60
CA LYS C 73 -3.61 -15.09 73.68
C LYS C 73 -4.30 -13.75 73.85
N ASN C 74 -5.54 -13.85 74.27
CA ASN C 74 -6.44 -12.72 74.54
C ASN C 74 -6.77 -11.92 73.29
N VAL C 75 -7.40 -12.55 72.30
CA VAL C 75 -7.69 -11.93 71.00
C VAL C 75 -8.80 -10.90 71.15
N PRO C 76 -8.74 -9.77 70.43
CA PRO C 76 -9.66 -8.65 70.71
C PRO C 76 -11.05 -8.77 70.09
N GLU C 77 -11.73 -9.90 70.34
CA GLU C 77 -13.07 -10.29 69.86
C GLU C 77 -13.28 -10.21 68.35
N LYS C 78 -12.25 -9.92 67.56
CA LYS C 78 -12.51 -9.62 66.16
C LYS C 78 -11.42 -10.24 65.28
N MET C 79 -10.22 -10.37 65.82
CA MET C 79 -9.13 -10.99 65.10
C MET C 79 -9.37 -12.47 64.91
N LEU C 80 -10.03 -13.11 65.87
CA LEU C 80 -10.34 -14.51 65.71
C LEU C 80 -11.48 -14.72 64.72
N LYS C 81 -12.33 -13.71 64.50
CA LYS C 81 -13.34 -13.81 63.46
C LYS C 81 -12.71 -13.87 62.08
N ILE C 82 -11.64 -13.11 61.90
CA ILE C 82 -10.79 -13.20 60.72
C ILE C 82 -10.17 -14.58 60.57
N ILE C 83 -9.82 -15.23 61.69
CA ILE C 83 -9.09 -16.50 61.64
C ILE C 83 -9.96 -17.64 61.14
N GLN C 84 -11.21 -17.70 61.59
CA GLN C 84 -12.10 -18.74 61.08
C GLN C 84 -12.47 -18.50 59.63
N ALA C 85 -12.51 -17.25 59.18
CA ALA C 85 -12.79 -16.96 57.78
C ALA C 85 -11.69 -17.48 56.87
N CYS C 86 -10.44 -17.45 57.32
CA CYS C 86 -9.33 -18.03 56.59
C CYS C 86 -9.02 -19.44 57.02
N HIS C 87 -9.83 -20.01 57.93
CA HIS C 87 -9.70 -21.40 58.41
C HIS C 87 -8.32 -21.70 58.98
N LEU C 88 -7.87 -20.85 59.90
CA LEU C 88 -6.49 -20.89 60.37
C LEU C 88 -6.38 -21.37 61.81
N GLN C 89 -7.48 -21.68 62.46
CA GLN C 89 -7.41 -22.07 63.86
C GLN C 89 -7.25 -23.58 64.05
N GLU C 90 -6.65 -24.26 63.06
CA GLU C 90 -5.93 -25.51 63.28
C GLU C 90 -4.43 -25.23 63.26
N ASP C 91 -4.05 -23.96 63.17
CA ASP C 91 -2.66 -23.62 62.88
C ASP C 91 -2.12 -22.56 63.82
N LEU C 92 -2.97 -22.04 64.70
CA LEU C 92 -2.56 -21.03 65.66
C LEU C 92 -3.03 -21.46 67.04
N HIS C 93 -2.11 -21.55 67.99
CA HIS C 93 -2.44 -21.95 69.36
C HIS C 93 -3.18 -20.82 70.06
N LEU C 94 -4.49 -20.76 69.84
CA LEU C 94 -5.32 -19.68 70.32
C LEU C 94 -5.83 -19.96 71.73
N VAL C 95 -5.46 -21.11 72.27
CA VAL C 95 -5.96 -21.54 73.58
C VAL C 95 -4.82 -21.54 74.60
N MET D 1 12.48 -28.04 24.28
CA MET D 1 12.03 -28.24 22.91
C MET D 1 10.53 -28.13 22.80
N ASN D 2 9.93 -27.34 23.69
CA ASN D 2 8.50 -27.09 23.60
C ASN D 2 8.18 -26.02 22.56
N THR D 3 9.05 -25.02 22.40
CA THR D 3 8.77 -23.90 21.50
C THR D 3 8.80 -24.36 20.04
N ILE D 4 9.68 -25.32 19.77
CA ILE D 4 9.75 -25.93 18.45
C ILE D 4 8.50 -26.82 18.28
N ALA D 5 8.06 -27.46 19.37
CA ALA D 5 6.89 -28.32 19.31
C ALA D 5 5.61 -27.49 19.18
N TRP D 6 5.59 -26.30 19.78
CA TRP D 6 4.44 -25.43 19.60
C TRP D 6 4.43 -24.79 18.22
N LEU D 7 5.61 -24.52 17.67
CA LEU D 7 5.68 -23.91 16.35
C LEU D 7 5.27 -24.89 15.26
N GLY D 8 5.62 -26.17 15.41
CA GLY D 8 5.20 -27.16 14.45
C GLY D 8 3.72 -27.47 14.55
N ARG D 9 3.14 -27.35 15.74
CA ARG D 9 1.71 -27.52 15.91
C ARG D 9 0.93 -26.34 15.35
N LEU D 10 1.57 -25.18 15.23
CA LEU D 10 0.88 -24.00 14.71
C LEU D 10 0.67 -24.11 13.21
N VAL D 11 1.71 -24.51 12.47
CA VAL D 11 1.61 -24.56 11.01
C VAL D 11 0.96 -25.83 10.50
N ILE D 12 0.70 -26.81 11.37
CA ILE D 12 -0.08 -27.97 10.95
C ILE D 12 -1.57 -27.65 10.97
N GLU D 13 -2.02 -26.92 11.99
CA GLU D 13 -3.38 -26.42 12.02
C GLU D 13 -3.66 -25.40 10.92
N ARG D 14 -2.65 -24.63 10.52
CA ARG D 14 -2.85 -23.68 9.44
C ARG D 14 -2.82 -24.35 8.08
N ILE D 15 -2.24 -25.54 7.99
CA ILE D 15 -2.31 -26.28 6.73
C ILE D 15 -3.66 -26.95 6.58
N ARG D 16 -4.14 -27.56 7.66
CA ARG D 16 -5.45 -28.19 7.66
C ARG D 16 -6.52 -27.14 7.39
N GLY D 17 -6.30 -25.93 7.91
CA GLY D 17 -7.24 -24.85 7.71
C GLY D 17 -7.40 -24.44 6.26
N ILE D 18 -6.36 -24.66 5.44
CA ILE D 18 -6.50 -24.41 4.02
C ILE D 18 -7.40 -25.45 3.39
N GLY D 19 -7.28 -26.71 3.81
CA GLY D 19 -8.06 -27.78 3.22
C GLY D 19 -9.54 -27.70 3.50
N VAL D 20 -9.90 -27.12 4.65
CA VAL D 20 -11.32 -26.88 4.90
C VAL D 20 -11.84 -25.76 4.01
N ALA D 21 -11.04 -24.71 3.83
CA ALA D 21 -11.46 -23.59 2.99
C ALA D 21 -11.44 -23.93 1.51
N ALA D 22 -10.72 -24.98 1.10
CA ALA D 22 -10.80 -25.42 -0.28
C ALA D 22 -12.06 -26.22 -0.53
N LEU D 23 -12.43 -27.08 0.41
CA LEU D 23 -13.66 -27.85 0.27
C LEU D 23 -14.89 -26.99 0.42
N MET D 24 -14.79 -25.85 1.10
CA MET D 24 -15.91 -24.94 1.19
C MET D 24 -16.15 -24.22 -0.12
N LEU D 25 -15.10 -24.00 -0.92
CA LEU D 25 -15.27 -23.31 -2.18
C LEU D 25 -15.86 -24.21 -3.25
N LEU D 26 -15.56 -25.51 -3.19
CA LEU D 26 -16.12 -26.42 -4.17
C LEU D 26 -17.59 -26.71 -3.92
N GLN D 27 -18.09 -26.45 -2.72
CA GLN D 27 -19.51 -26.62 -2.47
C GLN D 27 -20.33 -25.42 -2.88
N ILE D 28 -19.72 -24.24 -2.94
CA ILE D 28 -20.47 -23.04 -3.32
C ILE D 28 -20.63 -22.96 -4.83
N ILE D 29 -19.53 -23.07 -5.56
CA ILE D 29 -19.57 -22.80 -7.00
C ILE D 29 -20.07 -23.97 -7.82
N PHE D 30 -20.10 -25.19 -7.28
CA PHE D 30 -20.62 -26.34 -8.00
C PHE D 30 -22.05 -26.61 -7.56
N SER D 31 -22.93 -25.65 -7.82
CA SER D 31 -24.34 -25.78 -7.50
C SER D 31 -25.16 -24.82 -8.35
N LEU D 32 -26.25 -25.32 -8.92
CA LEU D 32 -27.17 -24.46 -9.65
C LEU D 32 -27.96 -23.63 -8.63
N PRO D 33 -28.22 -22.35 -8.92
CA PRO D 33 -28.69 -21.45 -7.86
C PRO D 33 -30.14 -21.71 -7.48
N SER D 34 -30.43 -21.47 -6.20
CA SER D 34 -31.76 -21.65 -5.65
C SER D 34 -32.65 -20.51 -6.12
N ALA D 35 -33.96 -20.70 -6.01
CA ALA D 35 -34.93 -19.70 -6.43
C ALA D 35 -34.89 -18.50 -5.52
N GLY D 36 -34.64 -17.33 -6.10
CA GLY D 36 -34.48 -16.11 -5.33
C GLY D 36 -33.03 -15.70 -5.15
N GLY D 37 -32.11 -16.40 -5.80
CA GLY D 37 -30.70 -16.12 -5.58
C GLY D 37 -30.17 -14.88 -6.26
N PHE D 38 -30.89 -14.35 -7.24
CA PHE D 38 -30.45 -13.12 -7.89
C PHE D 38 -30.93 -11.89 -7.14
N GLY D 39 -32.02 -12.00 -6.38
CA GLY D 39 -32.49 -10.85 -5.63
C GLY D 39 -31.60 -10.50 -4.46
N ARG D 40 -30.85 -11.48 -3.95
CA ARG D 40 -29.95 -11.21 -2.84
C ARG D 40 -28.58 -10.79 -3.33
N PHE D 41 -28.22 -11.16 -4.56
CA PHE D 41 -26.94 -10.78 -5.10
C PHE D 41 -26.93 -9.31 -5.47
N VAL D 42 -28.07 -8.77 -5.90
CA VAL D 42 -28.16 -7.35 -6.20
C VAL D 42 -28.09 -6.53 -4.92
N TYR D 43 -28.65 -7.06 -3.84
CA TYR D 43 -28.58 -6.35 -2.57
C TYR D 43 -27.18 -6.43 -1.98
N GLN D 44 -26.49 -7.57 -2.16
CA GLN D 44 -25.16 -7.70 -1.58
C GLN D 44 -24.12 -6.96 -2.40
N MET D 45 -24.49 -6.52 -3.60
CA MET D 45 -23.61 -5.68 -4.39
C MET D 45 -23.66 -4.25 -3.86
N HIS D 46 -24.74 -3.92 -3.15
CA HIS D 46 -24.86 -2.61 -2.54
C HIS D 46 -23.95 -2.48 -1.33
N ARG D 47 -23.92 -3.50 -0.48
CA ARG D 47 -23.13 -3.46 0.75
C ARG D 47 -21.64 -3.50 0.47
N VAL D 48 -21.21 -4.42 -0.39
CA VAL D 48 -19.80 -4.63 -0.68
C VAL D 48 -19.29 -3.57 -1.63
N GLY D 49 -19.95 -3.41 -2.77
CA GLY D 49 -19.48 -2.51 -3.79
C GLY D 49 -19.73 -1.04 -3.56
N VAL D 50 -21.00 -0.65 -3.41
CA VAL D 50 -21.37 0.77 -3.46
C VAL D 50 -20.87 1.51 -2.23
N MET D 51 -20.82 0.84 -1.08
CA MET D 51 -20.29 1.46 0.12
C MET D 51 -18.78 1.64 0.03
N SER D 52 -18.11 0.84 -0.80
CA SER D 52 -16.68 0.98 -0.97
C SER D 52 -16.31 2.00 -2.02
N LEU D 53 -17.29 2.67 -2.62
CA LEU D 53 -17.05 3.56 -3.75
C LEU D 53 -16.39 4.85 -3.32
N LEU D 54 -16.60 5.25 -2.07
CA LEU D 54 -16.12 6.56 -1.64
C LEU D 54 -14.64 6.52 -1.31
N ILE D 55 -14.18 5.43 -0.69
CA ILE D 55 -12.78 5.34 -0.28
C ILE D 55 -11.87 5.16 -1.48
N ILE D 56 -12.32 4.36 -2.46
CA ILE D 56 -11.50 4.07 -3.65
C ILE D 56 -11.37 5.31 -4.53
N THR D 57 -12.46 6.06 -4.74
CA THR D 57 -12.42 7.22 -5.61
C THR D 57 -11.56 8.34 -5.00
N VAL D 58 -11.63 8.53 -3.67
CA VAL D 58 -10.83 9.55 -3.02
C VAL D 58 -9.37 9.14 -2.94
N SER D 59 -9.08 7.91 -2.54
CA SER D 59 -7.70 7.47 -2.43
C SER D 59 -7.06 7.25 -3.79
N GLY D 60 -7.86 7.01 -4.83
CA GLY D 60 -7.30 6.91 -6.16
C GLY D 60 -6.82 8.24 -6.69
N LEU D 61 -7.42 9.32 -6.21
CA LEU D 61 -6.99 10.66 -6.61
C LEU D 61 -5.66 11.00 -5.97
N PHE D 62 -5.44 10.55 -4.73
CA PHE D 62 -4.26 10.96 -3.98
C PHE D 62 -3.01 10.27 -4.48
N ILE D 63 -3.16 9.09 -5.08
CA ILE D 63 -2.01 8.46 -5.71
C ILE D 63 -1.68 9.11 -7.03
N GLY D 64 -2.69 9.55 -7.78
CA GLY D 64 -2.47 10.23 -9.04
C GLY D 64 -1.78 11.57 -8.87
N LEU D 65 -2.07 12.27 -7.78
CA LEU D 65 -1.38 13.52 -7.51
C LEU D 65 0.06 13.28 -7.08
N VAL D 66 0.35 12.12 -6.52
CA VAL D 66 1.72 11.79 -6.14
C VAL D 66 2.50 11.29 -7.34
N LEU D 67 1.88 10.48 -8.20
CA LEU D 67 2.59 9.93 -9.37
C LEU D 67 2.91 11.02 -10.38
N GLY D 68 2.06 12.04 -10.49
CA GLY D 68 2.37 13.15 -11.36
C GLY D 68 3.42 14.08 -10.78
N LEU D 69 3.51 14.13 -9.46
CA LEU D 69 4.48 15.03 -8.83
C LEU D 69 5.84 14.37 -8.68
N GLN D 70 5.89 13.04 -8.59
CA GLN D 70 7.17 12.37 -8.50
C GLN D 70 7.75 12.08 -9.88
N GLY D 71 6.91 11.74 -10.84
CA GLY D 71 7.38 11.50 -12.18
C GLY D 71 7.86 12.74 -12.90
N TYR D 72 7.39 13.91 -12.48
CA TYR D 72 7.90 15.14 -13.07
C TYR D 72 9.25 15.53 -12.49
N SER D 73 9.49 15.22 -11.22
CA SER D 73 10.76 15.60 -10.60
C SER D 73 11.92 14.77 -11.11
N ILE D 74 11.64 13.59 -11.64
CA ILE D 74 12.69 12.74 -12.18
C ILE D 74 12.87 13.00 -13.67
N LEU D 75 11.77 13.15 -14.40
CA LEU D 75 11.85 13.31 -15.85
C LEU D 75 12.20 14.72 -16.28
N VAL D 76 12.41 15.64 -15.35
CA VAL D 76 12.83 16.98 -15.77
C VAL D 76 14.35 17.10 -15.83
N ASN D 77 15.08 16.22 -15.16
CA ASN D 77 16.53 16.25 -15.24
C ASN D 77 17.03 15.69 -16.56
N VAL D 78 16.33 14.70 -17.11
CA VAL D 78 16.73 14.10 -18.37
C VAL D 78 16.01 14.85 -19.49
N GLY D 79 15.10 15.74 -19.11
CA GLY D 79 14.55 16.70 -20.04
C GLY D 79 13.54 16.12 -21.01
N SER D 80 13.14 14.87 -20.77
CA SER D 80 12.17 14.21 -21.63
C SER D 80 10.91 13.92 -20.83
N GLU D 81 9.94 14.84 -20.90
CA GLU D 81 8.69 14.67 -20.17
C GLU D 81 7.51 14.72 -21.12
N SER D 82 7.73 14.31 -22.37
CA SER D 82 6.64 13.84 -23.18
C SER D 82 6.29 12.40 -22.86
N MET D 83 7.15 11.72 -22.07
CA MET D 83 6.88 10.40 -21.53
C MET D 83 6.26 10.47 -20.15
N LEU D 84 5.84 11.65 -19.69
CA LEU D 84 5.17 11.75 -18.40
C LEU D 84 3.81 11.09 -18.44
N GLY D 85 3.05 11.30 -19.52
CA GLY D 85 1.75 10.69 -19.64
C GLY D 85 1.82 9.18 -19.85
N THR D 86 2.97 8.69 -20.32
CA THR D 86 3.13 7.25 -20.46
C THR D 86 3.39 6.61 -19.10
N MET D 87 4.39 7.09 -18.36
CA MET D 87 4.79 6.42 -17.12
C MET D 87 3.77 6.57 -16.01
N VAL D 88 2.92 7.59 -16.06
CA VAL D 88 1.81 7.68 -15.11
C VAL D 88 0.77 6.62 -15.43
N SER D 89 0.38 6.51 -16.70
CA SER D 89 -0.64 5.54 -17.07
C SER D 89 -0.07 4.14 -17.22
N LEU D 90 1.24 3.98 -17.18
CA LEU D 90 1.79 2.64 -17.15
C LEU D 90 2.06 2.15 -15.74
N THR D 91 2.26 3.04 -14.79
CA THR D 91 2.41 2.61 -13.41
C THR D 91 1.07 2.18 -12.84
N LEU D 92 0.00 2.88 -13.23
CA LEU D 92 -1.32 2.57 -12.69
C LEU D 92 -1.91 1.34 -13.32
N LEU D 93 -1.94 1.28 -14.66
CA LEU D 93 -2.73 0.29 -15.37
C LEU D 93 -2.24 -1.14 -15.18
N ARG D 94 -0.93 -1.33 -15.09
CA ARG D 94 -0.46 -2.70 -14.95
C ARG D 94 0.00 -3.01 -13.53
N GLU D 95 0.30 -1.99 -12.74
CA GLU D 95 0.91 -2.33 -11.45
C GLU D 95 0.19 -1.82 -10.20
N LEU D 96 -0.10 -0.52 -10.10
CA LEU D 96 -0.57 0.00 -8.82
C LEU D 96 -2.08 -0.20 -8.62
N ALA D 97 -2.88 0.11 -9.63
CA ALA D 97 -4.33 -0.07 -9.52
C ALA D 97 -4.80 -1.51 -9.34
N PRO D 98 -4.12 -2.54 -9.85
CA PRO D 98 -4.48 -3.88 -9.38
C PRO D 98 -4.09 -4.16 -7.94
N VAL D 99 -3.02 -3.56 -7.45
CA VAL D 99 -2.46 -3.96 -6.16
C VAL D 99 -2.99 -3.10 -5.02
N VAL D 100 -2.93 -1.78 -5.15
CA VAL D 100 -3.37 -0.91 -4.06
C VAL D 100 -4.87 -1.00 -3.86
N ALA D 101 -5.64 -1.13 -4.94
CA ALA D 101 -7.09 -1.24 -4.79
C ALA D 101 -7.51 -2.59 -4.25
N ALA D 102 -6.60 -3.55 -4.12
CA ALA D 102 -6.88 -4.77 -3.39
C ALA D 102 -6.42 -4.68 -1.94
N LEU D 103 -5.51 -3.76 -1.63
CA LEU D 103 -5.12 -3.54 -0.25
C LEU D 103 -6.11 -2.65 0.48
N LEU D 104 -6.94 -1.91 -0.23
CA LEU D 104 -7.99 -1.13 0.41
C LEU D 104 -9.31 -1.87 0.39
N PHE D 105 -9.47 -2.84 -0.49
CA PHE D 105 -10.67 -3.66 -0.49
C PHE D 105 -10.62 -4.72 0.61
N ALA D 106 -9.42 -5.15 0.99
CA ALA D 106 -9.27 -6.12 2.07
C ALA D 106 -9.59 -5.49 3.41
N GLY D 107 -9.29 -4.20 3.54
CA GLY D 107 -9.59 -3.49 4.76
C GLY D 107 -11.05 -3.15 4.92
N ARG D 108 -11.58 -2.34 4.00
CA ARG D 108 -12.94 -1.83 4.11
C ARG D 108 -14.00 -2.90 3.90
N ALA D 109 -13.99 -3.57 2.74
CA ALA D 109 -15.07 -4.48 2.44
C ALA D 109 -14.65 -5.93 2.62
N GLY D 110 -13.35 -6.15 2.81
CA GLY D 110 -12.89 -7.50 3.11
C GLY D 110 -13.20 -7.89 4.53
N SER D 111 -12.76 -7.08 5.49
CA SER D 111 -12.90 -7.43 6.90
C SER D 111 -14.34 -7.22 7.37
N ALA D 112 -15.12 -6.42 6.65
CA ALA D 112 -16.51 -6.20 7.04
C ALA D 112 -17.36 -7.44 6.82
N LEU D 113 -17.00 -8.27 5.84
CA LEU D 113 -17.72 -9.52 5.62
C LEU D 113 -17.41 -10.52 6.73
N THR D 114 -16.20 -10.45 7.29
CA THR D 114 -15.82 -11.38 8.34
C THR D 114 -16.49 -11.00 9.66
N ALA D 115 -16.79 -9.72 9.84
CA ALA D 115 -17.60 -9.31 10.98
C ALA D 115 -19.05 -9.67 10.77
N GLU D 116 -19.51 -9.64 9.52
CA GLU D 116 -20.92 -9.85 9.22
C GLU D 116 -21.30 -11.32 9.33
N ILE D 117 -20.50 -12.19 8.74
CA ILE D 117 -20.75 -13.62 8.87
C ILE D 117 -20.29 -14.10 10.23
N GLY D 118 -19.36 -13.39 10.86
CA GLY D 118 -18.86 -13.81 12.15
C GLY D 118 -19.86 -13.55 13.28
N SER D 119 -20.54 -12.42 13.24
CA SER D 119 -21.52 -12.13 14.27
C SER D 119 -22.78 -12.95 14.09
N MET D 120 -23.01 -13.50 12.91
CA MET D 120 -24.10 -14.44 12.74
C MET D 120 -23.76 -15.80 13.32
N LYS D 121 -22.48 -16.07 13.54
CA LYS D 121 -22.11 -17.37 14.08
C LYS D 121 -22.11 -17.39 15.60
N GLN D 122 -21.82 -16.26 16.25
CA GLN D 122 -21.82 -16.29 17.71
C GLN D 122 -23.22 -16.12 18.27
N SER D 123 -24.12 -15.49 17.52
CA SER D 123 -25.46 -15.26 17.99
C SER D 123 -26.43 -16.28 17.44
N GLU D 124 -25.91 -17.41 16.94
CA GLU D 124 -26.63 -18.63 16.63
C GLU D 124 -27.67 -18.45 15.52
N GLN D 125 -27.50 -17.45 14.66
CA GLN D 125 -28.40 -17.31 13.52
C GLN D 125 -28.10 -18.34 12.46
N LEU D 126 -26.84 -18.76 12.37
CA LEU D 126 -26.48 -19.76 11.38
C LEU D 126 -26.99 -21.13 11.80
N ALA D 127 -26.97 -21.42 13.10
CA ALA D 127 -27.44 -22.72 13.57
C ALA D 127 -28.95 -22.80 13.55
N SER D 128 -29.61 -21.66 13.72
CA SER D 128 -31.05 -21.62 13.71
C SER D 128 -31.58 -21.73 12.30
N MET D 129 -30.81 -21.22 11.33
CA MET D 129 -31.24 -21.25 9.94
C MET D 129 -31.20 -22.67 9.39
N GLU D 130 -30.31 -23.50 9.92
CA GLU D 130 -30.16 -24.84 9.39
C GLU D 130 -31.26 -25.77 9.86
N MET D 131 -31.79 -25.56 11.07
CA MET D 131 -32.82 -26.46 11.59
C MET D 131 -34.14 -26.26 10.88
N ILE D 132 -34.34 -25.10 10.26
CA ILE D 132 -35.51 -24.87 9.43
C ILE D 132 -35.35 -25.67 8.15
N GLY D 133 -34.11 -25.94 7.78
CA GLY D 133 -33.83 -26.72 6.59
C GLY D 133 -33.05 -25.95 5.55
N VAL D 134 -33.02 -24.62 5.67
CA VAL D 134 -32.26 -23.76 4.76
C VAL D 134 -30.79 -23.97 5.01
N ASP D 135 -30.03 -24.21 3.94
CA ASP D 135 -28.61 -24.42 4.06
C ASP D 135 -27.90 -23.07 4.09
N PRO D 136 -27.13 -22.76 5.13
CA PRO D 136 -26.60 -21.40 5.26
C PRO D 136 -25.47 -21.07 4.29
N LEU D 137 -24.85 -22.06 3.67
CA LEU D 137 -23.86 -21.77 2.64
C LEU D 137 -24.50 -21.19 1.41
N LYS D 138 -25.61 -21.77 0.96
CA LYS D 138 -26.29 -21.28 -0.23
C LYS D 138 -27.06 -20.01 0.05
N GLN D 139 -27.54 -19.85 1.27
CA GLN D 139 -28.39 -18.73 1.61
C GLN D 139 -27.62 -17.46 1.94
N ILE D 140 -26.63 -17.55 2.83
CA ILE D 140 -25.94 -16.39 3.36
C ILE D 140 -24.59 -16.19 2.70
N VAL D 141 -23.79 -17.25 2.61
CA VAL D 141 -22.41 -17.12 2.19
C VAL D 141 -22.29 -16.88 0.69
N SER D 142 -23.04 -17.64 -0.11
CA SER D 142 -22.87 -17.59 -1.56
C SER D 142 -23.29 -16.28 -2.24
N PRO D 143 -24.30 -15.52 -1.80
CA PRO D 143 -24.45 -14.18 -2.38
C PRO D 143 -23.37 -13.21 -1.96
N ARG D 144 -22.61 -13.49 -0.91
CA ARG D 144 -21.53 -12.60 -0.54
C ARG D 144 -20.26 -12.90 -1.32
N LEU D 145 -20.07 -14.15 -1.74
CA LEU D 145 -18.88 -14.49 -2.50
C LEU D 145 -18.96 -13.96 -3.92
N TRP D 146 -20.13 -14.12 -4.56
CA TRP D 146 -20.28 -13.64 -5.93
C TRP D 146 -20.39 -12.13 -6.01
N ALA D 147 -20.71 -11.45 -4.91
CA ALA D 147 -20.68 -10.01 -4.90
C ALA D 147 -19.29 -9.47 -4.61
N GLY D 148 -18.32 -10.33 -4.35
CA GLY D 148 -16.96 -9.90 -4.17
C GLY D 148 -16.14 -10.08 -5.42
N ILE D 149 -16.43 -11.13 -6.19
CA ILE D 149 -15.71 -11.37 -7.43
C ILE D 149 -16.13 -10.37 -8.50
N VAL D 150 -17.34 -9.85 -8.41
CA VAL D 150 -17.78 -8.87 -9.39
C VAL D 150 -17.36 -7.46 -9.00
N SER D 151 -17.44 -7.10 -7.72
CA SER D 151 -17.32 -5.71 -7.32
C SER D 151 -15.89 -5.20 -7.26
N LEU D 152 -14.89 -6.06 -7.22
CA LEU D 152 -13.54 -5.52 -7.23
C LEU D 152 -13.01 -5.16 -8.63
N PRO D 153 -13.19 -5.97 -9.69
CA PRO D 153 -12.74 -5.52 -11.01
C PRO D 153 -13.52 -4.35 -11.55
N MET D 154 -14.70 -4.08 -11.03
CA MET D 154 -15.37 -2.83 -11.35
C MET D 154 -14.79 -1.65 -10.58
N LEU D 155 -13.98 -1.92 -9.57
CA LEU D 155 -13.43 -0.86 -8.74
C LEU D 155 -11.98 -0.53 -9.05
N THR D 156 -11.23 -1.45 -9.65
CA THR D 156 -9.89 -1.07 -10.09
C THR D 156 -9.92 -0.23 -11.35
N VAL D 157 -10.99 -0.32 -12.14
CA VAL D 157 -11.13 0.54 -13.30
C VAL D 157 -11.44 1.96 -12.87
N ILE D 158 -12.31 2.13 -11.87
CA ILE D 158 -12.59 3.45 -11.31
C ILE D 158 -11.38 3.98 -10.57
N PHE D 159 -10.56 3.09 -9.99
CA PHE D 159 -9.29 3.51 -9.41
C PHE D 159 -8.32 3.98 -10.48
N ALA D 160 -8.25 3.26 -11.61
CA ALA D 160 -7.27 3.63 -12.64
C ALA D 160 -7.72 4.85 -13.43
N ALA D 161 -9.02 5.05 -13.61
CA ALA D 161 -9.48 6.19 -14.39
C ALA D 161 -9.33 7.48 -13.61
N ILE D 162 -9.68 7.46 -12.32
CA ILE D 162 -9.51 8.63 -11.47
C ILE D 162 -8.04 8.92 -11.19
N GLY D 163 -7.17 7.91 -11.28
CA GLY D 163 -5.76 8.13 -10.99
C GLY D 163 -5.05 8.85 -12.13
N ILE D 164 -5.47 8.57 -13.36
CA ILE D 164 -4.88 9.22 -14.53
C ILE D 164 -5.39 10.64 -14.65
N VAL D 165 -6.69 10.85 -14.42
CA VAL D 165 -7.29 12.17 -14.44
C VAL D 165 -6.70 13.06 -13.35
N GLY D 166 -6.44 12.48 -12.18
CA GLY D 166 -5.75 13.21 -11.14
C GLY D 166 -4.30 13.50 -11.49
N GLY D 167 -3.64 12.56 -12.18
CA GLY D 167 -2.28 12.81 -12.63
C GLY D 167 -2.20 13.80 -13.76
N LYS D 168 -3.28 13.94 -14.52
CA LYS D 168 -3.34 14.97 -15.55
C LYS D 168 -3.52 16.35 -14.94
N LEU D 169 -4.07 16.42 -13.74
CA LEU D 169 -4.34 17.72 -13.13
C LEU D 169 -3.06 18.36 -12.62
N VAL D 170 -2.19 17.59 -11.98
CA VAL D 170 -1.00 18.20 -11.40
C VAL D 170 0.14 18.24 -12.43
N GLY D 171 0.05 17.45 -13.48
CA GLY D 171 1.09 17.46 -14.47
C GLY D 171 0.91 18.56 -15.49
N VAL D 172 -0.29 18.63 -16.07
CA VAL D 172 -0.54 19.55 -17.15
C VAL D 172 -0.95 20.92 -16.63
N ASP D 173 -1.89 20.95 -15.68
CA ASP D 173 -2.51 22.21 -15.30
C ASP D 173 -1.83 22.92 -14.13
N PHE D 174 -0.87 22.30 -13.47
CA PHE D 174 -0.18 22.94 -12.35
C PHE D 174 1.31 23.07 -12.58
N LEU D 175 1.96 22.05 -13.13
CA LEU D 175 3.38 22.13 -13.39
C LEU D 175 3.69 22.65 -14.79
N GLY D 176 2.73 22.59 -15.71
CA GLY D 176 2.88 23.24 -16.99
C GLY D 176 3.57 22.41 -18.05
N VAL D 177 3.05 21.24 -18.39
CA VAL D 177 3.54 20.50 -19.53
C VAL D 177 2.50 20.63 -20.63
N ASP D 178 2.82 20.18 -21.83
CA ASP D 178 1.91 20.31 -22.95
C ASP D 178 0.78 19.29 -22.83
N GLU D 179 -0.45 19.76 -23.09
CA GLU D 179 -1.62 18.90 -22.97
C GLU D 179 -1.71 17.91 -24.12
N GLY D 180 -1.38 18.36 -25.34
CA GLY D 180 -1.46 17.48 -26.49
C GLY D 180 -0.39 16.41 -26.51
N SER D 181 0.82 16.73 -26.03
CA SER D 181 1.84 15.70 -25.94
C SER D 181 1.66 14.81 -24.73
N PHE D 182 0.81 15.21 -23.79
CA PHE D 182 0.44 14.32 -22.69
C PHE D 182 -0.42 13.18 -23.19
N TRP D 183 -1.49 13.50 -23.91
CA TRP D 183 -2.40 12.45 -24.37
C TRP D 183 -1.83 11.66 -25.52
N SER D 184 -1.09 12.30 -26.43
CA SER D 184 -0.57 11.57 -27.57
C SER D 184 0.63 10.71 -27.19
N GLY D 185 1.22 10.94 -26.03
CA GLY D 185 2.20 10.01 -25.52
C GLY D 185 1.57 8.75 -24.98
N MET D 186 0.29 8.78 -24.67
CA MET D 186 -0.39 7.59 -24.16
C MET D 186 -0.74 6.62 -25.26
N GLN D 187 -1.36 7.10 -26.35
CA GLN D 187 -1.90 6.21 -27.35
C GLN D 187 -0.82 5.51 -28.16
N ASN D 188 0.41 6.00 -28.09
CA ASN D 188 1.51 5.32 -28.77
C ASN D 188 1.99 4.11 -27.96
N ASN D 189 2.14 4.29 -26.66
CA ASN D 189 2.82 3.29 -25.84
C ASN D 189 1.88 2.38 -25.07
N VAL D 190 0.63 2.77 -24.88
CA VAL D 190 -0.30 2.02 -24.05
C VAL D 190 -1.30 1.30 -24.93
N GLN D 191 -1.11 0.00 -25.10
CA GLN D 191 -2.08 -0.80 -25.84
C GLN D 191 -3.28 -1.11 -24.96
N PHE D 192 -4.33 -1.65 -25.58
CA PHE D 192 -5.49 -2.04 -24.81
C PHE D 192 -5.37 -3.48 -24.31
N GLY D 193 -5.19 -4.42 -25.23
CA GLY D 193 -5.29 -5.82 -24.85
C GLY D 193 -4.11 -6.33 -24.06
N HIS D 194 -2.98 -5.61 -24.13
CA HIS D 194 -1.80 -6.03 -23.39
C HIS D 194 -1.73 -5.36 -22.03
N ASP D 195 -2.38 -4.21 -21.86
CA ASP D 195 -2.22 -3.42 -20.65
C ASP D 195 -3.51 -3.25 -19.87
N VAL D 196 -4.62 -2.89 -20.51
CA VAL D 196 -5.85 -2.67 -19.76
C VAL D 196 -6.55 -3.99 -19.48
N VAL D 197 -6.46 -4.95 -20.40
CA VAL D 197 -7.06 -6.25 -20.13
C VAL D 197 -6.20 -7.04 -19.14
N ASN D 198 -4.89 -6.94 -19.24
CA ASN D 198 -4.03 -7.61 -18.26
C ASN D 198 -4.05 -6.94 -16.90
N GLY D 199 -4.59 -5.73 -16.79
CA GLY D 199 -4.82 -5.15 -15.48
C GLY D 199 -6.15 -5.56 -14.88
N ILE D 200 -7.02 -6.15 -15.69
CA ILE D 200 -8.31 -6.62 -15.20
C ILE D 200 -8.23 -8.09 -14.78
N ILE D 201 -7.53 -8.92 -15.55
CA ILE D 201 -7.31 -10.32 -15.18
C ILE D 201 -6.47 -10.41 -13.93
N LYS D 202 -5.61 -9.42 -13.68
CA LYS D 202 -4.85 -9.43 -12.45
C LYS D 202 -5.74 -9.13 -11.24
N SER D 203 -6.84 -8.42 -11.43
CA SER D 203 -7.73 -8.13 -10.31
C SER D 203 -8.82 -9.17 -10.12
N ILE D 204 -9.07 -10.04 -11.10
CA ILE D 204 -10.02 -11.13 -10.85
C ILE D 204 -9.36 -12.21 -9.99
N VAL D 205 -8.07 -12.46 -10.19
CA VAL D 205 -7.36 -13.38 -9.30
C VAL D 205 -7.18 -12.76 -7.92
N PHE D 206 -7.14 -11.43 -7.84
CA PHE D 206 -7.07 -10.79 -6.54
C PHE D 206 -8.42 -10.75 -5.86
N ALA D 207 -9.51 -10.62 -6.62
CA ALA D 207 -10.83 -10.56 -6.01
C ALA D 207 -11.28 -11.91 -5.50
N LEU D 208 -10.76 -12.99 -6.07
CA LEU D 208 -11.10 -14.31 -5.56
C LEU D 208 -10.44 -14.55 -4.21
N LEU D 209 -9.21 -14.08 -4.03
CA LEU D 209 -8.49 -14.38 -2.80
C LEU D 209 -8.88 -13.47 -1.66
N CYS D 210 -9.25 -12.22 -1.95
CA CYS D 210 -9.67 -11.33 -0.88
C CYS D 210 -11.10 -11.58 -0.44
N THR D 211 -11.83 -12.44 -1.14
CA THR D 211 -13.19 -12.76 -0.77
C THR D 211 -13.34 -14.17 -0.24
N TRP D 212 -12.63 -15.14 -0.81
CA TRP D 212 -12.69 -16.51 -0.29
C TRP D 212 -12.01 -16.62 1.07
N ILE D 213 -11.00 -15.79 1.33
CA ILE D 213 -10.43 -15.75 2.66
C ILE D 213 -11.35 -15.05 3.63
N ALA D 214 -11.93 -13.92 3.21
CA ALA D 214 -12.71 -13.09 4.12
C ALA D 214 -14.07 -13.69 4.44
N VAL D 215 -14.49 -14.68 3.67
CA VAL D 215 -15.72 -15.41 3.95
C VAL D 215 -15.43 -16.62 4.84
N PHE D 216 -14.33 -17.31 4.59
CA PHE D 216 -13.99 -18.51 5.35
C PHE D 216 -13.63 -18.16 6.79
N GLN D 217 -12.97 -17.03 7.01
CA GLN D 217 -12.62 -16.64 8.37
C GLN D 217 -13.85 -16.28 9.19
N GLY D 218 -14.88 -15.74 8.56
CA GLY D 218 -16.10 -15.42 9.28
C GLY D 218 -17.07 -16.57 9.37
N TYR D 219 -16.81 -17.65 8.65
CA TYR D 219 -17.66 -18.82 8.78
C TYR D 219 -17.06 -19.82 9.76
N ALA D 220 -15.75 -20.01 9.71
CA ALA D 220 -15.06 -20.85 10.69
C ALA D 220 -14.41 -20.02 11.79
N CYS D 221 -15.23 -19.27 12.53
CA CYS D 221 -14.75 -18.57 13.71
C CYS D 221 -14.68 -19.54 14.89
N ASP D 222 -14.40 -19.01 16.07
CA ASP D 222 -14.87 -19.66 17.28
C ASP D 222 -15.84 -18.68 17.91
N PRO D 223 -17.06 -19.11 18.23
CA PRO D 223 -18.09 -18.16 18.65
C PRO D 223 -17.82 -17.59 20.03
N THR D 224 -17.32 -16.35 20.02
CA THR D 224 -16.81 -15.64 21.18
C THR D 224 -16.68 -14.19 20.76
N PRO D 225 -17.14 -13.24 21.58
CA PRO D 225 -17.09 -11.82 21.18
C PRO D 225 -15.70 -11.26 21.01
N GLU D 226 -14.69 -11.89 21.57
CA GLU D 226 -13.30 -11.56 21.34
C GLU D 226 -12.59 -12.61 20.49
N GLY D 227 -13.34 -13.60 19.99
CA GLY D 227 -12.83 -14.53 18.99
C GLY D 227 -13.21 -14.08 17.60
N ILE D 228 -14.19 -13.20 17.48
CA ILE D 228 -14.52 -12.58 16.21
C ILE D 228 -13.47 -11.58 15.80
N ALA D 229 -13.11 -10.68 16.72
CA ALA D 229 -12.15 -9.62 16.45
C ALA D 229 -10.74 -10.13 16.22
N THR D 230 -10.43 -11.34 16.65
CA THR D 230 -9.14 -11.93 16.32
C THR D 230 -9.14 -12.55 14.93
N ALA D 231 -10.33 -12.78 14.37
CA ALA D 231 -10.43 -13.28 13.01
C ALA D 231 -10.65 -12.18 12.01
N MET D 232 -10.73 -10.93 12.44
CA MET D 232 -10.79 -9.83 11.49
C MET D 232 -9.40 -9.30 11.18
N THR D 233 -8.43 -9.55 12.05
CA THR D 233 -7.05 -9.27 11.70
C THR D 233 -6.38 -10.45 11.02
N ARG D 234 -6.96 -11.65 11.15
CA ARG D 234 -6.44 -12.78 10.41
C ARG D 234 -6.80 -12.67 8.93
N THR D 235 -7.82 -11.88 8.59
CA THR D 235 -8.25 -11.79 7.21
C THR D 235 -7.76 -10.53 6.51
N VAL D 236 -7.20 -9.57 7.24
CA VAL D 236 -6.53 -8.46 6.58
C VAL D 236 -5.08 -8.82 6.30
N VAL D 237 -4.47 -9.58 7.20
CA VAL D 237 -3.09 -10.02 7.02
C VAL D 237 -2.98 -11.03 5.89
N TYR D 238 -3.87 -12.02 5.88
CA TYR D 238 -3.75 -13.10 4.90
C TYR D 238 -4.14 -12.64 3.51
N SER D 239 -4.95 -11.58 3.42
CA SER D 239 -5.29 -11.05 2.10
C SER D 239 -4.15 -10.22 1.54
N SER D 240 -3.48 -9.45 2.38
CA SER D 240 -2.40 -8.60 1.91
C SER D 240 -1.15 -9.40 1.58
N LEU D 241 -1.04 -10.63 2.07
CA LEU D 241 0.09 -11.45 1.69
C LEU D 241 -0.18 -12.20 0.40
N CYS D 242 -1.42 -12.54 0.12
CA CYS D 242 -1.74 -13.25 -1.11
C CYS D 242 -1.91 -12.29 -2.28
N VAL D 243 -2.17 -11.01 -2.00
CA VAL D 243 -2.18 -10.01 -3.06
C VAL D 243 -0.76 -9.75 -3.55
N LEU D 244 0.17 -9.52 -2.62
CA LEU D 244 1.54 -9.25 -3.00
C LEU D 244 2.27 -10.52 -3.43
N GLY D 245 1.78 -11.69 -3.06
CA GLY D 245 2.41 -12.92 -3.46
C GLY D 245 2.05 -13.32 -4.88
N PHE D 246 0.76 -13.20 -5.21
CA PHE D 246 0.31 -13.44 -6.57
C PHE D 246 0.56 -12.27 -7.50
N ASP D 247 1.08 -11.16 -6.97
CA ASP D 247 1.55 -10.07 -7.80
C ASP D 247 2.75 -10.47 -8.63
N PHE D 248 3.78 -11.02 -7.98
CA PHE D 248 5.03 -11.33 -8.65
C PHE D 248 4.85 -12.48 -9.64
N VAL D 249 3.97 -13.43 -9.33
CA VAL D 249 3.74 -14.56 -10.21
C VAL D 249 2.99 -14.10 -11.46
N LEU D 250 2.06 -13.16 -11.30
CA LEU D 250 1.29 -12.70 -12.45
C LEU D 250 2.06 -11.67 -13.26
N THR D 251 3.00 -10.97 -12.62
CA THR D 251 3.81 -10.00 -13.36
C THR D 251 4.85 -10.71 -14.21
N ALA D 252 5.42 -11.80 -13.68
CA ALA D 252 6.46 -12.54 -14.40
C ALA D 252 5.88 -13.23 -15.64
N VAL D 253 4.62 -13.61 -15.57
CA VAL D 253 3.97 -14.27 -16.71
C VAL D 253 3.58 -13.24 -17.75
N MET D 254 2.92 -12.17 -17.32
CA MET D 254 2.36 -11.22 -18.26
C MET D 254 3.41 -10.30 -18.88
N PHE D 255 4.42 -9.92 -18.11
CA PHE D 255 5.40 -8.95 -18.60
C PHE D 255 6.82 -9.50 -18.48
N GLY D 256 7.03 -10.74 -18.89
CA GLY D 256 8.34 -11.35 -18.84
C GLY D 256 8.92 -11.64 -20.20
N THR E 10 -48.25 -43.59 27.64
CA THR E 10 -47.71 -42.58 26.73
C THR E 10 -46.52 -43.14 25.96
N GLN E 11 -46.44 -42.82 24.68
CA GLN E 11 -45.38 -43.35 23.84
C GLN E 11 -44.25 -42.34 23.76
N SER E 12 -43.06 -42.83 23.47
CA SER E 12 -41.88 -41.98 23.30
C SER E 12 -41.83 -41.44 21.88
N LEU E 13 -41.46 -40.17 21.75
CA LEU E 13 -41.26 -39.56 20.44
C LEU E 13 -39.81 -39.61 20.01
N ILE E 14 -38.89 -39.24 20.89
CA ILE E 14 -37.47 -39.32 20.63
C ILE E 14 -36.89 -40.34 21.61
N GLU E 15 -36.21 -41.35 21.08
CA GLU E 15 -35.52 -42.34 21.89
C GLU E 15 -34.03 -42.29 21.60
N VAL E 16 -33.28 -41.62 22.46
CA VAL E 16 -31.83 -41.59 22.33
C VAL E 16 -31.30 -42.87 22.97
N LYS E 17 -30.46 -43.59 22.23
CA LYS E 17 -30.01 -44.92 22.67
C LYS E 17 -28.50 -45.06 22.49
N ASN E 18 -27.76 -44.76 23.56
CA ASN E 18 -26.36 -45.13 23.75
C ASN E 18 -25.45 -44.54 22.68
N LEU E 19 -25.33 -43.22 22.70
CA LEU E 19 -24.47 -42.53 21.76
C LEU E 19 -23.24 -41.97 22.46
N SER E 20 -22.32 -41.44 21.65
CA SER E 20 -21.15 -40.76 22.18
C SER E 20 -20.77 -39.62 21.25
N PHE E 21 -20.33 -38.52 21.83
CA PHE E 21 -19.92 -37.34 21.07
C PHE E 21 -18.59 -36.85 21.61
N ASN E 22 -17.59 -36.76 20.73
CA ASN E 22 -16.25 -36.35 21.13
C ASN E 22 -15.81 -35.20 20.26
N ARG E 23 -15.63 -34.04 20.87
CA ARG E 23 -15.06 -32.92 20.12
C ARG E 23 -13.55 -32.84 20.35
N GLY E 24 -12.86 -33.96 20.17
CA GLY E 24 -11.43 -33.99 20.08
C GLY E 24 -10.79 -34.29 21.42
N GLU E 25 -10.50 -35.58 21.67
CA GLU E 25 -10.10 -36.14 22.96
C GLU E 25 -10.80 -35.51 24.16
N ARG E 26 -12.12 -35.39 24.07
CA ARG E 26 -12.92 -34.88 25.17
C ARG E 26 -14.25 -35.63 25.16
N VAL E 27 -14.65 -36.13 26.32
CA VAL E 27 -15.85 -36.96 26.37
C VAL E 27 -17.05 -36.11 26.75
N ILE E 28 -18.04 -36.10 25.87
CA ILE E 28 -19.37 -35.59 26.17
C ILE E 28 -20.32 -36.75 25.89
N TYR E 29 -21.11 -37.13 26.89
CA TYR E 29 -22.10 -38.20 26.78
C TYR E 29 -21.50 -39.55 26.38
N ASP E 30 -20.74 -40.16 27.29
CA ASP E 30 -20.09 -41.43 27.02
C ASP E 30 -21.16 -42.42 26.64
N ASN E 31 -22.04 -42.71 27.60
CA ASN E 31 -23.14 -43.64 27.35
C ASN E 31 -24.36 -43.13 28.08
N ILE E 32 -25.45 -42.90 27.35
CA ILE E 32 -26.63 -42.25 27.87
C ILE E 32 -27.84 -42.63 27.03
N SER E 33 -28.96 -42.90 27.70
CA SER E 33 -30.20 -43.26 27.02
C SER E 33 -31.33 -42.41 27.57
N LEU E 34 -32.03 -41.70 26.70
CA LEU E 34 -33.10 -40.80 27.10
C LEU E 34 -34.41 -41.23 26.46
N ASN E 35 -35.51 -40.79 27.07
CA ASN E 35 -36.85 -41.02 26.57
C ASN E 35 -37.62 -39.72 26.60
N ILE E 36 -38.18 -39.33 25.46
CA ILE E 36 -39.00 -38.13 25.37
C ILE E 36 -40.43 -38.58 25.14
N ARG E 37 -41.22 -38.60 26.21
CA ARG E 37 -42.60 -39.06 26.11
C ARG E 37 -43.47 -37.98 25.49
N ARG E 38 -44.49 -38.41 24.75
CA ARG E 38 -45.31 -37.51 23.95
C ARG E 38 -46.23 -36.69 24.84
N GLY E 39 -46.36 -35.41 24.52
CA GLY E 39 -47.27 -34.53 25.23
C GLY E 39 -46.84 -34.18 26.63
N GLN E 40 -45.56 -34.32 26.96
CA GLN E 40 -45.11 -34.23 28.34
C GLN E 40 -43.85 -33.40 28.41
N ILE E 41 -43.82 -32.47 29.35
CA ILE E 41 -42.70 -31.54 29.48
C ILE E 41 -41.52 -32.25 30.14
N THR E 42 -40.42 -32.35 29.40
CA THR E 42 -39.24 -33.07 29.84
C THR E 42 -38.09 -32.09 30.03
N ALA E 43 -37.57 -31.99 31.24
CA ALA E 43 -36.49 -31.05 31.51
C ALA E 43 -35.15 -31.75 31.57
N ILE E 44 -34.10 -31.03 31.20
CA ILE E 44 -32.72 -31.51 31.26
C ILE E 44 -31.91 -30.47 32.02
N MET E 45 -31.40 -30.83 33.18
CA MET E 45 -30.62 -29.92 34.01
C MET E 45 -29.21 -30.46 34.21
N GLY E 46 -28.32 -29.59 34.70
CA GLY E 46 -26.97 -29.97 34.99
C GLY E 46 -26.05 -28.78 35.16
N PRO E 47 -24.77 -29.04 35.45
CA PRO E 47 -23.82 -27.94 35.60
C PRO E 47 -23.41 -27.36 34.26
N SER E 48 -23.07 -26.08 34.29
CA SER E 48 -22.75 -25.33 33.08
C SER E 48 -21.39 -25.76 32.57
N GLY E 49 -21.27 -25.91 31.26
CA GLY E 49 -20.02 -26.32 30.67
C GLY E 49 -20.13 -27.68 30.03
N THR E 50 -21.08 -28.48 30.50
CA THR E 50 -21.32 -29.78 29.90
C THR E 50 -22.13 -29.61 28.62
N GLY E 51 -22.28 -30.66 27.84
CA GLY E 51 -22.93 -30.51 26.56
C GLY E 51 -24.44 -30.44 26.60
N LYS E 52 -25.02 -29.52 27.36
CA LYS E 52 -26.48 -29.45 27.47
C LYS E 52 -27.11 -28.98 26.17
N THR E 53 -26.65 -27.86 25.62
CA THR E 53 -27.24 -27.36 24.38
C THR E 53 -26.66 -28.05 23.15
N THR E 54 -25.67 -28.92 23.33
CA THR E 54 -25.31 -29.82 22.25
C THR E 54 -26.20 -31.05 22.23
N LEU E 55 -26.88 -31.35 23.34
CA LEU E 55 -27.83 -32.44 23.32
C LEU E 55 -29.06 -32.08 22.50
N LEU E 56 -29.46 -30.81 22.52
CA LEU E 56 -30.56 -30.39 21.68
C LEU E 56 -30.18 -30.37 20.21
N ARG E 57 -28.90 -30.17 19.90
CA ARG E 57 -28.49 -30.23 18.51
C ARG E 57 -28.33 -31.66 18.03
N LEU E 58 -28.03 -32.60 18.92
CA LEU E 58 -28.00 -34.01 18.54
C LEU E 58 -29.40 -34.60 18.42
N ILE E 59 -30.34 -34.12 19.23
CA ILE E 59 -31.72 -34.50 19.06
C ILE E 59 -32.28 -33.90 17.77
N GLY E 60 -31.99 -32.63 17.53
CA GLY E 60 -32.50 -31.96 16.35
C GLY E 60 -31.84 -32.39 15.06
N GLY E 61 -30.71 -33.09 15.15
CA GLY E 61 -30.05 -33.57 13.97
C GLY E 61 -29.31 -32.51 13.21
N GLN E 62 -28.39 -31.82 13.86
CA GLN E 62 -27.46 -30.93 13.17
C GLN E 62 -26.03 -31.43 13.34
N LEU E 63 -25.66 -31.78 14.56
CA LEU E 63 -24.40 -32.46 14.77
C LEU E 63 -24.65 -33.96 14.71
N VAL E 64 -23.61 -34.72 14.45
CA VAL E 64 -23.70 -36.14 14.16
C VAL E 64 -23.25 -36.92 15.38
N PRO E 65 -23.93 -38.01 15.74
CA PRO E 65 -23.41 -38.88 16.80
C PRO E 65 -22.24 -39.69 16.29
N ASP E 66 -21.56 -40.38 17.21
CA ASP E 66 -20.43 -41.20 16.79
C ASP E 66 -20.59 -42.68 17.11
N GLN E 67 -21.39 -43.04 18.11
CA GLN E 67 -21.54 -44.43 18.46
C GLN E 67 -22.97 -44.80 18.80
N GLY E 68 -23.95 -44.09 18.27
CA GLY E 68 -25.32 -44.34 18.64
C GLY E 68 -26.29 -43.92 17.57
N GLU E 69 -27.54 -43.79 17.97
CA GLU E 69 -28.62 -43.49 17.04
C GLU E 69 -29.60 -42.53 17.69
N VAL E 70 -30.32 -41.78 16.86
CA VAL E 70 -31.39 -40.91 17.32
C VAL E 70 -32.68 -41.40 16.66
N LEU E 71 -33.62 -41.85 17.48
CA LEU E 71 -34.81 -42.56 17.03
C LEU E 71 -36.00 -41.63 17.00
N LEU E 72 -36.48 -41.29 15.81
CA LEU E 72 -37.72 -40.53 15.64
C LEU E 72 -38.74 -41.48 15.01
N ASP E 73 -39.42 -42.25 15.86
CA ASP E 73 -40.48 -43.18 15.50
C ASP E 73 -40.05 -44.20 14.45
N GLY E 74 -39.07 -45.01 14.83
CA GLY E 74 -38.52 -46.02 13.94
C GLY E 74 -37.33 -45.54 13.14
N LYS E 75 -37.43 -44.34 12.57
CA LYS E 75 -36.41 -43.86 11.64
C LYS E 75 -35.24 -43.24 12.40
N ASP E 76 -34.03 -43.59 11.98
CA ASP E 76 -32.84 -42.87 12.40
C ASP E 76 -32.83 -41.50 11.74
N ILE E 77 -32.19 -40.53 12.39
CA ILE E 77 -32.06 -39.21 11.81
C ILE E 77 -31.02 -39.20 10.69
N ALA E 78 -29.86 -39.81 10.93
CA ALA E 78 -28.78 -39.75 9.96
C ALA E 78 -29.02 -40.63 8.74
N GLN E 79 -29.94 -41.59 8.83
CA GLN E 79 -30.20 -42.49 7.71
C GLN E 79 -31.27 -41.94 6.79
N MET E 80 -31.82 -40.80 7.14
CA MET E 80 -32.84 -40.15 6.32
C MET E 80 -32.19 -39.57 5.07
N SER E 81 -32.96 -39.51 3.98
CA SER E 81 -32.48 -38.87 2.77
C SER E 81 -32.58 -37.36 2.91
N ARG E 82 -32.13 -36.65 1.88
CA ARG E 82 -32.21 -35.20 1.93
C ARG E 82 -33.61 -34.67 1.70
N GLN E 83 -34.54 -35.53 1.29
CA GLN E 83 -35.94 -35.13 1.12
C GLN E 83 -36.84 -35.66 2.23
N GLU E 84 -36.32 -36.49 3.13
CA GLU E 84 -37.04 -36.85 4.35
C GLU E 84 -36.56 -36.05 5.54
N LEU E 85 -35.25 -35.78 5.61
CA LEU E 85 -34.70 -34.94 6.66
C LEU E 85 -35.20 -33.51 6.53
N PHE E 86 -35.42 -33.05 5.31
CA PHE E 86 -36.07 -31.76 5.11
C PHE E 86 -37.54 -31.82 5.48
N ALA E 87 -38.14 -33.01 5.44
CA ALA E 87 -39.52 -33.18 5.88
C ALA E 87 -39.62 -33.42 7.38
N ALA E 88 -38.62 -34.04 7.99
CA ALA E 88 -38.66 -34.27 9.43
C ALA E 88 -38.37 -33.01 10.21
N ARG E 89 -37.61 -32.09 9.63
CA ARG E 89 -37.33 -30.81 10.27
C ARG E 89 -38.50 -29.85 10.19
N ALA E 90 -39.56 -30.20 9.49
CA ALA E 90 -40.82 -29.47 9.56
C ALA E 90 -41.62 -29.83 10.79
N ARG E 91 -41.18 -30.82 11.55
CA ARG E 91 -41.84 -31.27 12.76
C ARG E 91 -41.04 -30.92 14.00
N MET E 92 -40.21 -29.89 13.94
CA MET E 92 -39.34 -29.51 15.04
C MET E 92 -39.25 -28.00 15.15
N GLY E 93 -39.19 -27.52 16.39
CA GLY E 93 -38.94 -26.12 16.65
C GLY E 93 -37.78 -25.98 17.59
N MET E 94 -37.26 -24.77 17.71
CA MET E 94 -36.07 -24.53 18.51
C MET E 94 -36.02 -23.06 18.89
N LEU E 95 -36.13 -22.78 20.18
CA LEU E 95 -35.95 -21.44 20.71
C LEU E 95 -34.59 -21.38 21.37
N PHE E 96 -33.68 -20.59 20.82
CA PHE E 96 -32.30 -20.70 21.25
C PHE E 96 -32.02 -19.88 22.51
N GLN E 97 -30.75 -19.82 22.86
CA GLN E 97 -30.29 -19.21 24.10
C GLN E 97 -30.53 -17.71 24.12
N SER E 98 -30.23 -17.05 23.01
CA SER E 98 -30.29 -15.60 22.99
C SER E 98 -31.41 -15.07 22.10
N GLY E 99 -32.31 -15.93 21.65
CA GLY E 99 -33.33 -15.53 20.73
C GLY E 99 -32.72 -15.17 19.39
N ALA E 100 -32.25 -16.19 18.66
CA ALA E 100 -31.44 -15.94 17.47
C ALA E 100 -32.26 -15.41 16.31
N LEU E 101 -32.64 -14.15 16.36
CA LEU E 101 -33.41 -13.55 15.28
C LEU E 101 -32.49 -13.17 14.13
N PHE E 102 -33.08 -12.97 12.96
CA PHE E 102 -32.34 -12.55 11.79
C PHE E 102 -32.37 -11.04 11.66
N THR E 103 -31.33 -10.36 12.15
CA THR E 103 -31.33 -8.91 12.32
C THR E 103 -31.40 -8.12 11.02
N ASP E 104 -31.09 -8.76 9.90
CA ASP E 104 -31.03 -8.05 8.62
C ASP E 104 -32.39 -8.05 7.92
N MET E 105 -33.44 -8.50 8.61
CA MET E 105 -34.77 -8.56 8.00
C MET E 105 -35.81 -8.35 9.08
N SER E 106 -37.00 -7.93 8.66
CA SER E 106 -38.04 -7.45 9.55
C SER E 106 -38.68 -8.54 10.40
N VAL E 107 -39.62 -8.15 11.25
CA VAL E 107 -40.32 -9.10 12.11
C VAL E 107 -41.24 -9.98 11.29
N TYR E 108 -41.95 -9.39 10.32
CA TYR E 108 -42.83 -10.16 9.46
C TYR E 108 -42.04 -11.13 8.58
N GLU E 109 -40.81 -10.77 8.23
CA GLU E 109 -39.98 -11.68 7.47
C GLU E 109 -39.36 -12.76 8.34
N ASN E 110 -39.24 -12.53 9.65
CA ASN E 110 -38.73 -13.57 10.53
C ASN E 110 -39.73 -14.70 10.69
N VAL E 111 -40.99 -14.35 10.96
CA VAL E 111 -42.01 -15.34 11.22
C VAL E 111 -42.39 -16.07 9.95
N ALA E 112 -42.36 -15.40 8.82
CA ALA E 112 -42.70 -16.04 7.54
C ALA E 112 -41.54 -16.84 6.96
N PHE E 113 -40.37 -16.80 7.58
CA PHE E 113 -39.23 -17.54 7.05
C PHE E 113 -39.37 -19.06 7.11
N PRO E 114 -39.92 -19.70 8.17
CA PRO E 114 -40.17 -21.14 8.05
C PRO E 114 -41.34 -21.51 7.15
N ILE E 115 -42.23 -20.58 6.85
CA ILE E 115 -43.36 -20.91 5.97
C ILE E 115 -42.90 -20.87 4.51
N ARG E 116 -42.13 -19.84 4.15
CA ARG E 116 -41.67 -19.70 2.78
C ARG E 116 -40.56 -20.68 2.44
N ALA E 117 -39.88 -21.25 3.44
CA ALA E 117 -38.83 -22.20 3.13
C ALA E 117 -39.39 -23.58 2.84
N HIS E 118 -40.53 -23.91 3.43
CA HIS E 118 -41.11 -25.24 3.29
C HIS E 118 -42.31 -25.28 2.34
N THR E 119 -43.27 -24.39 2.53
CA THR E 119 -44.55 -24.51 1.85
C THR E 119 -44.73 -23.36 0.86
N LYS E 120 -45.61 -23.58 -0.12
CA LYS E 120 -45.76 -22.66 -1.24
C LYS E 120 -47.16 -22.09 -1.20
N LEU E 121 -47.32 -20.93 -0.58
CA LEU E 121 -48.61 -20.32 -0.43
C LEU E 121 -48.59 -18.89 -0.96
N SER E 122 -49.78 -18.33 -1.16
CA SER E 122 -49.89 -16.96 -1.63
C SER E 122 -49.66 -16.00 -0.47
N GLU E 123 -49.54 -14.72 -0.80
CA GLU E 123 -49.24 -13.72 0.21
C GLU E 123 -50.43 -13.40 1.10
N ASN E 124 -51.65 -13.58 0.62
CA ASN E 124 -52.80 -13.26 1.46
C ASN E 124 -53.08 -14.33 2.50
N LEU E 125 -52.46 -15.51 2.38
CA LEU E 125 -52.54 -16.53 3.41
C LEU E 125 -51.34 -16.53 4.33
N ILE E 126 -50.15 -16.18 3.82
CA ILE E 126 -48.98 -16.09 4.67
C ILE E 126 -49.11 -14.90 5.62
N ALA E 127 -49.57 -13.75 5.11
CA ALA E 127 -49.74 -12.58 5.95
C ALA E 127 -50.91 -12.71 6.92
N GLU E 128 -51.77 -13.69 6.74
CA GLU E 128 -52.75 -14.03 7.76
C GLU E 128 -52.16 -14.96 8.81
N LEU E 129 -51.32 -15.91 8.39
CA LEU E 129 -50.77 -16.87 9.32
C LEU E 129 -49.76 -16.23 10.27
N VAL E 130 -48.98 -15.27 9.76
CA VAL E 130 -48.10 -14.49 10.62
C VAL E 130 -48.91 -13.63 11.57
N ALA E 131 -50.06 -13.13 11.13
CA ALA E 131 -50.89 -12.32 12.01
C ALA E 131 -51.62 -13.18 13.04
N LEU E 132 -51.67 -14.49 12.83
CA LEU E 132 -52.20 -15.37 13.86
C LEU E 132 -51.11 -15.90 14.78
N LYS E 133 -49.89 -16.05 14.29
CA LYS E 133 -48.80 -16.50 15.14
C LYS E 133 -48.34 -15.38 16.07
N LEU E 134 -48.21 -14.17 15.55
CA LEU E 134 -47.82 -13.02 16.38
C LEU E 134 -48.93 -12.59 17.32
N GLU E 135 -50.16 -13.04 17.07
CA GLU E 135 -51.24 -12.76 18.01
C GLU E 135 -51.21 -13.70 19.20
N SER E 136 -50.92 -14.99 18.95
CA SER E 136 -50.94 -16.00 20.01
C SER E 136 -49.82 -15.78 21.01
N VAL E 137 -48.73 -15.14 20.59
CA VAL E 137 -47.71 -14.71 21.52
C VAL E 137 -48.13 -13.42 22.22
N GLY E 138 -48.77 -12.52 21.48
CA GLY E 138 -49.23 -11.26 22.06
C GLY E 138 -48.47 -10.07 21.53
N LEU E 139 -48.06 -10.12 20.27
CA LEU E 139 -47.31 -9.04 19.66
C LEU E 139 -47.85 -8.69 18.28
N ARG E 140 -49.17 -8.62 18.17
CA ARG E 140 -49.86 -8.38 16.91
C ARG E 140 -49.71 -7.03 16.23
N GLY E 141 -49.28 -6.01 16.96
CA GLY E 141 -49.16 -4.69 16.36
C GLY E 141 -47.81 -4.47 15.72
N THR E 142 -46.82 -5.26 16.10
CA THR E 142 -45.48 -5.11 15.55
C THR E 142 -45.26 -6.13 14.42
N GLU E 143 -45.35 -5.64 13.19
CA GLU E 143 -45.10 -6.50 12.04
C GLU E 143 -44.23 -5.80 11.01
N GLN E 144 -43.70 -4.62 11.31
CA GLN E 144 -42.96 -3.89 10.29
C GLN E 144 -41.59 -3.41 10.74
N LEU E 145 -41.26 -3.45 12.01
CA LEU E 145 -40.01 -2.90 12.48
C LEU E 145 -38.95 -3.98 12.59
N MET E 146 -37.70 -3.56 12.52
CA MET E 146 -36.56 -4.44 12.55
C MET E 146 -36.32 -4.92 13.98
N PRO E 147 -35.60 -6.03 14.17
CA PRO E 147 -35.36 -6.49 15.56
C PRO E 147 -34.20 -5.78 16.28
N THR E 148 -34.11 -4.48 16.06
CA THR E 148 -33.49 -3.53 16.98
C THR E 148 -34.52 -2.40 17.05
N GLU E 149 -34.67 -1.81 18.25
CA GLU E 149 -35.77 -1.05 18.85
C GLU E 149 -36.81 -2.01 19.40
N LEU E 150 -36.53 -3.30 19.32
CA LEU E 150 -37.26 -4.31 20.07
C LEU E 150 -36.60 -4.49 21.42
N SER E 151 -37.40 -4.45 22.47
CA SER E 151 -36.90 -4.62 23.83
C SER E 151 -36.49 -6.07 24.05
N GLY E 152 -35.71 -6.32 25.09
CA GLY E 152 -35.24 -7.66 25.39
C GLY E 152 -36.34 -8.61 25.78
N GLY E 153 -37.43 -8.09 26.33
CA GLY E 153 -38.57 -8.91 26.66
C GLY E 153 -39.38 -9.32 25.45
N MET E 154 -39.38 -8.51 24.40
CA MET E 154 -40.06 -8.83 23.16
C MET E 154 -39.17 -9.55 22.18
N ASN E 155 -37.87 -9.63 22.44
CA ASN E 155 -36.97 -10.32 21.53
C ASN E 155 -37.21 -11.82 21.57
N ARG E 156 -37.28 -12.40 22.76
CA ARG E 156 -37.51 -13.84 22.89
C ARG E 156 -38.93 -14.23 22.52
N ARG E 157 -39.89 -13.33 22.63
CA ARG E 157 -41.26 -13.67 22.30
C ARG E 157 -41.49 -13.74 20.81
N VAL E 158 -40.76 -12.95 20.02
CA VAL E 158 -40.83 -13.08 18.57
C VAL E 158 -40.21 -14.39 18.13
N ALA E 159 -39.04 -14.73 18.67
CA ALA E 159 -38.37 -15.98 18.34
C ALA E 159 -39.12 -17.21 18.82
N LEU E 160 -40.06 -17.05 19.75
CA LEU E 160 -40.98 -18.14 20.04
C LEU E 160 -42.02 -18.29 18.95
N ALA E 161 -42.47 -17.17 18.37
CA ALA E 161 -43.46 -17.24 17.29
C ALA E 161 -42.86 -17.81 16.02
N ARG E 162 -41.57 -17.61 15.79
CA ARG E 162 -40.93 -18.16 14.60
C ARG E 162 -40.78 -19.66 14.72
N ALA E 163 -40.43 -20.15 15.90
CA ALA E 163 -40.23 -21.58 16.11
C ALA E 163 -41.53 -22.36 16.15
N ILE E 164 -42.67 -21.69 16.28
CA ILE E 164 -43.96 -22.33 16.42
C ILE E 164 -44.81 -22.15 15.18
N ALA E 165 -44.25 -21.51 14.15
CA ALA E 165 -45.03 -21.05 12.99
C ALA E 165 -45.35 -22.16 12.01
N LEU E 166 -45.06 -23.42 12.33
CA LEU E 166 -45.45 -24.52 11.47
C LEU E 166 -46.31 -25.56 12.18
N ASP E 167 -46.65 -25.34 13.45
CA ASP E 167 -47.25 -26.29 14.39
C ASP E 167 -46.47 -27.59 14.42
N PRO E 168 -45.32 -27.62 15.07
CA PRO E 168 -44.58 -28.88 15.18
C PRO E 168 -45.09 -29.72 16.33
N ASP E 169 -44.42 -30.83 16.62
CA ASP E 169 -44.78 -31.63 17.78
C ASP E 169 -43.55 -31.76 18.68
N LEU E 170 -42.58 -30.87 18.49
CA LEU E 170 -41.37 -30.89 19.30
C LEU E 170 -40.77 -29.50 19.27
N ILE E 171 -40.88 -28.78 20.37
CA ILE E 171 -40.28 -27.46 20.50
C ILE E 171 -39.37 -27.46 21.70
N MET E 172 -38.10 -27.13 21.48
CA MET E 172 -37.07 -27.28 22.49
C MET E 172 -36.59 -25.92 22.94
N TYR E 173 -37.09 -25.46 24.09
CA TYR E 173 -36.62 -24.23 24.68
C TYR E 173 -35.24 -24.44 25.25
N ASP E 174 -34.39 -23.43 25.12
CA ASP E 174 -33.02 -23.49 25.61
C ASP E 174 -32.75 -22.30 26.51
N GLU E 175 -32.93 -22.51 27.82
CA GLU E 175 -32.88 -21.51 28.89
C GLU E 175 -33.76 -20.32 28.55
N PRO E 176 -35.08 -20.47 28.62
CA PRO E 176 -35.96 -19.37 28.21
C PRO E 176 -35.96 -18.18 29.15
N PHE E 177 -35.54 -18.37 30.40
CA PHE E 177 -35.36 -17.24 31.30
C PHE E 177 -33.98 -17.23 31.95
N ALA E 178 -32.99 -16.70 31.25
CA ALA E 178 -31.62 -16.64 31.75
C ALA E 178 -31.29 -15.19 32.07
N GLY E 179 -31.50 -14.80 33.32
CA GLY E 179 -31.23 -13.43 33.71
C GLY E 179 -32.26 -12.48 33.16
N GLN E 180 -33.53 -12.70 33.50
CA GLN E 180 -34.60 -11.83 33.06
C GLN E 180 -35.35 -11.35 34.29
N ASP E 181 -36.12 -10.27 34.11
CA ASP E 181 -36.96 -9.68 35.14
C ASP E 181 -38.01 -10.68 35.62
N PRO E 182 -38.51 -10.57 36.84
CA PRO E 182 -39.58 -11.48 37.28
C PRO E 182 -40.91 -11.23 36.58
N ILE E 183 -41.09 -10.10 35.91
CA ILE E 183 -42.26 -9.92 35.07
C ILE E 183 -42.11 -10.68 33.76
N VAL E 184 -40.96 -10.53 33.11
CA VAL E 184 -40.72 -11.19 31.83
C VAL E 184 -40.54 -12.68 32.02
N LYS E 185 -40.00 -13.08 33.18
CA LYS E 185 -40.02 -14.50 33.52
C LYS E 185 -41.43 -14.99 33.78
N GLY E 186 -42.30 -14.12 34.31
CA GLY E 186 -43.67 -14.53 34.58
C GLY E 186 -44.52 -14.64 33.33
N VAL E 187 -44.21 -13.86 32.30
CA VAL E 187 -44.94 -13.97 31.04
C VAL E 187 -44.54 -15.24 30.32
N LEU E 188 -43.24 -15.53 30.27
CA LEU E 188 -42.75 -16.67 29.51
C LEU E 188 -43.08 -18.00 30.15
N THR E 189 -43.29 -18.02 31.47
CA THR E 189 -43.61 -19.31 32.10
C THR E 189 -45.07 -19.67 31.89
N ARG E 190 -45.90 -18.72 31.45
CA ARG E 190 -47.27 -19.03 31.13
C ARG E 190 -47.42 -19.47 29.69
N LEU E 191 -46.62 -18.90 28.79
CA LEU E 191 -46.70 -19.30 27.39
C LEU E 191 -46.14 -20.68 27.14
N ILE E 192 -45.22 -21.14 27.97
CA ILE E 192 -44.78 -22.54 27.88
C ILE E 192 -45.90 -23.47 28.33
N ARG E 193 -46.67 -23.05 29.33
CA ARG E 193 -47.80 -23.86 29.78
C ARG E 193 -48.96 -23.79 28.80
N SER E 194 -49.30 -22.59 28.33
CA SER E 194 -50.47 -22.39 27.49
C SER E 194 -50.33 -22.98 26.09
N LEU E 195 -49.23 -22.67 25.40
CA LEU E 195 -49.10 -23.05 24.00
C LEU E 195 -48.86 -24.55 23.86
N ARG E 196 -48.30 -25.18 24.88
CA ARG E 196 -48.17 -26.63 24.88
C ARG E 196 -49.53 -27.29 24.98
N GLU E 197 -50.38 -26.74 25.84
CA GLU E 197 -51.61 -27.43 26.22
C GLU E 197 -52.66 -27.27 25.14
N ALA E 198 -52.59 -26.19 24.36
CA ALA E 198 -53.57 -25.94 23.32
C ALA E 198 -53.16 -26.46 21.95
N LEU E 199 -51.91 -26.92 21.80
CA LEU E 199 -51.43 -27.36 20.48
C LEU E 199 -50.90 -28.78 20.46
N ASP E 200 -50.96 -29.48 21.60
CA ASP E 200 -50.43 -30.85 21.77
C ASP E 200 -48.94 -30.93 21.42
N LEU E 201 -48.15 -30.06 22.02
CA LEU E 201 -46.72 -30.07 21.76
C LEU E 201 -46.02 -31.08 22.64
N THR E 202 -44.69 -31.09 22.58
CA THR E 202 -43.88 -31.93 23.45
C THR E 202 -42.59 -31.16 23.70
N THR E 203 -42.52 -30.50 24.84
CA THR E 203 -41.47 -29.52 25.05
C THR E 203 -40.25 -30.15 25.72
N ILE E 204 -39.11 -29.52 25.51
CA ILE E 204 -37.87 -29.85 26.22
C ILE E 204 -37.29 -28.54 26.74
N ILE E 205 -37.14 -28.43 28.05
CA ILE E 205 -36.58 -27.24 28.68
C ILE E 205 -35.21 -27.60 29.23
N VAL E 206 -34.18 -26.98 28.67
CA VAL E 206 -32.84 -27.07 29.24
C VAL E 206 -32.71 -25.79 30.04
N SER E 207 -32.33 -25.91 31.31
CA SER E 207 -32.25 -24.79 32.23
C SER E 207 -31.51 -25.23 33.48
N HIS E 208 -31.08 -24.25 34.28
CA HIS E 208 -30.66 -24.52 35.65
C HIS E 208 -31.35 -23.46 36.52
N ASP E 209 -32.58 -23.76 36.91
CA ASP E 209 -33.34 -22.95 37.84
C ASP E 209 -34.33 -23.85 38.57
N VAL E 210 -33.90 -24.39 39.70
CA VAL E 210 -34.60 -25.41 40.48
C VAL E 210 -36.05 -25.05 40.88
N PRO E 211 -36.42 -23.78 41.29
CA PRO E 211 -37.83 -23.52 41.63
C PRO E 211 -38.86 -23.74 40.52
N GLU E 212 -38.68 -23.16 39.33
CA GLU E 212 -39.64 -23.39 38.26
C GLU E 212 -39.49 -24.77 37.62
N THR E 213 -38.27 -25.29 37.56
CA THR E 213 -38.06 -26.52 36.81
C THR E 213 -38.60 -27.72 37.56
N LEU E 214 -38.72 -27.61 38.89
CA LEU E 214 -39.44 -28.65 39.62
C LEU E 214 -40.94 -28.48 39.52
N SER E 215 -41.41 -27.28 39.14
CA SER E 215 -42.85 -27.02 39.11
C SER E 215 -43.39 -26.76 37.72
N ILE E 216 -42.62 -27.04 36.67
CA ILE E 216 -43.11 -26.91 35.31
C ILE E 216 -42.85 -28.17 34.51
N ALA E 217 -42.01 -29.06 35.01
CA ALA E 217 -41.64 -30.24 34.26
C ALA E 217 -42.39 -31.44 34.82
N ASP E 218 -42.36 -32.54 34.08
CA ASP E 218 -43.02 -33.76 34.51
C ASP E 218 -42.05 -34.93 34.51
N TYR E 219 -40.84 -34.74 33.98
CA TYR E 219 -39.82 -35.78 33.97
C TYR E 219 -38.48 -35.09 33.78
N ILE E 220 -37.60 -35.23 34.76
CA ILE E 220 -36.37 -34.45 34.80
C ILE E 220 -35.16 -35.36 34.69
N TYR E 221 -34.32 -35.11 33.69
CA TYR E 221 -33.02 -35.75 33.58
C TYR E 221 -31.95 -34.80 34.11
N VAL E 222 -31.02 -35.33 34.88
CA VAL E 222 -29.89 -34.55 35.40
C VAL E 222 -28.60 -35.21 34.94
N VAL E 223 -27.89 -34.56 34.02
CA VAL E 223 -26.66 -35.09 33.46
C VAL E 223 -25.53 -34.24 34.03
N ALA E 224 -24.42 -34.88 34.41
CA ALA E 224 -23.37 -34.18 35.13
C ALA E 224 -22.03 -34.16 34.41
N GLU E 225 -21.53 -35.32 33.97
CA GLU E 225 -20.24 -35.34 33.29
C GLU E 225 -20.22 -36.29 32.09
N GLY E 226 -21.38 -36.78 31.68
CA GLY E 226 -21.43 -37.74 30.61
C GLY E 226 -22.40 -38.88 30.84
N LYS E 227 -23.10 -38.86 31.95
CA LYS E 227 -24.09 -39.89 32.24
C LYS E 227 -25.20 -39.27 33.08
N ILE E 228 -26.23 -40.06 33.34
CA ILE E 228 -27.37 -39.58 34.10
C ILE E 228 -27.07 -39.75 35.58
N GLN E 229 -27.26 -38.69 36.35
CA GLN E 229 -27.18 -38.77 37.80
C GLN E 229 -28.51 -39.12 38.45
N GLY E 230 -29.62 -39.00 37.72
CA GLY E 230 -30.92 -39.28 38.29
C GLY E 230 -32.04 -38.88 37.37
N GLU E 231 -33.19 -39.56 37.48
CA GLU E 231 -34.29 -39.30 36.58
C GLU E 231 -35.59 -39.64 37.29
N GLY E 232 -36.69 -39.19 36.70
CA GLY E 232 -37.97 -39.50 37.25
C GLY E 232 -38.84 -38.28 37.43
N THR E 233 -40.07 -38.51 37.83
CA THR E 233 -41.02 -37.47 38.17
C THR E 233 -40.48 -36.69 39.37
N PRO E 234 -40.81 -35.39 39.50
CA PRO E 234 -40.20 -34.59 40.58
C PRO E 234 -40.62 -34.97 42.01
N GLU E 235 -41.46 -35.99 42.19
CA GLU E 235 -41.65 -36.54 43.52
C GLU E 235 -40.47 -37.40 43.90
N GLU E 236 -40.22 -38.44 43.10
CA GLU E 236 -39.20 -39.44 43.34
C GLU E 236 -37.80 -38.98 42.99
N LEU E 237 -37.66 -37.81 42.36
CA LEU E 237 -36.32 -37.29 42.14
C LEU E 237 -35.71 -36.84 43.46
N GLN E 238 -36.51 -36.22 44.31
CA GLN E 238 -36.04 -35.80 45.62
C GLN E 238 -36.13 -36.91 46.65
N ALA E 239 -36.87 -37.98 46.35
CA ALA E 239 -36.96 -39.11 47.27
C ALA E 239 -35.87 -40.14 47.00
N TYR E 240 -35.43 -40.26 45.75
CA TYR E 240 -34.32 -41.14 45.38
C TYR E 240 -33.04 -40.35 45.19
N ALA E 241 -32.82 -39.37 46.06
CA ALA E 241 -31.76 -38.37 45.90
C ALA E 241 -30.38 -39.03 46.01
N SER E 242 -29.72 -39.16 44.86
CA SER E 242 -28.33 -39.54 44.74
C SER E 242 -27.47 -38.45 45.40
N PRO E 243 -26.25 -38.76 45.87
CA PRO E 243 -25.45 -37.71 46.54
C PRO E 243 -24.98 -36.58 45.65
N PHE E 244 -25.13 -36.69 44.34
CA PHE E 244 -24.88 -35.54 43.49
C PHE E 244 -26.14 -34.76 43.17
N VAL E 245 -27.28 -35.44 43.02
CA VAL E 245 -28.52 -34.74 42.77
C VAL E 245 -28.99 -34.00 44.02
N LYS E 246 -28.72 -34.56 45.20
CA LYS E 246 -29.16 -33.93 46.44
C LYS E 246 -28.42 -32.63 46.68
N GLN E 247 -27.15 -32.56 46.29
CA GLN E 247 -26.42 -31.31 46.37
C GLN E 247 -26.83 -30.34 45.27
N PHE E 248 -27.25 -30.86 44.12
CA PHE E 248 -27.58 -29.99 43.00
C PHE E 248 -28.89 -29.26 43.24
N LEU E 249 -29.93 -29.99 43.65
CA LEU E 249 -31.25 -29.39 43.83
C LEU E 249 -31.31 -28.48 45.04
N THR E 250 -30.40 -28.62 46.00
CA THR E 250 -30.41 -27.80 47.20
C THR E 250 -29.35 -26.73 47.23
N GLY E 251 -28.23 -26.93 46.54
CA GLY E 251 -27.14 -25.98 46.62
C GLY E 251 -26.40 -26.07 47.94
N SER E 252 -26.05 -27.28 48.35
CA SER E 252 -25.43 -27.50 49.65
C SER E 252 -23.91 -27.52 49.49
N ALA E 253 -23.23 -27.57 50.64
CA ALA E 253 -21.77 -27.55 50.68
C ALA E 253 -21.18 -28.91 50.97
N GLU E 254 -21.98 -29.97 50.89
CA GLU E 254 -21.49 -31.34 51.11
C GLU E 254 -21.90 -32.21 49.93
N GLY E 255 -20.94 -32.99 49.42
CA GLY E 255 -21.19 -33.85 48.29
C GLY E 255 -19.92 -34.10 47.50
N PRO E 256 -20.05 -34.53 46.25
CA PRO E 256 -18.87 -34.86 45.45
C PRO E 256 -18.21 -33.68 44.76
N VAL E 257 -18.85 -32.51 44.71
CA VAL E 257 -18.22 -31.31 44.17
C VAL E 257 -17.86 -30.41 45.36
N GLU E 258 -16.65 -29.87 45.33
CA GLU E 258 -16.00 -29.37 46.54
C GLU E 258 -16.02 -27.84 46.58
N TYR E 259 -15.75 -27.31 47.77
CA TYR E 259 -15.60 -25.88 47.99
C TYR E 259 -14.17 -25.44 47.70
N GLN E 260 -13.21 -26.01 48.42
CA GLN E 260 -11.82 -25.60 48.35
C GLN E 260 -11.21 -26.00 47.02
N PHE E 261 -10.14 -25.31 46.63
CA PHE E 261 -9.40 -25.71 45.44
C PHE E 261 -8.44 -26.86 45.74
N SER E 262 -7.50 -26.63 46.65
CA SER E 262 -6.55 -27.65 47.05
C SER E 262 -6.52 -27.75 48.57
N HIS E 263 -5.93 -28.83 49.07
CA HIS E 263 -5.84 -29.07 50.51
C HIS E 263 -4.40 -29.25 50.96
N GLN E 264 -3.82 -28.16 51.47
CA GLN E 264 -2.45 -28.18 51.95
C GLN E 264 -2.36 -27.39 53.25
N ALA E 265 -3.39 -27.53 54.08
CA ALA E 265 -3.43 -26.82 55.34
C ALA E 265 -3.33 -25.33 55.06
N TYR E 266 -2.10 -24.82 55.04
CA TYR E 266 -1.84 -23.41 54.77
C TYR E 266 -0.42 -23.04 55.17
N LEU E 267 0.35 -24.05 55.56
CA LEU E 267 1.73 -23.84 55.98
C LEU E 267 2.69 -24.65 55.12
N ASP E 268 2.15 -25.56 54.32
CA ASP E 268 2.97 -26.40 53.45
C ASP E 268 3.37 -25.63 52.20
N ASN E 269 2.65 -24.55 51.91
CA ASN E 269 3.07 -23.56 50.94
C ASN E 269 3.96 -22.55 51.62
N GLU E 270 5.01 -22.14 50.93
CA GLU E 270 5.83 -21.00 51.32
C GLU E 270 5.69 -19.98 50.21
N VAL E 271 5.19 -18.80 50.53
CA VAL E 271 4.92 -17.79 49.53
C VAL E 271 6.21 -17.06 49.18
N ARG E 272 6.93 -17.60 48.19
CA ARG E 272 8.23 -17.06 47.81
C ARG E 272 8.17 -16.42 46.44
N VAL F 1 -59.92 -31.81 2.32
CA VAL F 1 -59.44 -31.81 0.94
C VAL F 1 -60.56 -31.25 0.05
N VAL F 2 -61.79 -31.66 0.33
CA VAL F 2 -62.96 -31.24 -0.44
C VAL F 2 -63.96 -30.59 0.49
N GLN F 3 -64.78 -29.70 -0.08
CA GLN F 3 -65.85 -29.05 0.66
C GLN F 3 -67.06 -28.89 -0.25
N TYR F 4 -68.25 -29.14 0.28
CA TYR F 4 -69.46 -29.06 -0.54
C TYR F 4 -70.29 -27.81 -0.27
N LEU F 5 -71.59 -27.92 -0.52
CA LEU F 5 -72.48 -26.78 -0.32
C LEU F 5 -73.90 -27.19 0.10
N ASN F 6 -74.67 -27.73 -0.84
CA ASN F 6 -76.05 -28.11 -0.53
C ASN F 6 -76.71 -26.79 -0.17
N GLN F 7 -76.80 -26.53 1.13
CA GLN F 7 -77.33 -25.26 1.61
C GLN F 7 -76.44 -24.70 2.70
N GLU F 8 -75.57 -25.55 3.21
CA GLU F 8 -74.63 -25.24 4.29
C GLU F 8 -73.28 -25.82 3.91
N LEU F 9 -72.29 -24.96 3.66
CA LEU F 9 -70.97 -25.45 3.26
C LEU F 9 -70.30 -26.15 4.43
N VAL F 10 -69.91 -27.40 4.19
CA VAL F 10 -69.21 -28.20 5.19
C VAL F 10 -67.80 -28.47 4.67
N VAL F 11 -66.82 -28.30 5.54
CA VAL F 11 -65.42 -28.55 5.20
C VAL F 11 -65.06 -29.94 5.70
N SER F 12 -64.49 -30.74 4.81
CA SER F 12 -64.17 -32.12 5.13
C SER F 12 -62.70 -32.37 4.82
N GLY F 13 -62.18 -33.46 5.36
CA GLY F 13 -60.81 -33.84 5.12
C GLY F 13 -59.83 -33.07 6.01
N LYS F 14 -58.65 -32.84 5.45
CA LYS F 14 -57.54 -32.25 6.19
C LYS F 14 -57.06 -31.00 5.45
N ILE F 15 -56.65 -29.98 6.21
CA ILE F 15 -56.15 -28.74 5.63
C ILE F 15 -54.74 -28.52 6.16
N ASP F 16 -53.73 -28.91 5.38
CA ASP F 16 -52.35 -28.71 5.82
C ASP F 16 -51.36 -28.54 4.67
N PHE F 17 -51.10 -27.29 4.28
CA PHE F 17 -49.87 -26.83 3.64
C PHE F 17 -49.62 -27.37 2.22
N GLU F 18 -50.45 -28.29 1.74
CA GLU F 18 -50.43 -28.64 0.33
C GLU F 18 -51.83 -28.94 -0.19
N ASN F 19 -52.85 -28.46 0.52
CA ASN F 19 -54.20 -28.41 -0.06
C ASN F 19 -54.90 -27.12 0.30
N ALA F 20 -54.18 -26.13 0.83
CA ALA F 20 -54.81 -24.94 1.36
C ALA F 20 -54.89 -23.81 0.35
N GLU F 21 -54.44 -24.02 -0.88
CA GLU F 21 -54.53 -22.96 -1.86
C GLU F 21 -55.74 -23.10 -2.77
N GLN F 22 -56.15 -24.32 -3.09
CA GLN F 22 -57.41 -24.46 -3.81
C GLN F 22 -58.60 -24.50 -2.87
N GLN F 23 -58.41 -24.96 -1.63
CA GLN F 23 -59.52 -25.04 -0.69
C GLN F 23 -59.93 -23.67 -0.18
N TYR F 24 -59.01 -22.72 -0.15
CA TYR F 24 -59.38 -21.36 0.21
C TYR F 24 -60.16 -20.69 -0.91
N GLN F 25 -59.81 -20.96 -2.16
CA GLN F 25 -60.41 -20.23 -3.26
C GLN F 25 -61.68 -20.89 -3.77
N ALA F 26 -61.82 -22.20 -3.54
CA ALA F 26 -63.07 -22.87 -3.88
C ALA F 26 -64.21 -22.40 -2.99
N GLY F 27 -63.91 -22.11 -1.72
CA GLY F 27 -64.89 -21.50 -0.86
C GLY F 27 -65.08 -20.01 -1.08
N LEU F 28 -64.08 -19.35 -1.68
CA LEU F 28 -64.19 -17.90 -1.90
C LEU F 28 -65.19 -17.59 -2.99
N ALA F 29 -65.28 -18.43 -4.02
CA ALA F 29 -66.27 -18.21 -5.07
C ALA F 29 -67.67 -18.50 -4.59
N ILE F 30 -67.82 -19.33 -3.55
CA ILE F 30 -69.13 -19.69 -3.00
C ILE F 30 -69.81 -18.49 -2.38
N ILE F 31 -69.04 -17.58 -1.77
CA ILE F 31 -69.58 -16.46 -1.03
C ILE F 31 -70.31 -15.48 -1.95
N LYS F 32 -69.84 -15.32 -3.19
CA LYS F 32 -70.39 -14.26 -4.03
C LYS F 32 -71.63 -14.71 -4.80
N LYS F 33 -71.99 -15.99 -4.72
CA LYS F 33 -73.25 -16.45 -5.32
C LYS F 33 -74.37 -16.49 -4.28
N GLN F 34 -74.05 -16.10 -3.05
CA GLN F 34 -74.96 -16.30 -1.93
C GLN F 34 -75.13 -14.98 -1.19
N THR F 35 -76.29 -14.37 -1.39
CA THR F 35 -76.59 -13.06 -0.82
C THR F 35 -77.50 -13.21 0.41
N SER F 36 -77.54 -12.13 1.21
CA SER F 36 -78.25 -11.96 2.48
C SER F 36 -77.69 -12.87 3.58
N PHE F 37 -76.39 -13.17 3.52
CA PHE F 37 -75.52 -13.91 4.44
C PHE F 37 -76.12 -15.06 5.25
N PRO F 38 -76.73 -16.08 4.64
CA PRO F 38 -77.08 -17.28 5.43
C PRO F 38 -75.97 -18.31 5.46
N LEU F 39 -74.76 -17.97 5.00
CA LEU F 39 -73.68 -18.93 4.86
C LEU F 39 -73.05 -19.22 6.21
N ILE F 40 -73.76 -20.01 7.01
CA ILE F 40 -73.27 -20.40 8.33
C ILE F 40 -72.53 -21.72 8.16
N VAL F 41 -71.38 -21.86 8.81
CA VAL F 41 -70.54 -23.02 8.57
C VAL F 41 -70.84 -24.08 9.62
N ASP F 42 -70.96 -25.33 9.18
CA ASP F 42 -71.09 -26.45 10.09
C ASP F 42 -69.90 -27.38 9.95
N LEU F 43 -68.70 -26.80 10.05
CA LEU F 43 -67.47 -27.56 9.92
C LEU F 43 -67.36 -28.59 11.02
N LYS F 44 -67.43 -29.86 10.65
CA LYS F 44 -67.35 -30.94 11.64
C LYS F 44 -66.60 -32.17 11.16
N GLN F 45 -66.33 -32.28 9.85
CA GLN F 45 -65.58 -33.43 9.36
C GLN F 45 -64.08 -33.20 9.44
N LEU F 46 -63.65 -32.04 9.92
CA LEU F 46 -62.24 -31.77 10.16
C LEU F 46 -61.71 -32.71 11.23
N GLU F 47 -60.47 -33.15 11.09
CA GLU F 47 -59.90 -34.08 12.05
C GLU F 47 -58.56 -33.60 12.59
N HIS F 48 -57.88 -32.73 11.86
CA HIS F 48 -56.55 -32.30 12.24
C HIS F 48 -56.34 -30.81 12.05
N GLY F 49 -57.30 -29.99 12.47
CA GLY F 49 -57.20 -28.54 12.42
C GLY F 49 -55.99 -27.99 13.15
N ASN F 50 -55.09 -27.37 12.40
CA ASN F 50 -53.78 -27.03 12.93
C ASN F 50 -53.40 -25.60 12.58
N THR F 51 -54.34 -24.68 12.87
CA THR F 51 -54.15 -23.22 12.90
C THR F 51 -54.02 -22.61 11.50
N LEU F 52 -53.74 -23.43 10.49
CA LEU F 52 -53.80 -23.00 9.11
C LEU F 52 -55.25 -23.12 8.67
N ALA F 53 -55.93 -24.11 9.24
CA ALA F 53 -57.36 -24.27 9.01
C ALA F 53 -58.14 -23.13 9.61
N LEU F 54 -57.61 -22.50 10.66
CA LEU F 54 -58.19 -21.25 11.12
C LEU F 54 -57.81 -20.12 10.19
N ALA F 55 -56.63 -20.19 9.57
CA ALA F 55 -56.15 -19.08 8.76
C ALA F 55 -56.95 -18.91 7.48
N VAL F 56 -57.38 -20.03 6.89
CA VAL F 56 -58.24 -19.93 5.71
C VAL F 56 -59.66 -19.60 6.12
N LEU F 57 -59.99 -19.83 7.38
CA LEU F 57 -61.36 -19.64 7.84
C LEU F 57 -61.63 -18.18 8.13
N VAL F 58 -60.65 -17.47 8.68
CA VAL F 58 -60.82 -16.04 8.92
C VAL F 58 -60.78 -15.29 7.60
N GLN F 59 -60.03 -15.81 6.62
CA GLN F 59 -59.89 -15.11 5.35
C GLN F 59 -61.16 -15.17 4.52
N TRP F 60 -62.03 -16.14 4.79
CA TRP F 60 -63.35 -16.12 4.19
C TRP F 60 -64.21 -15.02 4.82
N LEU F 61 -63.97 -14.74 6.10
CA LEU F 61 -64.75 -13.70 6.78
C LEU F 61 -64.27 -12.31 6.38
N ARG F 62 -63.05 -12.21 5.85
CA ARG F 62 -62.50 -10.90 5.50
C ARG F 62 -63.19 -10.32 4.27
N GLN F 63 -63.55 -11.16 3.31
CA GLN F 63 -64.07 -10.66 2.04
C GLN F 63 -65.60 -10.81 1.99
N THR F 64 -66.22 -10.65 3.16
CA THR F 64 -67.66 -10.77 3.28
C THR F 64 -68.32 -9.41 3.52
N PRO F 65 -69.64 -9.36 3.38
CA PRO F 65 -70.36 -8.09 3.61
C PRO F 65 -70.01 -7.54 4.99
N GLN F 66 -70.06 -6.22 5.15
CA GLN F 66 -69.73 -5.60 6.43
C GLN F 66 -68.43 -6.16 6.99
N LYS F 67 -68.55 -7.23 7.77
CA LYS F 67 -67.38 -7.87 8.36
C LYS F 67 -67.79 -9.18 9.02
N SER F 68 -69.08 -9.50 8.93
CA SER F 68 -69.59 -10.74 9.52
C SER F 68 -70.81 -11.26 8.78
N GLY F 69 -70.65 -12.38 8.09
CA GLY F 69 -71.71 -13.00 7.34
C GLY F 69 -71.77 -14.48 7.61
N LEU F 70 -70.68 -15.01 8.16
CA LEU F 70 -70.60 -16.43 8.46
C LEU F 70 -70.65 -16.66 9.97
N HIS F 71 -71.39 -17.69 10.38
CA HIS F 71 -71.39 -18.14 11.75
C HIS F 71 -70.97 -19.60 11.80
N PHE F 72 -70.15 -19.95 12.78
CA PHE F 72 -69.52 -21.25 12.81
C PHE F 72 -70.18 -22.13 13.86
N LYS F 73 -70.33 -23.40 13.51
CA LYS F 73 -70.99 -24.32 14.40
C LYS F 73 -70.43 -25.73 14.38
N ASN F 74 -70.51 -26.35 15.55
CA ASN F 74 -70.06 -27.71 15.81
C ASN F 74 -68.55 -27.88 15.66
N VAL F 75 -67.77 -27.16 16.45
CA VAL F 75 -66.30 -27.16 16.35
C VAL F 75 -65.73 -28.48 16.82
N PRO F 76 -64.66 -29.01 16.21
CA PRO F 76 -64.24 -30.40 16.50
C PRO F 76 -63.36 -30.54 17.74
N GLU F 77 -63.84 -30.05 18.89
CA GLU F 77 -63.21 -30.02 20.22
C GLU F 77 -61.78 -29.46 20.29
N LYS F 78 -61.25 -28.91 19.20
CA LYS F 78 -59.84 -28.59 19.19
C LYS F 78 -59.60 -27.27 18.49
N MET F 79 -60.46 -26.94 17.53
CA MET F 79 -60.35 -25.68 16.82
C MET F 79 -60.70 -24.51 17.72
N LEU F 80 -61.62 -24.73 18.65
CA LEU F 80 -61.95 -23.68 19.59
C LEU F 80 -60.85 -23.48 20.62
N LYS F 81 -60.04 -24.50 20.89
CA LYS F 81 -58.88 -24.34 21.77
C LYS F 81 -57.86 -23.39 21.15
N ILE F 82 -57.69 -23.49 19.84
CA ILE F 82 -56.93 -22.53 19.07
C ILE F 82 -57.51 -21.12 19.17
N ILE F 83 -58.83 -21.00 19.23
CA ILE F 83 -59.48 -19.69 19.18
C ILE F 83 -59.25 -18.89 20.47
N GLN F 84 -59.34 -19.55 21.62
CA GLN F 84 -59.06 -18.85 22.86
C GLN F 84 -57.58 -18.48 22.99
N ALA F 85 -56.69 -19.28 22.39
CA ALA F 85 -55.27 -18.96 22.43
C ALA F 85 -54.97 -17.69 21.66
N CYS F 86 -55.69 -17.43 20.58
CA CYS F 86 -55.57 -16.20 19.82
C CYS F 86 -56.59 -15.15 20.25
N HIS F 87 -57.40 -15.45 21.28
CA HIS F 87 -58.40 -14.55 21.86
C HIS F 87 -59.39 -14.03 20.81
N LEU F 88 -59.99 -14.95 20.07
CA LEU F 88 -60.79 -14.60 18.90
C LEU F 88 -62.27 -14.85 19.11
N GLN F 89 -62.67 -15.35 20.27
CA GLN F 89 -64.07 -15.67 20.48
C GLN F 89 -64.86 -14.51 21.06
N GLU F 90 -64.42 -13.28 20.80
CA GLU F 90 -65.30 -12.10 20.77
C GLU F 90 -65.58 -11.73 19.31
N ASP F 91 -65.10 -12.55 18.37
CA ASP F 91 -65.09 -12.13 16.98
C ASP F 91 -65.65 -13.20 16.05
N LEU F 92 -65.99 -14.35 16.60
CA LEU F 92 -66.55 -15.45 15.82
C LEU F 92 -67.80 -15.94 16.52
N HIS F 93 -68.92 -15.96 15.81
CA HIS F 93 -70.19 -16.41 16.37
C HIS F 93 -70.18 -17.93 16.52
N LEU F 94 -69.59 -18.38 17.63
CA LEU F 94 -69.38 -19.79 17.88
C LEU F 94 -70.59 -20.43 18.55
N VAL F 95 -71.62 -19.64 18.80
CA VAL F 95 -72.79 -20.12 19.51
C VAL F 95 -74.01 -20.14 18.57
N SER G 3 8.49 -12.20 31.27
CA SER G 3 9.24 -10.97 31.52
C SER G 3 10.63 -11.06 30.94
N ARG G 4 11.15 -12.29 30.84
CA ARG G 4 12.49 -12.45 30.28
C ARG G 4 12.44 -12.59 28.78
N THR G 5 11.48 -13.36 28.27
CA THR G 5 11.43 -13.62 26.84
C THR G 5 10.71 -12.49 26.11
N SER G 6 9.97 -11.65 26.83
CA SER G 6 9.39 -10.48 26.21
C SER G 6 10.44 -9.41 25.99
N GLU G 7 11.28 -9.14 27.00
CA GLU G 7 12.29 -8.12 26.86
C GLU G 7 13.46 -8.61 26.00
N LEU G 8 13.55 -9.92 25.79
CA LEU G 8 14.55 -10.44 24.87
C LEU G 8 14.15 -10.16 23.43
N ALA G 9 12.86 -10.32 23.10
CA ALA G 9 12.42 -10.23 21.72
C ALA G 9 12.30 -8.78 21.25
N VAL G 10 12.44 -7.83 22.19
CA VAL G 10 12.62 -6.44 21.79
C VAL G 10 14.10 -6.17 21.55
N GLY G 11 14.97 -6.98 22.16
CA GLY G 11 16.40 -6.78 21.96
C GLY G 11 16.85 -7.29 20.61
N ILE G 12 16.21 -8.33 20.10
CA ILE G 12 16.56 -8.86 18.79
C ILE G 12 15.77 -8.14 17.71
N PHE G 13 14.92 -7.20 18.12
CA PHE G 13 14.24 -6.32 17.17
C PHE G 13 15.06 -5.05 16.95
N VAL G 14 15.84 -4.66 17.94
CA VAL G 14 16.74 -3.52 17.80
C VAL G 14 17.97 -3.90 16.99
N ILE G 15 18.41 -5.15 17.11
CA ILE G 15 19.59 -5.63 16.41
C ILE G 15 19.35 -5.65 14.90
N ILE G 16 18.16 -6.05 14.47
CA ILE G 16 17.88 -6.14 13.04
C ILE G 16 17.67 -4.74 12.46
N PHE G 17 17.14 -3.82 13.26
CA PHE G 17 16.99 -2.45 12.79
C PHE G 17 18.35 -1.76 12.70
N GLY G 18 19.30 -2.17 13.53
CA GLY G 18 20.64 -1.61 13.43
C GLY G 18 21.36 -2.05 12.17
N ILE G 19 21.12 -3.29 11.74
CA ILE G 19 21.74 -3.81 10.52
C ILE G 19 21.17 -3.10 9.30
N ALA G 20 19.86 -2.91 9.28
CA ALA G 20 19.22 -2.35 8.09
C ALA G 20 19.25 -0.83 8.09
N LEU G 21 19.81 -0.23 9.15
CA LEU G 21 20.14 1.19 9.10
C LEU G 21 21.56 1.37 8.59
N PHE G 22 22.45 0.45 8.95
CA PHE G 22 23.83 0.49 8.47
C PHE G 22 23.87 0.18 6.99
N PHE G 23 23.03 -0.75 6.54
CA PHE G 23 22.99 -1.15 5.14
C PHE G 23 22.51 -0.02 4.25
N LEU G 24 21.62 0.81 4.76
CA LEU G 24 21.14 1.96 4.01
C LEU G 24 22.26 2.99 3.88
N ALA G 25 22.94 3.26 4.99
CA ALA G 25 24.05 4.20 4.98
C ALA G 25 25.23 3.72 4.16
N MET G 26 25.96 2.74 4.65
CA MET G 26 27.14 2.25 3.94
C MET G 26 26.92 1.04 3.03
N LYS G 27 26.40 1.30 1.84
CA LYS G 27 26.16 0.25 0.86
C LYS G 27 25.22 0.75 -0.24
N VAL G 28 24.66 1.94 -0.03
CA VAL G 28 23.75 2.52 -1.00
C VAL G 28 23.45 3.97 -0.64
N SER G 29 24.50 4.77 -0.47
CA SER G 29 24.36 6.17 -0.14
C SER G 29 25.70 6.77 0.29
N GLY G 30 26.52 5.95 0.94
CA GLY G 30 27.83 6.39 1.38
C GLY G 30 27.74 7.49 2.43
N LEU G 31 28.73 7.54 3.31
CA LEU G 31 28.76 8.55 4.36
C LEU G 31 30.17 9.11 4.58
N VAL G 32 30.53 10.08 3.75
CA VAL G 32 31.84 10.72 3.84
C VAL G 32 31.81 12.00 4.66
N GLY G 33 30.62 12.50 4.99
CA GLY G 33 30.44 13.50 6.03
C GLY G 33 30.92 14.90 5.76
N THR G 34 30.58 15.80 6.68
CA THR G 34 30.95 17.21 6.62
C THR G 34 32.00 17.47 7.71
N ASN G 35 32.64 16.41 8.20
CA ASN G 35 33.73 16.52 9.17
C ASN G 35 34.78 15.46 8.84
N LEU G 36 35.80 15.88 8.09
CA LEU G 36 36.99 15.05 7.85
C LEU G 36 37.99 15.34 8.96
N SER G 37 39.24 14.94 8.74
CA SER G 37 40.29 15.18 9.72
C SER G 37 40.43 16.69 9.91
N ASP G 38 40.19 17.16 11.12
CA ASP G 38 40.26 18.58 11.41
C ASP G 38 39.11 19.28 10.69
N GLY G 39 39.37 19.79 9.49
CA GLY G 39 38.35 20.43 8.69
C GLY G 39 38.28 21.94 8.71
N TYR G 40 39.11 22.58 7.90
CA TYR G 40 39.10 24.04 7.81
C TYR G 40 38.09 24.45 6.75
N THR G 41 38.13 25.71 6.30
CA THR G 41 37.20 26.15 5.27
C THR G 41 37.85 27.25 4.45
N MET G 42 38.04 27.00 3.16
CA MET G 42 38.52 27.98 2.20
C MET G 42 37.34 28.50 1.39
N LYS G 43 37.65 29.30 0.36
CA LYS G 43 36.59 29.87 -0.47
C LYS G 43 37.14 30.23 -1.85
N ALA G 44 36.21 30.54 -2.76
CA ALA G 44 36.51 31.06 -4.09
C ALA G 44 35.32 31.88 -4.57
N GLN G 45 35.46 32.52 -5.73
CA GLN G 45 34.44 33.41 -6.25
C GLN G 45 34.24 33.18 -7.74
N PHE G 46 33.03 32.78 -8.12
CA PHE G 46 32.67 32.47 -9.49
C PHE G 46 31.78 33.54 -10.08
N ASP G 47 31.45 33.37 -11.35
CA ASP G 47 30.37 34.10 -11.99
C ASP G 47 29.17 33.24 -12.31
N ASN G 48 29.38 31.95 -12.61
CA ASN G 48 28.35 31.07 -13.13
C ASN G 48 28.39 29.77 -12.35
N VAL G 49 27.59 29.67 -11.30
CA VAL G 49 27.57 28.49 -10.43
C VAL G 49 26.44 27.55 -10.76
N ASN G 50 25.80 27.73 -11.93
CA ASN G 50 24.48 27.21 -12.28
C ASN G 50 24.24 25.73 -12.01
N GLY G 51 23.13 25.42 -11.36
CA GLY G 51 22.79 24.06 -11.01
C GLY G 51 23.68 23.48 -9.93
N LEU G 52 23.69 24.11 -8.76
CA LEU G 52 24.55 23.65 -7.67
C LEU G 52 23.80 23.80 -6.36
N LYS G 53 23.16 22.72 -5.95
CA LYS G 53 22.43 22.65 -4.70
C LYS G 53 23.41 22.58 -3.54
N PRO G 54 22.96 22.77 -2.28
CA PRO G 54 23.80 22.43 -1.13
C PRO G 54 24.24 20.98 -1.09
N ARG G 55 25.29 20.71 -0.31
CA ARG G 55 25.92 19.40 -0.12
C ARG G 55 26.44 18.81 -1.42
N ALA G 56 27.41 19.47 -2.05
CA ALA G 56 28.04 18.92 -3.25
C ALA G 56 29.26 18.10 -2.85
N LYS G 57 30.04 17.68 -3.83
CA LYS G 57 31.33 17.04 -3.60
C LYS G 57 32.42 18.07 -3.83
N VAL G 58 33.55 17.88 -3.14
CA VAL G 58 34.75 18.67 -3.36
C VAL G 58 35.87 17.70 -3.71
N THR G 59 36.19 17.59 -4.98
CA THR G 59 37.11 16.56 -5.46
C THR G 59 38.47 17.17 -5.77
N MET G 60 39.50 16.60 -5.15
CA MET G 60 40.84 17.15 -5.26
C MET G 60 41.49 16.73 -6.58
N SER G 61 41.71 15.44 -6.77
CA SER G 61 42.28 14.90 -7.99
C SER G 61 41.62 13.60 -8.40
N GLY G 62 40.50 13.25 -7.79
CA GLY G 62 39.81 12.02 -8.10
C GLY G 62 39.22 11.38 -6.87
N VAL G 63 39.45 11.99 -5.71
CA VAL G 63 38.94 11.49 -4.44
C VAL G 63 38.19 12.61 -3.74
N THR G 64 37.07 12.27 -3.10
CA THR G 64 36.28 13.26 -2.40
C THR G 64 36.96 13.67 -1.11
N ILE G 65 37.13 14.98 -0.90
CA ILE G 65 37.81 15.51 0.27
C ILE G 65 36.95 16.46 1.09
N GLY G 66 35.74 16.78 0.65
CA GLY G 66 34.94 17.72 1.41
C GLY G 66 33.51 17.78 0.94
N ARG G 67 32.82 18.84 1.37
CA ARG G 67 31.43 19.07 1.03
C ARG G 67 31.11 20.56 1.03
N VAL G 68 30.60 21.04 -0.11
CA VAL G 68 30.24 22.43 -0.33
C VAL G 68 29.15 22.85 0.65
N ASP G 69 29.33 24.02 1.27
CA ASP G 69 28.49 24.47 2.37
C ASP G 69 27.23 25.19 1.89
N SER G 70 27.40 26.34 1.25
CA SER G 70 26.32 27.22 0.80
C SER G 70 26.93 28.29 -0.09
N ILE G 71 26.12 28.82 -1.00
CA ILE G 71 26.54 29.85 -1.95
C ILE G 71 25.77 31.12 -1.63
N THR G 72 26.44 32.27 -1.70
CA THR G 72 25.86 33.56 -1.42
C THR G 72 26.38 34.57 -2.43
N LEU G 73 25.46 35.39 -2.95
CA LEU G 73 25.75 36.37 -4.00
C LEU G 73 25.74 37.76 -3.39
N ASP G 74 26.91 38.40 -3.35
CA ASP G 74 26.93 39.77 -2.86
C ASP G 74 26.61 40.73 -4.00
N PRO G 75 25.56 41.55 -3.87
CA PRO G 75 25.13 42.40 -4.99
C PRO G 75 26.05 43.58 -5.24
N VAL G 76 27.00 43.81 -4.34
CA VAL G 76 27.94 44.92 -4.44
C VAL G 76 28.94 44.66 -5.56
N THR G 77 29.12 43.39 -5.93
CA THR G 77 30.02 43.03 -7.01
C THR G 77 29.47 41.95 -7.94
N ARG G 78 28.29 41.39 -7.64
CA ARG G 78 27.48 40.53 -8.52
C ARG G 78 28.08 39.16 -8.78
N LEU G 79 29.24 38.85 -8.20
CA LEU G 79 29.84 37.55 -8.42
C LEU G 79 29.63 36.63 -7.23
N ALA G 80 29.20 35.41 -7.49
CA ALA G 80 28.83 34.49 -6.43
C ALA G 80 30.06 33.95 -5.72
N THR G 81 29.95 33.84 -4.39
CA THR G 81 31.02 33.30 -3.57
C THR G 81 30.51 32.06 -2.85
N VAL G 82 31.39 31.14 -2.55
CA VAL G 82 31.04 29.90 -1.89
C VAL G 82 32.22 29.44 -1.03
N THR G 83 31.91 29.00 0.19
CA THR G 83 32.91 28.47 1.11
C THR G 83 32.75 26.96 1.17
N PHE G 84 33.87 26.25 1.26
CA PHE G 84 33.87 24.80 1.25
C PHE G 84 34.95 24.29 2.18
N ASP G 85 34.74 23.11 2.75
CA ASP G 85 35.68 22.51 3.68
C ASP G 85 36.60 21.57 2.93
N LEU G 86 37.80 21.35 3.48
CA LEU G 86 38.81 20.53 2.86
C LEU G 86 39.36 19.51 3.85
N ASP G 87 40.44 18.84 3.47
CA ASP G 87 41.20 17.96 4.35
C ASP G 87 42.59 18.53 4.51
N GLY G 88 43.33 18.01 5.48
CA GLY G 88 44.68 18.47 5.72
C GLY G 88 45.68 17.34 5.65
N LYS G 89 45.19 16.12 5.59
CA LYS G 89 46.03 14.94 5.41
C LYS G 89 46.15 14.55 3.95
N LEU G 90 45.35 15.16 3.07
CA LEU G 90 45.38 14.90 1.64
C LEU G 90 45.80 16.13 0.86
N THR G 91 45.63 17.31 1.45
CA THR G 91 45.99 18.55 0.77
C THR G 91 47.25 19.19 1.30
N SER G 92 47.87 18.65 2.35
CA SER G 92 49.04 19.28 2.93
C SER G 92 49.82 18.25 3.72
N PHE G 93 51.01 18.67 4.15
CA PHE G 93 51.96 17.80 4.83
C PHE G 93 51.69 17.74 6.33
N ASN G 94 51.90 16.58 6.96
CA ASN G 94 52.11 16.53 8.40
C ASN G 94 53.29 15.61 8.68
N ALA G 95 54.49 16.14 8.51
CA ALA G 95 55.71 15.33 8.49
C ALA G 95 56.90 16.30 8.54
N GLU G 96 58.10 15.83 8.22
CA GLU G 96 59.20 16.71 7.82
C GLU G 96 59.02 17.11 6.35
N GLN G 97 57.92 16.63 5.77
CA GLN G 97 57.57 17.00 4.41
C GLN G 97 57.45 18.52 4.40
N LEU G 98 56.80 19.08 5.43
CA LEU G 98 56.68 20.54 5.50
C LEU G 98 58.03 21.21 5.27
N LYS G 99 59.10 20.59 5.75
CA LYS G 99 60.43 21.16 5.61
C LYS G 99 61.16 20.63 4.39
N GLU G 100 60.65 19.56 3.78
CA GLU G 100 61.28 19.02 2.57
C GLU G 100 61.13 19.98 1.40
N VAL G 101 60.00 20.67 1.30
CA VAL G 101 59.74 21.51 0.13
C VAL G 101 60.50 22.82 0.15
N GLN G 102 61.16 23.17 1.27
CA GLN G 102 61.94 24.39 1.31
C GLN G 102 63.22 24.24 0.49
N LYS G 103 63.75 23.01 0.42
CA LYS G 103 65.10 22.81 -0.09
C LYS G 103 65.14 22.78 -1.61
N ASN G 104 63.99 22.60 -2.26
CA ASN G 104 63.94 22.69 -3.72
C ASN G 104 63.55 24.09 -4.17
N ALA G 105 62.81 24.82 -3.32
CA ALA G 105 62.35 26.16 -3.68
C ALA G 105 63.52 27.15 -3.77
N LEU G 106 64.49 27.02 -2.85
CA LEU G 106 65.70 27.84 -2.96
C LEU G 106 66.71 27.22 -3.89
N ASP G 107 66.45 26.01 -4.40
CA ASP G 107 67.38 25.36 -5.32
C ASP G 107 67.19 25.89 -6.74
N GLU G 108 65.95 26.19 -7.13
CA GLU G 108 65.70 26.62 -8.50
C GLU G 108 65.59 28.13 -8.62
N LEU G 109 65.05 28.81 -7.60
CA LEU G 109 64.80 30.25 -7.70
C LEU G 109 66.09 31.04 -7.50
N ARG G 110 66.70 30.93 -6.32
CA ARG G 110 67.95 31.61 -6.05
C ARG G 110 69.15 30.71 -6.34
N TYR G 111 69.20 30.19 -7.56
CA TYR G 111 70.25 29.29 -8.01
C TYR G 111 71.49 30.07 -8.41
N SER G 112 72.42 29.37 -9.08
CA SER G 112 73.69 29.97 -9.48
C SER G 112 73.49 31.00 -10.59
N SER G 113 72.42 30.87 -11.37
CA SER G 113 72.11 31.89 -12.37
C SER G 113 71.48 33.11 -11.74
N ASP G 114 70.35 32.93 -11.05
CA ASP G 114 69.64 34.05 -10.45
C ASP G 114 70.08 34.36 -9.03
N TYR G 115 71.34 34.06 -8.68
CA TYR G 115 71.89 34.52 -7.40
C TYR G 115 71.95 36.04 -7.36
N THR G 116 72.66 36.65 -8.30
CA THR G 116 72.71 38.10 -8.44
C THR G 116 71.63 38.62 -9.38
N GLN G 117 70.41 38.14 -9.16
CA GLN G 117 69.20 38.69 -9.77
C GLN G 117 68.13 39.04 -8.74
N ALA G 118 67.96 38.24 -7.69
CA ALA G 118 67.28 38.64 -6.47
C ALA G 118 68.33 39.18 -5.51
N THR G 119 68.00 39.28 -4.22
CA THR G 119 68.95 39.69 -3.19
C THR G 119 70.08 38.68 -3.11
N PRO G 120 71.31 39.04 -3.52
CA PRO G 120 72.37 38.02 -3.64
C PRO G 120 73.08 37.70 -2.34
N ALA G 121 72.74 38.43 -1.28
CA ALA G 121 73.23 38.13 0.06
C ALA G 121 72.06 38.01 1.01
N GLN G 122 70.98 37.40 0.54
CA GLN G 122 69.75 37.33 1.31
C GLN G 122 69.89 36.35 2.48
N GLN G 123 69.58 36.85 3.68
CA GLN G 123 69.59 36.01 4.87
C GLN G 123 68.20 35.92 5.46
N LYS G 124 67.57 37.06 5.71
CA LYS G 124 66.22 37.07 6.29
C LYS G 124 65.18 36.75 5.23
N THR G 125 65.47 37.09 3.97
CA THR G 125 64.61 36.71 2.86
C THR G 125 64.70 35.21 2.64
N MET G 126 65.89 34.64 2.87
CA MET G 126 66.03 33.19 2.88
C MET G 126 65.42 32.60 4.14
N GLU G 127 65.41 33.36 5.24
CA GLU G 127 64.72 32.92 6.44
C GLU G 127 63.23 33.17 6.36
N GLN G 128 62.79 33.99 5.41
CA GLN G 128 61.36 34.11 5.13
C GLN G 128 60.81 32.82 4.55
N GLN G 129 61.64 32.08 3.81
CA GLN G 129 61.31 30.74 3.36
C GLN G 129 61.15 29.77 4.52
N LEU G 130 61.84 30.00 5.64
CA LEU G 130 61.77 29.09 6.77
C LEU G 130 60.49 29.29 7.58
N ILE G 131 59.79 30.40 7.38
CA ILE G 131 58.59 30.65 8.15
C ILE G 131 57.34 30.62 7.26
N SER G 132 57.44 31.11 6.01
CA SER G 132 56.27 31.12 5.12
C SER G 132 55.85 29.72 4.70
N ASN G 133 56.80 28.78 4.66
CA ASN G 133 56.47 27.42 4.29
C ASN G 133 55.89 26.63 5.46
N MET G 134 56.05 27.14 6.68
CA MET G 134 55.74 26.29 7.84
C MET G 134 54.35 26.53 8.42
N ASN G 135 53.79 27.74 8.31
CA ASN G 135 52.52 28.00 8.98
C ASN G 135 51.35 27.83 8.02
N SER G 136 50.50 26.84 8.34
CA SER G 136 49.26 26.53 7.64
C SER G 136 49.38 26.38 6.13
N ILE G 137 50.37 25.62 5.66
CA ILE G 137 50.70 25.53 4.25
C ILE G 137 49.89 24.40 3.64
N THR G 138 49.77 24.43 2.31
CA THR G 138 49.07 23.40 1.55
C THR G 138 49.95 22.93 0.40
N SER G 139 49.55 21.81 -0.20
CA SER G 139 50.22 21.33 -1.41
C SER G 139 49.76 22.11 -2.63
N ILE G 140 48.60 22.77 -2.50
CA ILE G 140 48.00 23.58 -3.56
C ILE G 140 48.92 24.74 -3.89
N ASP G 141 49.21 24.93 -5.17
CA ASP G 141 50.00 26.06 -5.62
C ASP G 141 49.24 27.36 -5.43
N GLU G 142 49.96 28.48 -5.57
CA GLU G 142 49.30 29.78 -5.50
C GLU G 142 48.35 29.96 -6.68
N ASP G 143 48.70 29.40 -7.84
CA ASP G 143 47.94 29.57 -9.06
C ASP G 143 47.46 28.22 -9.58
N ALA G 144 46.36 27.76 -9.01
CA ALA G 144 45.60 26.65 -9.56
C ALA G 144 44.57 27.20 -10.54
N TYR G 145 43.58 26.38 -10.88
CA TYR G 145 42.28 26.89 -11.30
C TYR G 145 41.20 25.93 -10.85
N ILE G 146 40.22 26.45 -10.14
CA ILE G 146 39.08 25.69 -9.67
C ILE G 146 37.98 25.81 -10.73
N MET G 147 37.07 24.84 -10.76
CA MET G 147 36.05 24.78 -11.80
C MET G 147 34.89 23.93 -11.32
N VAL G 148 33.71 24.26 -11.83
CA VAL G 148 32.53 23.43 -11.68
C VAL G 148 32.53 22.44 -12.83
N ALA G 149 32.66 21.16 -12.52
CA ALA G 149 32.66 20.12 -13.52
C ALA G 149 31.44 19.23 -13.33
N THR G 150 31.05 18.53 -14.39
CA THR G 150 29.91 17.65 -14.35
C THR G 150 30.37 16.23 -14.10
N ASN G 151 29.42 15.39 -13.68
CA ASN G 151 29.72 14.02 -13.29
C ASN G 151 29.45 13.10 -14.46
N GLY G 152 30.52 12.68 -15.13
CA GLY G 152 30.36 11.80 -16.28
C GLY G 152 29.92 12.52 -17.53
N LEU G 153 28.65 12.36 -17.90
CA LEU G 153 28.10 13.04 -19.07
C LEU G 153 27.03 14.06 -18.75
N LEU G 154 26.01 13.75 -17.96
CA LEU G 154 24.97 14.69 -17.62
C LEU G 154 24.60 14.61 -16.15
N GLY G 155 25.56 14.27 -15.31
CA GLY G 155 25.34 14.05 -13.89
C GLY G 155 25.19 15.33 -13.10
N GLU G 156 25.50 15.24 -11.81
CA GLU G 156 25.37 16.37 -10.93
C GLU G 156 26.59 17.28 -11.07
N LYS G 157 26.66 18.35 -10.28
CA LYS G 157 27.76 19.28 -10.41
C LYS G 157 28.46 19.40 -9.07
N TYR G 158 29.78 19.58 -9.14
CA TYR G 158 30.62 19.66 -7.96
C TYR G 158 31.71 20.69 -8.22
N LEU G 159 32.75 20.69 -7.38
CA LEU G 159 33.93 21.51 -7.58
C LEU G 159 35.16 20.62 -7.71
N LYS G 160 36.04 20.96 -8.64
CA LYS G 160 37.27 20.20 -8.86
C LYS G 160 38.43 21.16 -9.05
N ILE G 161 39.49 20.97 -8.28
CA ILE G 161 40.66 21.85 -8.29
C ILE G 161 41.71 21.22 -9.21
N VAL G 162 42.35 22.04 -10.03
CA VAL G 162 43.43 21.58 -10.91
C VAL G 162 44.70 22.31 -10.49
N PRO G 163 45.51 21.76 -9.59
CA PRO G 163 46.80 22.38 -9.28
C PRO G 163 47.78 22.28 -10.45
N GLY G 164 48.63 23.29 -10.56
CA GLY G 164 49.72 23.25 -11.52
C GLY G 164 50.38 24.59 -11.64
N GLY G 165 51.58 24.59 -12.22
CA GLY G 165 52.37 25.76 -12.59
C GLY G 165 52.88 26.57 -11.41
N GLY G 166 53.85 27.43 -11.70
CA GLY G 166 54.52 28.29 -10.73
C GLY G 166 55.13 27.58 -9.53
N LEU G 167 55.52 28.35 -8.51
CA LEU G 167 55.87 27.78 -7.21
C LEU G 167 55.69 28.80 -6.10
N ASN G 168 54.52 28.80 -5.48
CA ASN G 168 54.21 29.46 -4.20
C ASN G 168 52.99 28.75 -3.64
N TYR G 169 52.89 28.75 -2.31
CA TYR G 169 51.89 27.94 -1.64
C TYR G 169 51.06 28.82 -0.73
N LEU G 170 49.76 28.57 -0.70
CA LEU G 170 48.81 29.47 -0.06
C LEU G 170 48.27 28.86 1.23
N LYS G 171 47.78 29.72 2.11
CA LYS G 171 47.43 29.32 3.47
C LYS G 171 46.06 28.65 3.53
N ARG G 172 45.55 28.49 4.75
CA ARG G 172 44.26 27.86 5.01
C ARG G 172 43.25 28.94 5.35
N GLY G 173 42.14 28.96 4.62
CA GLY G 173 41.07 29.91 4.89
C GLY G 173 41.04 31.07 3.92
N ASP G 174 41.80 30.96 2.83
CA ASP G 174 41.99 32.04 1.89
C ASP G 174 41.07 31.87 0.68
N THR G 175 41.26 32.73 -0.31
CA THR G 175 40.42 32.74 -1.51
C THR G 175 41.28 32.34 -2.70
N ILE G 176 40.90 31.27 -3.37
CA ILE G 176 41.52 30.92 -4.63
C ILE G 176 41.03 31.90 -5.67
N SER G 177 41.91 32.82 -6.10
CA SER G 177 41.56 33.88 -7.02
C SER G 177 41.58 33.44 -8.48
N ASN G 178 41.61 32.13 -8.73
CA ASN G 178 41.70 31.58 -10.07
C ASN G 178 40.57 30.57 -10.25
N THR G 179 39.45 31.01 -10.82
CA THR G 179 38.26 30.18 -10.98
C THR G 179 37.85 30.15 -12.44
N GLN G 180 36.82 29.33 -12.69
CA GLN G 180 36.00 29.41 -13.90
C GLN G 180 34.67 28.73 -13.59
N GLY G 181 33.59 29.25 -14.14
CA GLY G 181 32.27 28.76 -13.80
C GLY G 181 31.90 27.50 -14.55
N THR G 182 30.62 27.12 -14.43
CA THR G 182 30.10 25.95 -15.12
C THR G 182 29.92 26.21 -16.61
N MET G 183 29.47 25.20 -17.34
CA MET G 183 29.34 25.34 -18.79
C MET G 183 28.14 24.50 -19.23
N ASP G 184 27.01 25.17 -19.46
CA ASP G 184 25.81 24.51 -19.95
C ASP G 184 25.85 24.44 -21.47
N LEU G 185 24.74 24.06 -22.09
CA LEU G 185 24.67 23.94 -23.54
C LEU G 185 24.79 25.30 -24.21
N GLU G 186 24.03 26.28 -23.74
CA GLU G 186 24.11 27.62 -24.33
C GLU G 186 25.56 28.06 -24.45
N ASP G 187 26.21 28.20 -23.31
CA ASP G 187 27.60 28.63 -23.25
C ASP G 187 28.49 27.83 -24.22
N LEU G 188 28.20 26.55 -24.38
CA LEU G 188 28.98 25.72 -25.28
C LEU G 188 28.85 26.24 -26.71
N ILE G 189 27.62 26.35 -27.18
CA ILE G 189 27.35 26.84 -28.52
C ILE G 189 28.04 28.19 -28.67
N SER G 190 28.05 28.97 -27.59
CA SER G 190 28.69 30.28 -27.60
C SER G 190 30.16 30.12 -27.94
N LYS G 191 30.91 29.51 -27.02
CA LYS G 191 32.33 29.28 -27.21
C LYS G 191 32.61 28.76 -28.61
N PHE G 192 31.66 28.01 -29.16
CA PHE G 192 31.83 27.47 -30.50
C PHE G 192 31.76 28.60 -31.52
N ILE G 193 30.54 29.06 -31.82
CA ILE G 193 30.35 30.14 -32.77
C ILE G 193 30.98 31.43 -32.28
N SER H 3 -21.27 20.38 27.60
CA SER H 3 -19.85 20.25 27.27
C SER H 3 -19.66 19.67 25.88
N ARG H 4 -20.77 19.35 25.21
CA ARG H 4 -20.68 18.79 23.86
C ARG H 4 -20.28 19.85 22.85
N THR H 5 -20.67 21.11 23.09
CA THR H 5 -20.30 22.18 22.18
C THR H 5 -18.86 22.62 22.40
N SER H 6 -18.27 22.24 23.54
CA SER H 6 -16.85 22.47 23.75
C SER H 6 -16.04 21.43 23.00
N GLU H 7 -16.71 20.34 22.61
CA GLU H 7 -16.08 19.27 21.86
C GLU H 7 -16.11 19.62 20.37
N LEU H 8 -17.21 20.22 19.91
CA LEU H 8 -17.35 20.60 18.52
C LEU H 8 -16.55 21.87 18.21
N ALA H 9 -16.26 22.67 19.23
CA ALA H 9 -15.42 23.84 19.03
C ALA H 9 -13.99 23.45 18.75
N VAL H 10 -13.53 22.35 19.34
CA VAL H 10 -12.18 21.87 19.06
C VAL H 10 -12.16 21.14 17.73
N GLY H 11 -13.25 20.45 17.39
CA GLY H 11 -13.29 19.69 16.15
C GLY H 11 -13.27 20.57 14.91
N ILE H 12 -13.79 21.80 15.03
CA ILE H 12 -13.64 22.77 13.94
C ILE H 12 -12.25 23.38 14.00
N PHE H 13 -11.69 23.50 15.20
CA PHE H 13 -10.41 24.17 15.37
C PHE H 13 -9.27 23.33 14.80
N VAL H 14 -9.45 22.02 14.67
CA VAL H 14 -8.40 21.18 14.10
C VAL H 14 -8.41 21.30 12.58
N ILE H 15 -9.59 21.23 11.97
CA ILE H 15 -9.69 21.22 10.51
C ILE H 15 -9.38 22.61 9.94
N ILE H 16 -9.68 23.66 10.70
CA ILE H 16 -9.23 25.00 10.34
C ILE H 16 -7.71 25.08 10.39
N PHE H 17 -7.11 24.48 11.41
CA PHE H 17 -5.66 24.38 11.48
C PHE H 17 -5.13 23.36 10.49
N GLY H 18 -5.96 22.42 10.05
CA GLY H 18 -5.51 21.43 9.09
C GLY H 18 -5.50 21.97 7.67
N ILE H 19 -6.31 22.99 7.41
CA ILE H 19 -6.26 23.67 6.11
C ILE H 19 -5.16 24.72 6.12
N ALA H 20 -4.91 25.33 7.27
CA ALA H 20 -3.88 26.36 7.37
C ALA H 20 -2.49 25.76 7.42
N LEU H 21 -2.38 24.44 7.41
CA LEU H 21 -1.10 23.80 7.13
C LEU H 21 -1.10 23.13 5.77
N PHE H 22 -2.25 23.16 5.09
CA PHE H 22 -2.29 22.70 3.71
C PHE H 22 -1.84 23.82 2.78
N PHE H 23 -2.38 25.01 2.97
CA PHE H 23 -2.06 26.12 2.08
C PHE H 23 -0.71 26.74 2.44
N LEU H 24 -0.17 26.41 3.61
CA LEU H 24 1.20 26.81 3.90
C LEU H 24 2.17 25.79 3.36
N ALA H 25 1.72 24.55 3.15
CA ALA H 25 2.59 23.55 2.55
C ALA H 25 2.68 23.73 1.05
N MET H 26 1.64 24.30 0.44
CA MET H 26 1.69 24.59 -0.98
C MET H 26 2.41 25.92 -1.25
N LYS H 27 2.66 26.69 -0.19
CA LYS H 27 3.47 27.89 -0.35
C LYS H 27 4.95 27.53 -0.46
N VAL H 28 5.39 26.57 0.36
CA VAL H 28 6.82 26.28 0.49
C VAL H 28 7.33 25.55 -0.74
N SER H 29 6.52 24.64 -1.30
CA SER H 29 6.87 23.95 -2.54
C SER H 29 6.98 24.92 -3.70
N GLY H 30 6.07 25.88 -3.75
CA GLY H 30 6.11 26.88 -4.80
C GLY H 30 5.06 26.60 -5.84
N LEU H 31 4.34 25.51 -5.65
CA LEU H 31 3.34 25.03 -6.60
C LEU H 31 2.16 25.96 -6.72
N VAL H 32 1.73 26.65 -5.66
CA VAL H 32 0.92 27.86 -5.79
C VAL H 32 1.60 28.92 -4.94
N GLY H 33 1.29 30.19 -5.21
CA GLY H 33 1.88 31.29 -4.47
C GLY H 33 3.35 31.47 -4.77
N THR H 34 3.97 32.42 -4.06
CA THR H 34 5.39 32.69 -4.25
C THR H 34 6.01 33.01 -2.89
N ASN H 35 7.06 32.26 -2.55
CA ASN H 35 7.68 32.32 -1.23
C ASN H 35 8.89 33.26 -1.22
N LEU H 36 8.66 34.52 -1.55
CA LEU H 36 9.71 35.52 -1.46
C LEU H 36 9.19 36.78 -0.79
N SER H 37 10.11 37.52 -0.19
CA SER H 37 9.83 38.82 0.39
C SER H 37 10.43 39.86 -0.56
N ASP H 38 10.01 41.13 -0.39
CA ASP H 38 10.38 42.25 -1.24
C ASP H 38 10.07 41.95 -2.70
N GLY H 39 8.79 41.78 -3.02
CA GLY H 39 8.40 41.43 -4.36
C GLY H 39 8.02 42.61 -5.23
N TYR H 40 8.60 42.68 -6.41
CA TYR H 40 8.24 43.70 -7.40
C TYR H 40 8.47 43.09 -8.77
N THR H 41 7.84 43.68 -9.78
CA THR H 41 7.85 43.12 -11.12
C THR H 41 8.67 44.00 -12.06
N MET H 42 9.21 43.38 -13.10
CA MET H 42 9.76 44.04 -14.27
C MET H 42 9.28 43.28 -15.49
N LYS H 43 9.78 43.64 -16.68
CA LYS H 43 9.39 42.92 -17.89
C LYS H 43 10.45 43.06 -18.96
N ALA H 44 10.39 42.17 -19.95
CA ALA H 44 11.31 42.13 -21.06
C ALA H 44 10.58 41.78 -22.34
N GLN H 45 11.29 41.88 -23.47
CA GLN H 45 10.72 41.61 -24.79
C GLN H 45 11.63 40.66 -25.53
N PHE H 46 11.14 39.48 -25.87
CA PHE H 46 11.89 38.45 -26.55
C PHE H 46 11.31 38.21 -27.93
N ASP H 47 11.98 37.34 -28.70
CA ASP H 47 11.48 36.90 -30.00
C ASP H 47 11.36 35.39 -30.08
N ASN H 48 11.84 34.68 -29.07
CA ASN H 48 11.69 33.23 -29.00
C ASN H 48 11.79 32.75 -27.56
N VAL H 49 10.65 32.49 -26.93
CA VAL H 49 10.62 32.01 -25.55
C VAL H 49 10.13 30.58 -25.51
N ASN H 50 10.47 29.79 -26.54
CA ASN H 50 9.94 28.44 -26.64
C ASN H 50 10.52 27.54 -25.57
N GLY H 51 9.64 26.81 -24.89
CA GLY H 51 10.03 25.94 -23.81
C GLY H 51 10.11 26.60 -22.45
N LEU H 52 9.72 27.87 -22.34
CA LEU H 52 9.83 28.62 -21.11
C LEU H 52 8.45 28.76 -20.50
N LYS H 53 8.20 28.04 -19.41
CA LYS H 53 6.96 27.89 -18.67
C LYS H 53 6.91 28.87 -17.50
N PRO H 54 5.72 29.29 -17.08
CA PRO H 54 5.63 30.16 -15.90
C PRO H 54 6.01 29.42 -14.63
N ARG H 55 6.35 30.19 -13.59
CA ARG H 55 7.00 29.75 -12.37
C ARG H 55 8.31 29.01 -12.66
N ALA H 56 9.06 29.50 -13.65
CA ALA H 56 10.44 29.07 -13.86
C ALA H 56 11.37 29.84 -12.92
N LYS H 57 12.68 29.77 -13.12
CA LYS H 57 13.56 30.47 -12.20
C LYS H 57 14.35 31.53 -12.96
N VAL H 58 14.66 32.61 -12.24
CA VAL H 58 15.42 33.73 -12.77
C VAL H 58 16.75 33.79 -12.03
N THR H 59 17.85 33.72 -12.76
CA THR H 59 19.18 33.72 -12.16
C THR H 59 19.96 35.00 -12.44
N MET H 60 20.84 35.36 -11.52
CA MET H 60 21.66 36.56 -11.66
C MET H 60 23.11 36.20 -11.94
N SER H 61 23.46 34.94 -11.72
CA SER H 61 24.83 34.47 -11.95
C SER H 61 25.02 33.09 -11.37
N GLY H 62 23.91 32.46 -11.01
CA GLY H 62 23.94 31.13 -10.43
C GLY H 62 23.02 31.03 -9.23
N VAL H 63 22.91 32.13 -8.50
CA VAL H 63 22.06 32.17 -7.31
C VAL H 63 20.64 32.62 -7.66
N THR H 64 19.71 31.66 -7.67
CA THR H 64 18.33 31.96 -7.97
C THR H 64 17.86 33.20 -7.21
N ILE H 65 17.13 34.08 -7.87
CA ILE H 65 16.64 35.28 -7.23
C ILE H 65 15.15 35.52 -7.47
N GLY H 66 14.53 34.87 -8.44
CA GLY H 66 13.14 35.20 -8.74
C GLY H 66 12.46 34.13 -9.57
N ARG H 67 11.24 34.47 -10.01
CA ARG H 67 10.41 33.55 -10.78
C ARG H 67 9.80 34.27 -11.97
N VAL H 68 9.10 33.51 -12.80
CA VAL H 68 8.40 34.03 -13.97
C VAL H 68 6.90 33.91 -13.73
N ASP H 69 6.12 34.87 -14.24
CA ASP H 69 4.68 34.85 -14.05
C ASP H 69 3.89 34.67 -15.36
N SER H 70 4.12 35.52 -16.35
CA SER H 70 3.23 35.50 -17.50
C SER H 70 4.02 35.64 -18.79
N ILE H 71 3.55 34.97 -19.83
CA ILE H 71 4.08 35.08 -21.18
C ILE H 71 2.91 35.48 -22.06
N THR H 72 2.96 36.69 -22.63
CA THR H 72 1.87 37.21 -23.44
C THR H 72 2.43 37.72 -24.76
N LEU H 73 1.77 37.35 -25.85
CA LEU H 73 2.23 37.65 -27.20
C LEU H 73 1.43 38.81 -27.76
N ASP H 74 2.12 39.89 -28.12
CA ASP H 74 1.47 41.05 -28.70
C ASP H 74 1.50 40.96 -30.22
N PRO H 75 0.34 40.95 -30.89
CA PRO H 75 0.33 40.55 -32.31
C PRO H 75 0.73 41.66 -33.27
N VAL H 76 0.89 42.89 -32.78
CA VAL H 76 1.21 44.01 -33.67
C VAL H 76 2.67 43.96 -34.09
N THR H 77 3.51 43.28 -33.30
CA THR H 77 4.93 43.24 -33.55
C THR H 77 5.53 41.84 -33.57
N ARG H 78 4.74 40.83 -33.22
CA ARG H 78 5.22 39.46 -33.19
C ARG H 78 6.36 39.33 -32.18
N LEU H 79 6.11 39.79 -30.96
CA LEU H 79 7.11 39.73 -29.90
C LEU H 79 6.42 39.35 -28.61
N ALA H 80 7.08 38.50 -27.82
CA ALA H 80 6.50 38.07 -26.56
C ALA H 80 6.65 39.15 -25.49
N THR H 81 6.19 38.84 -24.30
CA THR H 81 6.33 39.75 -23.16
C THR H 81 6.33 38.90 -21.90
N VAL H 82 7.45 38.89 -21.20
CA VAL H 82 7.62 38.08 -20.01
C VAL H 82 7.54 38.98 -18.80
N THR H 83 6.61 38.67 -17.90
CA THR H 83 6.48 39.37 -16.64
C THR H 83 7.12 38.53 -15.55
N PHE H 84 8.25 38.98 -15.02
CA PHE H 84 8.89 38.26 -13.94
C PHE H 84 8.92 39.12 -12.70
N ASP H 85 8.83 38.48 -11.54
CA ASP H 85 8.86 39.16 -10.25
C ASP H 85 10.05 38.70 -9.45
N LEU H 86 10.71 39.63 -8.78
CA LEU H 86 11.98 39.33 -8.14
C LEU H 86 11.84 39.33 -6.62
N ASP H 87 12.76 38.61 -5.95
CA ASP H 87 13.06 38.79 -4.53
C ASP H 87 14.21 39.80 -4.57
N GLY H 88 13.86 41.07 -4.48
CA GLY H 88 14.84 42.12 -4.62
C GLY H 88 15.81 42.25 -3.48
N LYS H 89 15.52 41.65 -2.33
CA LYS H 89 16.38 41.71 -1.16
C LYS H 89 17.77 41.16 -1.42
N LEU H 90 17.89 40.24 -2.36
CA LEU H 90 19.17 39.70 -2.81
C LEU H 90 19.75 40.48 -3.98
N THR H 91 19.05 41.52 -4.45
CA THR H 91 19.61 42.31 -5.54
C THR H 91 19.33 43.80 -5.42
N SER H 92 18.75 44.26 -4.31
CA SER H 92 18.63 45.69 -4.09
C SER H 92 19.79 46.16 -3.23
N PHE H 93 19.70 47.40 -2.74
CA PHE H 93 20.78 48.01 -1.98
C PHE H 93 20.22 48.60 -0.70
N ASN H 94 20.82 48.26 0.43
CA ASN H 94 20.45 48.83 1.72
C ASN H 94 21.06 50.22 1.89
N ALA H 95 21.07 50.69 3.14
CA ALA H 95 21.50 52.04 3.49
C ALA H 95 22.93 52.36 3.05
N GLU H 96 23.90 51.52 3.40
CA GLU H 96 25.28 51.79 2.98
C GLU H 96 25.54 51.29 1.57
N GLN H 97 24.85 50.24 1.11
CA GLN H 97 25.15 49.66 -0.20
C GLN H 97 24.69 50.56 -1.32
N LEU H 98 23.64 51.36 -1.07
CA LEU H 98 23.19 52.33 -2.05
C LEU H 98 24.22 53.43 -2.24
N LYS H 99 24.84 53.88 -1.15
CA LYS H 99 25.89 54.88 -1.26
C LYS H 99 27.17 54.27 -1.81
N GLU H 100 27.39 52.97 -1.58
CA GLU H 100 28.59 52.32 -2.06
C GLU H 100 28.59 52.14 -3.58
N VAL H 101 27.41 52.16 -4.20
CA VAL H 101 27.34 52.06 -5.65
C VAL H 101 27.06 53.39 -6.34
N GLN H 102 26.74 54.43 -5.57
CA GLN H 102 26.51 55.74 -6.18
C GLN H 102 27.82 56.40 -6.60
N LYS H 103 28.84 56.29 -5.75
CA LYS H 103 30.03 57.10 -5.92
C LYS H 103 30.99 56.55 -6.97
N ASN H 104 31.03 55.22 -7.14
CA ASN H 104 32.09 54.60 -7.93
C ASN H 104 31.89 54.80 -9.43
N ALA H 105 30.69 54.52 -9.94
CA ALA H 105 30.45 54.72 -11.36
C ALA H 105 30.36 56.21 -11.70
N LEU H 106 29.98 57.04 -10.73
CA LEU H 106 29.94 58.48 -10.95
C LEU H 106 31.35 59.07 -11.02
N ASP H 107 32.26 58.60 -10.18
CA ASP H 107 33.64 59.07 -10.26
C ASP H 107 34.36 58.50 -11.47
N GLU H 108 33.90 57.34 -11.96
CA GLU H 108 34.47 56.77 -13.17
C GLU H 108 33.89 57.42 -14.42
N LEU H 109 32.63 57.84 -14.38
CA LEU H 109 32.06 58.59 -15.50
C LEU H 109 32.66 59.99 -15.57
N ARG H 110 32.94 60.58 -14.40
CA ARG H 110 33.62 61.87 -14.34
C ARG H 110 35.10 61.70 -14.65
N TYR H 111 35.38 61.58 -15.94
CA TYR H 111 36.74 61.37 -16.42
C TYR H 111 37.47 62.70 -16.55
N SER H 112 38.64 62.64 -17.21
CA SER H 112 39.44 63.85 -17.37
C SER H 112 38.84 64.78 -18.41
N SER H 113 38.74 64.32 -19.66
CA SER H 113 38.28 65.20 -20.74
C SER H 113 36.77 65.33 -20.75
N ASP H 114 36.06 64.45 -20.04
CA ASP H 114 34.61 64.54 -19.96
C ASP H 114 34.15 65.64 -19.02
N TYR H 115 35.04 66.18 -18.19
CA TYR H 115 34.66 67.25 -17.27
C TYR H 115 34.61 68.59 -17.99
N THR H 116 35.25 68.69 -19.14
CA THR H 116 35.33 69.94 -19.89
C THR H 116 34.19 70.08 -20.90
N GLN H 117 32.95 69.92 -20.41
CA GLN H 117 31.78 70.10 -21.25
C GLN H 117 30.66 70.89 -20.59
N ALA H 118 30.70 71.09 -19.27
CA ALA H 118 29.65 71.80 -18.55
C ALA H 118 30.25 73.05 -17.91
N THR H 119 29.38 73.89 -17.33
CA THR H 119 29.77 75.12 -16.64
C THR H 119 30.65 74.79 -15.44
N PRO H 120 31.80 75.47 -15.30
CA PRO H 120 32.71 75.12 -14.19
C PRO H 120 32.33 75.76 -12.87
N ALA H 121 31.30 76.61 -12.89
CA ALA H 121 30.86 77.26 -11.66
C ALA H 121 30.12 76.28 -10.75
N GLN H 122 29.29 75.41 -11.34
CA GLN H 122 28.45 74.49 -10.60
C GLN H 122 28.86 73.05 -10.91
N GLN H 123 28.96 72.23 -9.87
CA GLN H 123 29.13 70.80 -10.00
C GLN H 123 27.81 70.04 -9.90
N LYS H 124 26.72 70.64 -10.38
CA LYS H 124 25.40 70.03 -10.24
C LYS H 124 25.22 68.84 -11.17
N THR H 125 25.98 68.79 -12.26
CA THR H 125 25.84 67.69 -13.21
C THR H 125 26.38 66.39 -12.63
N MET H 126 27.34 66.49 -11.71
CA MET H 126 27.78 65.36 -10.90
C MET H 126 26.85 65.12 -9.72
N GLU H 127 25.89 66.01 -9.49
CA GLU H 127 24.97 65.86 -8.36
C GLU H 127 23.62 65.33 -8.81
N GLN H 128 23.15 65.72 -10.00
CA GLN H 128 21.83 65.29 -10.48
C GLN H 128 21.83 63.82 -10.86
N GLN H 129 23.01 63.27 -11.20
CA GLN H 129 23.14 61.85 -11.45
C GLN H 129 23.27 61.04 -10.16
N LEU H 130 23.22 61.69 -9.00
CA LEU H 130 23.17 60.96 -7.73
C LEU H 130 21.82 61.14 -7.04
N ILE H 131 21.24 62.33 -7.11
CA ILE H 131 20.02 62.61 -6.35
C ILE H 131 18.81 61.94 -6.99
N SER H 132 18.85 61.69 -8.31
CA SER H 132 17.73 61.03 -8.96
C SER H 132 17.91 59.51 -8.99
N ASN H 133 19.01 59.01 -8.45
CA ASN H 133 19.35 57.59 -8.59
C ASN H 133 19.12 56.82 -7.31
N MET H 134 18.97 57.51 -6.17
CA MET H 134 18.90 56.82 -4.89
C MET H 134 17.59 56.08 -4.69
N ASN H 135 16.48 56.59 -5.20
CA ASN H 135 15.18 55.99 -4.92
C ASN H 135 14.96 54.78 -5.81
N SER H 136 14.52 53.67 -5.19
CA SER H 136 14.03 52.46 -5.86
C SER H 136 15.07 51.85 -6.80
N ILE H 137 16.18 51.38 -6.27
CA ILE H 137 17.28 50.97 -7.13
C ILE H 137 17.51 49.46 -7.02
N THR H 138 18.20 48.90 -8.01
CA THR H 138 18.51 47.48 -8.07
C THR H 138 20.00 47.34 -8.35
N SER H 139 20.49 46.10 -8.38
CA SER H 139 21.87 45.85 -8.74
C SER H 139 22.04 45.59 -10.24
N ILE H 140 21.02 45.90 -11.03
CA ILE H 140 21.06 45.67 -12.46
C ILE H 140 21.64 46.90 -13.15
N ASP H 141 22.56 46.67 -14.09
CA ASP H 141 23.20 47.75 -14.83
C ASP H 141 22.28 48.30 -15.91
N GLU H 142 22.82 49.12 -16.81
CA GLU H 142 22.03 49.60 -17.93
C GLU H 142 22.56 49.02 -19.23
N ASP H 143 23.23 47.88 -19.13
CA ASP H 143 23.54 47.07 -20.31
C ASP H 143 23.41 45.60 -19.95
N ALA H 144 22.76 45.32 -18.83
CA ALA H 144 22.61 43.96 -18.33
C ALA H 144 21.55 43.23 -19.14
N TYR H 145 22.00 42.38 -20.07
CA TYR H 145 21.11 41.64 -20.96
C TYR H 145 20.59 40.42 -20.24
N ILE H 146 19.30 40.19 -20.37
CA ILE H 146 18.64 39.01 -19.84
C ILE H 146 18.45 38.03 -21.00
N MET H 147 18.65 36.74 -20.75
CA MET H 147 18.67 35.80 -21.84
C MET H 147 18.06 34.49 -21.41
N VAL H 148 17.68 33.69 -22.41
CA VAL H 148 17.07 32.38 -22.21
C VAL H 148 18.17 31.33 -22.29
N ALA H 149 18.31 30.53 -21.24
CA ALA H 149 19.35 29.53 -21.18
C ALA H 149 18.75 28.18 -20.80
N THR H 150 19.54 27.14 -21.03
CA THR H 150 19.17 25.77 -20.72
C THR H 150 19.92 25.31 -19.48
N ASN H 151 19.20 24.66 -18.57
CA ASN H 151 19.77 24.17 -17.32
C ASN H 151 20.45 22.83 -17.60
N GLY H 152 21.70 22.88 -18.01
CA GLY H 152 22.42 21.68 -18.36
C GLY H 152 22.43 21.44 -19.84
N LEU H 153 22.84 20.22 -20.21
CA LEU H 153 22.89 19.85 -21.62
C LEU H 153 21.49 19.70 -22.19
N LEU H 154 20.61 19.03 -21.47
CA LEU H 154 19.18 18.97 -21.78
C LEU H 154 18.40 19.05 -20.48
N GLY H 155 17.44 19.96 -20.45
CA GLY H 155 16.72 20.24 -19.22
C GLY H 155 15.78 21.41 -19.41
N GLU H 156 15.20 21.83 -18.30
CA GLU H 156 14.23 22.92 -18.36
C GLU H 156 14.92 24.25 -18.59
N LYS H 157 14.15 25.22 -19.09
CA LYS H 157 14.74 26.50 -19.42
C LYS H 157 14.48 27.52 -18.33
N TYR H 158 15.27 28.59 -18.33
CA TYR H 158 15.29 29.55 -17.24
C TYR H 158 15.98 30.81 -17.74
N LEU H 159 15.62 31.94 -17.14
CA LEU H 159 16.12 33.25 -17.55
C LEU H 159 17.38 33.59 -16.78
N LYS H 160 18.42 33.97 -17.51
CA LYS H 160 19.71 34.28 -16.91
C LYS H 160 20.04 35.74 -17.13
N ILE H 161 20.23 36.49 -16.05
CA ILE H 161 20.61 37.88 -16.11
C ILE H 161 22.12 37.95 -16.04
N VAL H 162 22.76 38.37 -17.13
CA VAL H 162 24.22 38.50 -17.17
C VAL H 162 24.55 39.99 -17.20
N PRO H 163 25.02 40.57 -16.12
CA PRO H 163 25.38 41.98 -16.12
C PRO H 163 26.85 42.20 -16.45
N GLY H 164 27.20 43.46 -16.66
CA GLY H 164 28.58 43.83 -16.85
C GLY H 164 28.71 45.34 -16.98
N GLY H 165 29.66 45.90 -16.25
CA GLY H 165 29.92 47.33 -16.31
C GLY H 165 28.79 48.16 -15.76
N GLY H 166 28.24 49.04 -16.59
CA GLY H 166 27.08 49.82 -16.23
C GLY H 166 27.42 51.00 -15.32
N LEU H 167 26.71 52.10 -15.55
CA LEU H 167 26.94 53.31 -14.78
C LEU H 167 25.74 53.65 -13.91
N ASN H 168 24.57 53.82 -14.54
CA ASN H 168 23.35 54.04 -13.79
C ASN H 168 22.57 52.74 -13.69
N TYR H 169 21.74 52.62 -12.66
CA TYR H 169 21.04 51.38 -12.39
C TYR H 169 19.54 51.58 -12.60
N LEU H 170 18.85 50.49 -12.95
CA LEU H 170 17.45 50.58 -13.35
C LEU H 170 16.54 50.59 -12.14
N LYS H 171 15.42 51.30 -12.26
CA LYS H 171 14.40 51.34 -11.23
C LYS H 171 13.45 50.14 -11.37
N ARG H 172 12.62 49.96 -10.36
CA ARG H 172 11.64 48.89 -10.40
C ARG H 172 10.50 49.24 -11.35
N GLY H 173 9.94 48.22 -11.99
CA GLY H 173 8.85 48.38 -12.92
C GLY H 173 9.26 48.69 -14.35
N ASP H 174 10.50 49.09 -14.57
CA ASP H 174 10.95 49.42 -15.91
C ASP H 174 11.24 48.16 -16.71
N THR H 175 11.76 48.33 -17.92
CA THR H 175 11.90 47.25 -18.87
C THR H 175 13.36 47.08 -19.24
N ILE H 176 13.87 45.85 -19.12
CA ILE H 176 15.19 45.53 -19.62
C ILE H 176 15.14 45.57 -21.15
N SER H 177 16.13 46.22 -21.76
CA SER H 177 16.08 46.50 -23.19
C SER H 177 17.06 45.68 -24.00
N ASN H 178 17.65 44.63 -23.44
CA ASN H 178 18.61 43.80 -24.15
C ASN H 178 18.27 42.35 -23.89
N THR H 179 17.99 41.59 -24.96
CA THR H 179 17.54 40.21 -24.82
C THR H 179 18.19 39.33 -25.88
N GLN H 180 18.20 38.03 -25.60
CA GLN H 180 18.56 37.00 -26.57
C GLN H 180 17.64 35.80 -26.43
N GLY H 181 16.95 35.42 -27.50
CA GLY H 181 16.03 34.30 -27.43
C GLY H 181 16.73 32.97 -27.57
N THR H 182 15.96 31.90 -27.43
CA THR H 182 16.51 30.55 -27.37
C THR H 182 17.00 30.04 -28.72
N MET H 183 17.91 29.07 -28.70
CA MET H 183 18.38 28.39 -29.92
C MET H 183 18.34 26.89 -29.67
N ASP H 184 17.42 26.21 -30.35
CA ASP H 184 17.02 24.84 -30.04
C ASP H 184 17.48 23.85 -31.11
N LEU H 185 17.05 22.60 -30.94
CA LEU H 185 17.43 21.48 -31.78
C LEU H 185 17.42 21.71 -33.28
N GLU H 186 16.50 22.54 -33.75
CA GLU H 186 16.40 22.79 -35.18
C GLU H 186 17.22 24.02 -35.57
N ASP H 187 17.22 25.03 -34.70
CA ASP H 187 17.95 26.26 -34.99
C ASP H 187 19.45 26.09 -34.85
N LEU H 188 19.89 25.01 -34.20
CA LEU H 188 21.32 24.72 -34.10
C LEU H 188 21.83 24.25 -35.44
N ILE H 189 21.06 23.39 -36.11
CA ILE H 189 21.54 22.66 -37.27
C ILE H 189 21.57 23.57 -38.51
N SER H 190 20.91 24.72 -38.43
CA SER H 190 20.76 25.64 -39.55
C SER H 190 22.10 26.17 -40.09
N LYS H 191 22.84 26.90 -39.26
CA LYS H 191 24.08 27.50 -39.74
C LYS H 191 25.28 26.60 -39.49
N PHE H 192 25.18 25.75 -38.48
CA PHE H 192 26.26 24.84 -38.12
C PHE H 192 26.52 23.78 -39.18
N ILE H 193 25.53 22.93 -39.39
CA ILE H 193 25.64 21.85 -40.37
C ILE H 193 24.38 21.74 -41.22
N SER I 3 -33.07 22.88 15.29
CA SER I 3 -31.72 22.38 15.09
C SER I 3 -31.62 21.65 13.76
N ARG I 4 -32.78 21.36 13.16
CA ARG I 4 -32.84 20.64 11.90
C ARG I 4 -32.25 21.46 10.76
N THR I 5 -32.30 22.78 10.88
CA THR I 5 -31.67 23.62 9.86
C THR I 5 -30.15 23.55 9.94
N SER I 6 -29.61 23.17 11.10
CA SER I 6 -28.17 22.97 11.21
C SER I 6 -27.77 21.60 10.67
N GLU I 7 -28.65 20.62 10.85
CA GLU I 7 -28.40 19.28 10.39
C GLU I 7 -28.75 19.11 8.91
N LEU I 8 -29.21 20.18 8.27
CA LEU I 8 -29.57 20.09 6.85
C LEU I 8 -28.76 21.08 6.02
N ALA I 9 -28.20 22.10 6.67
CA ALA I 9 -27.27 22.98 5.98
C ALA I 9 -25.98 22.25 5.65
N VAL I 10 -25.58 21.32 6.52
CA VAL I 10 -24.37 20.53 6.28
C VAL I 10 -24.63 19.50 5.20
N GLY I 11 -25.88 19.07 5.06
CA GLY I 11 -26.22 18.10 4.03
C GLY I 11 -26.11 18.68 2.63
N ILE I 12 -26.53 19.93 2.45
CA ILE I 12 -26.44 20.56 1.14
C ILE I 12 -25.00 20.97 0.84
N PHE I 13 -24.32 21.52 1.85
CA PHE I 13 -22.98 22.07 1.67
C PHE I 13 -21.97 20.96 1.41
N VAL I 14 -22.27 19.74 1.82
CA VAL I 14 -21.50 18.58 1.40
C VAL I 14 -21.85 18.22 -0.04
N ILE I 15 -23.15 18.14 -0.35
CA ILE I 15 -23.57 17.52 -1.60
C ILE I 15 -23.40 18.50 -2.76
N ILE I 16 -23.19 19.77 -2.47
CA ILE I 16 -22.67 20.68 -3.48
C ILE I 16 -21.23 20.30 -3.83
N PHE I 17 -20.41 20.13 -2.78
CA PHE I 17 -18.99 19.83 -2.96
C PHE I 17 -18.80 18.43 -3.54
N GLY I 18 -19.77 17.55 -3.32
CA GLY I 18 -19.63 16.20 -3.85
C GLY I 18 -20.03 16.10 -5.31
N ILE I 19 -20.78 17.08 -5.80
CA ILE I 19 -21.30 17.02 -7.17
C ILE I 19 -20.57 18.01 -8.07
N ALA I 20 -20.21 19.18 -7.53
CA ALA I 20 -19.43 20.14 -8.29
C ALA I 20 -18.00 19.64 -8.53
N LEU I 21 -17.55 18.69 -7.71
CA LEU I 21 -16.23 18.10 -7.92
C LEU I 21 -16.27 17.04 -9.01
N PHE I 22 -17.46 16.61 -9.41
CA PHE I 22 -17.52 15.66 -10.52
C PHE I 22 -17.41 16.39 -11.85
N PHE I 23 -17.90 17.62 -11.92
CA PHE I 23 -17.76 18.40 -13.15
C PHE I 23 -16.31 18.80 -13.37
N LEU I 24 -15.61 19.14 -12.28
CA LEU I 24 -14.21 19.52 -12.40
C LEU I 24 -13.35 18.31 -12.73
N ALA I 25 -13.81 17.11 -12.36
CA ALA I 25 -13.08 15.90 -12.74
C ALA I 25 -13.53 15.40 -14.11
N MET I 26 -14.66 15.88 -14.60
CA MET I 26 -15.05 15.60 -15.98
C MET I 26 -14.52 16.65 -16.93
N LYS I 27 -14.23 17.85 -16.45
CA LYS I 27 -13.68 18.88 -17.33
C LYS I 27 -12.23 18.62 -17.65
N VAL I 28 -11.45 18.10 -16.71
CA VAL I 28 -10.01 17.99 -16.89
C VAL I 28 -9.63 16.61 -17.42
N SER I 29 -10.63 15.77 -17.68
CA SER I 29 -10.38 14.51 -18.34
C SER I 29 -10.45 14.63 -19.85
N GLY I 30 -10.82 15.79 -20.37
CA GLY I 30 -10.89 16.00 -21.79
C GLY I 30 -12.10 15.41 -22.46
N LEU I 31 -13.00 14.78 -21.71
CA LEU I 31 -14.18 14.16 -22.28
C LEU I 31 -15.34 15.13 -22.40
N VAL I 32 -15.20 16.36 -21.90
CA VAL I 32 -16.25 17.37 -22.01
C VAL I 32 -15.61 18.68 -22.46
N GLY I 33 -16.10 19.20 -23.56
CA GLY I 33 -15.66 20.51 -24.01
C GLY I 33 -14.33 20.45 -24.74
N THR I 34 -13.35 21.14 -24.18
CA THR I 34 -11.97 21.27 -24.66
C THR I 34 -11.97 21.86 -26.07
N ASN I 35 -12.35 23.13 -26.17
CA ASN I 35 -12.38 23.81 -27.46
C ASN I 35 -12.03 25.28 -27.25
N LEU I 36 -11.48 25.88 -28.30
CA LEU I 36 -10.97 27.24 -28.19
C LEU I 36 -12.09 28.25 -28.42
N SER I 37 -11.72 29.53 -28.39
CA SER I 37 -12.66 30.62 -28.54
C SER I 37 -12.51 31.23 -29.92
N ASP I 38 -13.61 31.18 -30.69
CA ASP I 38 -13.76 31.60 -32.09
C ASP I 38 -12.54 31.31 -32.95
N GLY I 39 -12.05 30.09 -32.88
CA GLY I 39 -10.93 29.65 -33.69
C GLY I 39 -11.31 29.53 -35.15
N TYR I 40 -10.31 29.28 -35.97
CA TYR I 40 -10.49 29.11 -37.40
C TYR I 40 -9.58 27.97 -37.83
N THR I 41 -9.39 27.84 -39.15
CA THR I 41 -8.63 26.70 -39.62
C THR I 41 -7.90 27.09 -40.88
N MET I 42 -6.58 27.21 -40.79
CA MET I 42 -5.75 27.35 -41.97
C MET I 42 -5.30 25.96 -42.41
N LYS I 43 -4.43 25.93 -43.40
CA LYS I 43 -3.83 24.68 -43.83
C LYS I 43 -2.53 24.95 -44.55
N ALA I 44 -1.68 23.94 -44.58
CA ALA I 44 -0.46 23.97 -45.38
C ALA I 44 -0.16 22.55 -45.81
N GLN I 45 0.67 22.42 -46.84
CA GLN I 45 0.93 21.12 -47.44
C GLN I 45 2.42 20.85 -47.50
N PHE I 46 2.89 19.94 -46.66
CA PHE I 46 4.29 19.57 -46.55
C PHE I 46 4.59 18.36 -47.42
N ASP I 47 5.88 18.06 -47.53
CA ASP I 47 6.33 16.89 -48.27
C ASP I 47 6.84 15.80 -47.35
N ASN I 48 7.25 16.14 -46.13
CA ASN I 48 7.66 15.13 -45.17
C ASN I 48 7.42 15.55 -43.74
N VAL I 49 6.29 15.13 -43.17
CA VAL I 49 6.01 15.37 -41.75
C VAL I 49 6.47 14.12 -40.99
N ASN I 50 7.72 14.18 -40.53
CA ASN I 50 8.30 13.06 -39.81
C ASN I 50 7.73 12.99 -38.40
N GLY I 51 6.65 12.23 -38.24
CA GLY I 51 6.08 11.99 -36.94
C GLY I 51 5.44 13.19 -36.28
N LEU I 52 4.54 13.85 -36.98
CA LEU I 52 3.77 14.96 -36.41
C LEU I 52 2.39 14.39 -36.07
N LYS I 53 2.22 13.94 -34.84
CA LYS I 53 0.95 13.42 -34.39
C LYS I 53 -0.06 14.55 -34.28
N PRO I 54 -1.36 14.25 -34.34
CA PRO I 54 -2.37 15.30 -34.17
C PRO I 54 -2.38 15.87 -32.75
N ARG I 55 -2.98 17.06 -32.64
CA ARG I 55 -3.08 17.89 -31.44
C ARG I 55 -1.73 18.28 -30.86
N ALA I 56 -0.70 18.34 -31.68
CA ALA I 56 0.58 18.89 -31.27
C ALA I 56 0.50 20.41 -31.41
N LYS I 57 1.38 21.13 -30.72
CA LYS I 57 1.21 22.56 -30.54
C LYS I 57 1.67 23.33 -31.77
N VAL I 58 1.07 24.51 -31.95
CA VAL I 58 1.41 25.45 -33.01
C VAL I 58 1.91 26.72 -32.34
N THR I 59 3.10 27.17 -32.73
CA THR I 59 3.75 28.29 -32.07
C THR I 59 3.94 29.45 -33.02
N MET I 60 3.60 30.65 -32.55
CA MET I 60 3.78 31.85 -33.34
C MET I 60 5.17 32.43 -33.17
N SER I 61 5.54 32.77 -31.94
CA SER I 61 6.87 33.24 -31.62
C SER I 61 7.52 32.48 -30.49
N GLY I 62 7.02 31.30 -30.15
CA GLY I 62 7.42 30.61 -28.95
C GLY I 62 6.23 30.40 -28.05
N VAL I 63 5.17 31.14 -28.30
CA VAL I 63 3.93 31.06 -27.53
C VAL I 63 2.99 30.10 -28.23
N THR I 64 2.43 29.17 -27.47
CA THR I 64 1.49 28.20 -28.03
C THR I 64 0.14 28.86 -28.28
N ILE I 65 -0.37 28.72 -29.50
CA ILE I 65 -1.68 29.27 -29.85
C ILE I 65 -2.65 28.21 -30.35
N GLY I 66 -2.20 27.15 -30.99
CA GLY I 66 -3.17 26.28 -31.62
C GLY I 66 -2.67 24.85 -31.68
N ARG I 67 -3.56 23.98 -32.15
CA ARG I 67 -3.25 22.57 -32.27
C ARG I 67 -3.53 22.12 -33.69
N VAL I 68 -3.02 20.95 -34.02
CA VAL I 68 -3.17 20.35 -35.33
C VAL I 68 -4.38 19.42 -35.29
N ASP I 69 -5.15 19.38 -36.38
CA ASP I 69 -6.39 18.61 -36.37
C ASP I 69 -6.38 17.39 -37.29
N SER I 70 -5.76 17.46 -38.46
CA SER I 70 -5.77 16.29 -39.34
C SER I 70 -4.56 16.29 -40.25
N ILE I 71 -4.08 15.09 -40.55
CA ILE I 71 -2.97 14.86 -41.47
C ILE I 71 -3.43 13.86 -42.52
N THR I 72 -3.59 14.31 -43.76
CA THR I 72 -4.03 13.44 -44.85
C THR I 72 -2.94 13.35 -45.92
N LEU I 73 -2.64 12.12 -46.31
CA LEU I 73 -1.64 11.86 -47.34
C LEU I 73 -2.33 11.67 -48.67
N ASP I 74 -1.95 12.50 -49.63
CA ASP I 74 -2.60 12.50 -50.95
C ASP I 74 -1.73 11.77 -51.96
N PRO I 75 -2.21 10.69 -52.58
CA PRO I 75 -1.31 9.85 -53.36
C PRO I 75 -0.96 10.40 -54.73
N VAL I 76 -1.81 11.26 -55.30
CA VAL I 76 -1.60 11.71 -56.67
C VAL I 76 -0.79 12.99 -56.68
N THR I 77 -0.43 13.49 -55.50
CA THR I 77 0.40 14.68 -55.41
C THR I 77 1.60 14.45 -54.51
N ARG I 78 1.54 13.38 -53.70
CA ARG I 78 2.56 12.96 -52.73
C ARG I 78 2.87 14.02 -51.67
N LEU I 79 1.98 14.96 -51.43
CA LEU I 79 2.18 15.97 -50.41
C LEU I 79 1.13 15.84 -49.34
N ALA I 80 1.56 15.66 -48.10
CA ALA I 80 0.64 15.53 -46.99
C ALA I 80 -0.01 16.87 -46.70
N THR I 81 -1.17 16.83 -46.07
CA THR I 81 -1.96 18.05 -45.89
C THR I 81 -2.31 18.20 -44.42
N VAL I 82 -1.68 19.17 -43.78
CA VAL I 82 -1.92 19.50 -42.39
C VAL I 82 -2.99 20.58 -42.34
N THR I 83 -4.06 20.34 -41.59
CA THR I 83 -5.05 21.36 -41.31
C THR I 83 -5.11 21.57 -39.80
N PHE I 84 -4.83 22.78 -39.36
CA PHE I 84 -4.71 23.02 -37.93
C PHE I 84 -5.69 24.09 -37.49
N ASP I 85 -6.04 24.05 -36.21
CA ASP I 85 -7.00 24.99 -35.65
C ASP I 85 -6.26 26.05 -34.85
N LEU I 86 -6.32 27.28 -35.33
CA LEU I 86 -5.69 28.40 -34.66
C LEU I 86 -6.57 28.92 -33.53
N ASP I 87 -6.20 30.06 -32.96
CA ASP I 87 -6.90 30.64 -31.82
C ASP I 87 -7.31 32.06 -32.18
N GLY I 88 -8.53 32.43 -31.78
CA GLY I 88 -9.07 33.71 -32.21
C GLY I 88 -8.45 34.89 -31.49
N LYS I 89 -8.50 34.88 -30.16
CA LYS I 89 -8.20 36.06 -29.37
C LYS I 89 -6.71 36.35 -29.22
N LEU I 90 -5.84 35.55 -29.81
CA LEU I 90 -4.41 35.83 -29.78
C LEU I 90 -3.85 36.23 -31.14
N THR I 91 -4.21 35.51 -32.21
CA THR I 91 -3.91 35.91 -33.57
C THR I 91 -5.12 36.62 -34.16
N SER I 92 -5.17 37.93 -34.00
CA SER I 92 -6.26 38.75 -34.53
C SER I 92 -5.82 40.20 -34.59
N PHE I 93 -6.77 41.10 -34.82
CA PHE I 93 -6.55 42.52 -34.65
C PHE I 93 -7.82 43.13 -34.10
N ASN I 94 -7.67 44.03 -33.14
CA ASN I 94 -8.80 44.58 -32.42
C ASN I 94 -8.83 46.08 -32.64
N ALA I 95 -9.67 46.76 -31.85
CA ALA I 95 -10.25 48.10 -32.04
C ALA I 95 -9.16 49.12 -32.39
N GLU I 96 -8.16 49.32 -31.52
CA GLU I 96 -7.10 50.26 -31.83
C GLU I 96 -6.16 49.70 -32.90
N GLN I 97 -5.90 48.40 -32.83
CA GLN I 97 -4.98 47.75 -33.77
C GLN I 97 -5.56 47.65 -35.17
N LEU I 98 -6.87 47.76 -35.32
CA LEU I 98 -7.48 47.61 -36.64
C LEU I 98 -7.16 48.80 -37.54
N LYS I 99 -7.15 50.01 -36.98
CA LYS I 99 -6.84 51.19 -37.79
C LYS I 99 -5.38 51.27 -38.14
N GLU I 100 -4.50 51.14 -37.14
CA GLU I 100 -3.08 51.46 -37.33
C GLU I 100 -2.34 50.39 -38.11
N VAL I 101 -2.98 49.26 -38.42
CA VAL I 101 -2.45 48.38 -39.45
C VAL I 101 -3.10 48.61 -40.80
N GLN I 102 -4.19 49.38 -40.87
CA GLN I 102 -4.78 49.73 -42.15
C GLN I 102 -4.28 51.09 -42.63
N LYS I 103 -4.06 52.02 -41.70
CA LYS I 103 -3.49 53.31 -42.07
C LYS I 103 -2.01 53.21 -42.41
N ASN I 104 -1.35 52.12 -41.98
CA ASN I 104 -0.03 51.81 -42.51
C ASN I 104 -0.12 50.94 -43.77
N ALA I 105 -1.28 50.30 -43.99
CA ALA I 105 -1.49 49.58 -45.24
C ALA I 105 -1.92 50.54 -46.35
N LEU I 106 -2.46 51.70 -45.97
CA LEU I 106 -2.83 52.70 -46.97
C LEU I 106 -1.62 53.41 -47.54
N ASP I 107 -0.56 53.57 -46.74
CA ASP I 107 0.62 54.30 -47.20
C ASP I 107 1.65 53.36 -47.81
N GLU I 108 1.50 52.05 -47.59
CA GLU I 108 2.44 51.09 -48.15
C GLU I 108 2.27 50.93 -49.66
N LEU I 109 1.09 51.23 -50.19
CA LEU I 109 0.88 51.12 -51.63
C LEU I 109 1.53 52.29 -52.37
N ARG I 110 1.10 53.51 -52.06
CA ARG I 110 1.65 54.72 -52.67
C ARG I 110 2.90 55.20 -51.93
N TYR I 111 3.94 54.36 -51.96
CA TYR I 111 5.20 54.70 -51.31
C TYR I 111 5.90 55.82 -52.08
N SER I 112 6.87 56.47 -51.41
CA SER I 112 7.50 57.65 -51.96
C SER I 112 8.34 57.32 -53.20
N SER I 113 8.92 56.13 -53.23
CA SER I 113 9.73 55.72 -54.38
C SER I 113 8.98 54.77 -55.31
N ASP I 114 7.85 54.23 -54.84
CA ASP I 114 7.17 53.16 -55.56
C ASP I 114 5.87 53.58 -56.23
N TYR I 115 5.39 54.80 -56.00
CA TYR I 115 4.07 55.17 -56.52
C TYR I 115 4.12 55.47 -58.01
N THR I 116 4.87 56.50 -58.39
CA THR I 116 4.85 56.99 -59.78
C THR I 116 5.63 56.11 -60.74
N GLN I 117 6.36 55.09 -60.25
CA GLN I 117 7.08 54.19 -61.14
C GLN I 117 6.13 53.25 -61.85
N ALA I 118 5.08 52.81 -61.17
CA ALA I 118 4.05 51.96 -61.76
C ALA I 118 2.73 52.71 -61.95
N THR I 119 2.82 53.99 -62.37
CA THR I 119 1.71 54.88 -62.73
C THR I 119 0.68 55.00 -61.62
N PRO I 120 0.95 55.79 -60.56
CA PRO I 120 -0.01 55.92 -59.45
C PRO I 120 -1.29 56.66 -59.79
N ALA I 121 -2.09 56.12 -60.70
CA ALA I 121 -3.45 56.54 -60.94
C ALA I 121 -4.45 55.61 -60.29
N GLN I 122 -4.06 54.94 -59.21
CA GLN I 122 -4.87 53.89 -58.58
C GLN I 122 -5.97 54.53 -57.76
N GLN I 123 -7.17 54.56 -58.34
CA GLN I 123 -8.37 54.95 -57.61
C GLN I 123 -9.17 53.78 -57.08
N LYS I 124 -8.98 52.58 -57.64
CA LYS I 124 -9.61 51.39 -57.09
C LYS I 124 -8.73 50.72 -56.04
N THR I 125 -7.41 50.72 -56.27
CA THR I 125 -6.51 50.03 -55.36
C THR I 125 -6.37 50.75 -54.03
N MET I 126 -6.64 52.05 -54.00
CA MET I 126 -6.69 52.77 -52.73
C MET I 126 -7.99 52.46 -51.98
N GLU I 127 -9.03 52.05 -52.72
CA GLU I 127 -10.28 51.69 -52.08
C GLU I 127 -10.29 50.22 -51.66
N GLN I 128 -9.68 49.34 -52.46
CA GLN I 128 -9.80 47.90 -52.21
C GLN I 128 -8.90 47.45 -51.08
N GLN I 129 -7.75 48.13 -50.88
CA GLN I 129 -6.82 47.69 -49.85
C GLN I 129 -7.27 48.08 -48.45
N LEU I 130 -8.22 49.01 -48.34
CA LEU I 130 -8.74 49.36 -47.02
C LEU I 130 -9.92 48.47 -46.65
N ILE I 131 -10.69 48.03 -47.64
CA ILE I 131 -11.88 47.24 -47.36
C ILE I 131 -11.59 45.75 -47.37
N SER I 132 -10.40 45.34 -47.83
CA SER I 132 -10.05 43.93 -47.79
C SER I 132 -9.58 43.52 -46.41
N ASN I 133 -9.32 44.47 -45.52
CA ASN I 133 -8.84 44.13 -44.19
C ASN I 133 -9.96 44.22 -43.16
N MET I 134 -11.06 44.89 -43.50
CA MET I 134 -12.14 45.10 -42.54
C MET I 134 -12.91 43.82 -42.24
N ASN I 135 -13.13 42.98 -43.24
CA ASN I 135 -13.60 41.62 -42.97
C ASN I 135 -12.47 40.83 -42.34
N SER I 136 -12.83 39.73 -41.64
CA SER I 136 -11.97 38.98 -40.72
C SER I 136 -10.61 38.59 -41.28
N ILE I 137 -9.56 39.16 -40.70
CA ILE I 137 -8.19 39.01 -41.17
C ILE I 137 -7.36 38.47 -40.01
N THR I 138 -6.20 37.90 -40.33
CA THR I 138 -5.35 37.28 -39.33
C THR I 138 -4.04 38.04 -39.18
N SER I 139 -3.26 37.62 -38.18
CA SER I 139 -2.01 38.28 -37.83
C SER I 139 -0.80 37.71 -38.58
N ILE I 140 -1.05 36.94 -39.63
CA ILE I 140 0.02 36.32 -40.40
C ILE I 140 0.16 37.05 -41.73
N ASP I 141 1.39 37.15 -42.22
CA ASP I 141 1.69 37.91 -43.43
C ASP I 141 1.30 37.13 -44.68
N GLU I 142 1.78 37.58 -45.84
CA GLU I 142 1.64 36.76 -47.03
C GLU I 142 2.97 36.11 -47.37
N ASP I 143 3.97 36.31 -46.52
CA ASP I 143 5.29 35.75 -46.78
C ASP I 143 5.90 35.18 -45.51
N ALA I 144 5.14 35.17 -44.42
CA ALA I 144 5.52 34.39 -43.26
C ALA I 144 5.42 32.91 -43.58
N TYR I 145 6.52 32.19 -43.38
CA TYR I 145 6.63 30.81 -43.85
C TYR I 145 6.57 29.86 -42.67
N ILE I 146 5.98 28.69 -42.90
CA ILE I 146 5.76 27.69 -41.86
C ILE I 146 6.87 26.65 -41.95
N MET I 147 7.13 25.95 -40.83
CA MET I 147 8.14 24.91 -40.79
C MET I 147 7.85 23.99 -39.63
N VAL I 148 8.45 22.81 -39.64
CA VAL I 148 8.26 21.81 -38.60
C VAL I 148 9.57 21.67 -37.82
N ALA I 149 9.55 22.05 -36.56
CA ALA I 149 10.70 21.96 -35.69
C ALA I 149 10.59 20.73 -34.80
N THR I 150 11.48 20.62 -33.81
CA THR I 150 11.58 19.39 -33.04
C THR I 150 11.75 19.57 -31.53
N ASN I 151 11.58 20.80 -31.05
CA ASN I 151 11.69 21.10 -29.62
C ASN I 151 12.67 20.23 -28.85
N GLY I 152 13.86 20.77 -28.60
CA GLY I 152 14.89 20.06 -27.87
C GLY I 152 15.34 18.77 -28.55
N LEU I 153 16.58 18.37 -28.30
CA LEU I 153 17.13 17.16 -28.90
C LEU I 153 16.13 16.02 -28.78
N LEU I 154 15.21 16.15 -27.82
CA LEU I 154 14.19 15.14 -27.60
C LEU I 154 12.80 15.74 -27.85
N GLY I 155 11.82 15.32 -27.07
CA GLY I 155 10.47 15.83 -27.23
C GLY I 155 9.88 15.44 -28.57
N GLU I 156 8.71 15.97 -28.88
CA GLU I 156 8.05 15.66 -30.15
C GLU I 156 8.01 16.86 -31.08
N LYS I 157 7.75 16.61 -32.35
CA LYS I 157 7.69 17.67 -33.34
C LYS I 157 6.48 18.56 -33.10
N TYR I 158 6.57 19.80 -33.59
CA TYR I 158 5.56 20.80 -33.33
C TYR I 158 5.69 21.87 -34.41
N LEU I 159 4.55 22.37 -34.85
CA LEU I 159 4.47 23.30 -35.96
C LEU I 159 5.00 24.67 -35.57
N LYS I 160 5.81 25.27 -36.42
CA LYS I 160 6.34 26.60 -36.16
C LYS I 160 6.00 27.51 -37.33
N ILE I 161 5.54 28.72 -37.02
CA ILE I 161 5.20 29.72 -38.03
C ILE I 161 6.16 30.89 -37.86
N VAL I 162 7.06 31.07 -38.82
CA VAL I 162 8.13 32.05 -38.73
C VAL I 162 7.65 33.33 -39.44
N PRO I 163 7.47 34.43 -38.72
CA PRO I 163 7.03 35.67 -39.38
C PRO I 163 8.19 36.41 -40.02
N GLY I 164 7.84 37.30 -40.92
CA GLY I 164 8.81 38.19 -41.54
C GLY I 164 8.20 38.90 -42.74
N GLY I 165 8.78 40.05 -43.07
CA GLY I 165 8.37 40.83 -44.24
C GLY I 165 6.94 41.34 -44.20
N GLY I 166 6.40 41.72 -45.36
CA GLY I 166 4.99 42.07 -45.40
C GLY I 166 4.47 42.80 -46.62
N LEU I 167 3.29 42.36 -47.07
CA LEU I 167 2.48 43.08 -48.07
C LEU I 167 1.06 43.25 -47.57
N ASN I 168 0.56 42.21 -46.90
CA ASN I 168 -0.87 41.99 -46.77
C ASN I 168 -1.09 40.89 -45.75
N TYR I 169 -2.27 40.80 -45.15
CA TYR I 169 -2.57 39.77 -44.18
C TYR I 169 -3.70 38.88 -44.69
N LEU I 170 -3.73 37.65 -44.20
CA LEU I 170 -4.66 36.65 -44.72
C LEU I 170 -5.97 36.63 -43.93
N LYS I 171 -7.03 36.24 -44.62
CA LYS I 171 -8.32 36.00 -43.99
C LYS I 171 -8.31 34.63 -43.34
N ARG I 172 -9.34 34.36 -42.54
CA ARG I 172 -9.56 33.05 -41.96
C ARG I 172 -9.77 32.01 -43.04
N GLY I 173 -9.41 30.77 -42.78
CA GLY I 173 -9.64 29.70 -43.72
C GLY I 173 -8.65 29.60 -44.86
N ASP I 174 -7.68 30.50 -44.93
CA ASP I 174 -6.78 30.55 -46.07
C ASP I 174 -5.72 29.46 -45.97
N THR I 175 -4.71 29.57 -46.83
CA THR I 175 -3.65 28.58 -46.91
C THR I 175 -2.30 29.29 -46.88
N ILE I 176 -1.47 28.93 -45.91
CA ILE I 176 -0.07 29.34 -45.92
C ILE I 176 0.67 28.44 -46.90
N SER I 177 1.32 29.02 -47.89
CA SER I 177 2.07 28.23 -48.84
C SER I 177 3.47 28.79 -48.95
N ASN I 178 4.31 28.47 -47.97
CA ASN I 178 5.76 28.51 -48.03
C ASN I 178 6.27 27.62 -46.92
N THR I 179 6.64 26.39 -47.23
CA THR I 179 6.92 25.42 -46.18
C THR I 179 8.35 24.93 -46.28
N GLN I 180 8.70 24.04 -45.35
CA GLN I 180 9.85 23.16 -45.48
C GLN I 180 9.61 21.94 -44.61
N GLY I 181 10.24 20.83 -44.99
CA GLY I 181 10.00 19.58 -44.30
C GLY I 181 10.98 19.32 -43.17
N THR I 182 10.74 18.21 -42.49
CA THR I 182 11.54 17.82 -41.33
C THR I 182 12.91 17.32 -41.78
N MET I 183 13.94 17.57 -41.00
CA MET I 183 15.28 17.06 -41.28
C MET I 183 15.61 16.01 -40.22
N ASP I 184 15.48 14.74 -40.57
CA ASP I 184 15.62 13.64 -39.64
C ASP I 184 17.05 13.12 -39.65
N LEU I 185 17.36 12.29 -38.65
CA LEU I 185 18.74 11.87 -38.40
C LEU I 185 19.23 10.86 -39.44
N GLU I 186 18.32 10.13 -40.08
CA GLU I 186 18.72 9.23 -41.16
C GLU I 186 19.11 10.02 -42.40
N ASP I 187 18.68 11.27 -42.50
CA ASP I 187 19.17 12.20 -43.50
C ASP I 187 20.35 13.00 -42.99
N LEU I 188 20.31 13.37 -41.70
CA LEU I 188 21.28 14.32 -41.16
C LEU I 188 22.64 13.68 -40.91
N ILE I 189 22.66 12.54 -40.22
CA ILE I 189 23.88 11.86 -39.83
C ILE I 189 24.59 11.31 -41.07
N SER I 190 23.80 10.84 -42.05
CA SER I 190 24.39 10.40 -43.30
C SER I 190 24.91 11.57 -44.11
N LYS I 191 24.40 12.78 -43.87
CA LYS I 191 24.98 13.96 -44.50
C LYS I 191 26.14 14.52 -43.69
N PHE I 192 26.15 14.26 -42.38
CA PHE I 192 27.17 14.76 -41.47
C PHE I 192 28.53 14.10 -41.65
N ILE I 193 28.61 13.06 -42.48
CA ILE I 193 29.85 12.32 -42.74
C ILE I 193 30.92 13.17 -43.42
N SER J 3 -34.97 -0.27 -0.18
CA SER J 3 -35.58 -1.31 -1.01
C SER J 3 -35.41 -0.98 -2.48
N ARG J 4 -36.06 0.09 -2.94
CA ARG J 4 -35.81 0.58 -4.29
C ARG J 4 -34.47 1.30 -4.37
N THR J 5 -33.94 1.72 -3.23
CA THR J 5 -32.62 2.32 -3.17
C THR J 5 -31.54 1.32 -3.55
N SER J 6 -31.64 0.10 -3.03
CA SER J 6 -30.63 -0.92 -3.30
C SER J 6 -30.76 -1.47 -4.72
N GLU J 7 -31.88 -1.21 -5.38
CA GLU J 7 -31.98 -1.54 -6.80
C GLU J 7 -31.45 -0.38 -7.65
N LEU J 8 -31.40 0.82 -7.06
CA LEU J 8 -30.99 1.99 -7.81
C LEU J 8 -29.53 2.31 -7.58
N ALA J 9 -29.06 2.19 -6.35
CA ALA J 9 -27.68 2.58 -6.04
C ALA J 9 -26.68 1.52 -6.50
N VAL J 10 -27.16 0.42 -7.07
CA VAL J 10 -26.29 -0.45 -7.85
C VAL J 10 -26.33 -0.04 -9.31
N GLY J 11 -27.46 0.48 -9.76
CA GLY J 11 -27.57 0.91 -11.15
C GLY J 11 -26.75 2.15 -11.44
N ILE J 12 -26.44 2.93 -10.40
CA ILE J 12 -25.50 4.04 -10.57
C ILE J 12 -24.08 3.51 -10.62
N PHE J 13 -23.80 2.45 -9.88
CA PHE J 13 -22.44 1.91 -9.79
C PHE J 13 -22.00 1.30 -11.11
N VAL J 14 -22.95 0.80 -11.89
CA VAL J 14 -22.61 0.26 -13.21
C VAL J 14 -22.45 1.39 -14.23
N ILE J 15 -23.06 2.53 -13.97
CA ILE J 15 -22.87 3.69 -14.85
C ILE J 15 -21.47 4.28 -14.67
N ILE J 16 -21.03 4.45 -13.43
CA ILE J 16 -19.71 5.03 -13.19
C ILE J 16 -18.60 4.06 -13.58
N PHE J 17 -18.89 2.76 -13.56
CA PHE J 17 -17.97 1.82 -14.18
C PHE J 17 -18.03 1.94 -15.69
N GLY J 18 -19.20 2.27 -16.24
CA GLY J 18 -19.33 2.32 -17.67
C GLY J 18 -18.60 3.51 -18.28
N ILE J 19 -18.56 4.62 -17.55
CA ILE J 19 -17.79 5.78 -18.00
C ILE J 19 -16.30 5.48 -17.93
N ALA J 20 -15.85 4.96 -16.79
CA ALA J 20 -14.42 4.83 -16.56
C ALA J 20 -13.84 3.60 -17.25
N LEU J 21 -14.66 2.83 -17.96
CA LEU J 21 -14.12 1.82 -18.85
C LEU J 21 -14.03 2.38 -20.27
N PHE J 22 -15.00 3.21 -20.64
CA PHE J 22 -14.99 3.81 -21.96
C PHE J 22 -13.88 4.84 -22.07
N PHE J 23 -13.58 5.51 -20.96
CA PHE J 23 -12.51 6.49 -20.94
C PHE J 23 -11.16 5.82 -21.11
N LEU J 24 -11.00 4.60 -20.66
CA LEU J 24 -9.71 3.94 -20.78
C LEU J 24 -9.46 3.47 -22.20
N ALA J 25 -10.49 2.94 -22.84
CA ALA J 25 -10.31 2.36 -24.17
C ALA J 25 -10.15 3.44 -25.23
N MET J 26 -10.93 4.50 -25.14
CA MET J 26 -10.95 5.48 -26.22
C MET J 26 -10.56 6.88 -25.78
N LYS J 27 -9.76 7.01 -24.74
CA LYS J 27 -9.12 8.28 -24.46
C LYS J 27 -7.70 8.05 -23.95
N VAL J 28 -7.39 6.83 -23.56
CA VAL J 28 -6.05 6.52 -23.07
C VAL J 28 -5.42 5.46 -23.95
N SER J 29 -6.01 4.28 -24.00
CA SER J 29 -5.40 3.21 -24.77
C SER J 29 -5.58 3.45 -26.25
N GLY J 30 -4.67 2.90 -27.03
CA GLY J 30 -4.82 3.01 -28.46
C GLY J 30 -5.72 1.92 -28.98
N LEU J 31 -7.00 2.23 -29.11
CA LEU J 31 -7.93 1.33 -29.75
C LEU J 31 -8.66 2.07 -30.86
N VAL J 32 -8.96 3.34 -30.60
CA VAL J 32 -9.73 4.12 -31.56
C VAL J 32 -8.84 4.57 -32.72
N GLY J 33 -7.53 4.63 -32.49
CA GLY J 33 -6.59 5.08 -33.48
C GLY J 33 -6.04 4.01 -34.39
N THR J 34 -6.20 2.74 -34.01
CA THR J 34 -5.80 1.61 -34.83
C THR J 34 -7.03 0.99 -35.48
N ASN J 35 -7.14 1.16 -36.80
CA ASN J 35 -8.20 0.53 -37.59
C ASN J 35 -7.77 0.47 -39.04
N LEU J 36 -7.53 -0.74 -39.55
CA LEU J 36 -7.08 -0.92 -40.92
C LEU J 36 -8.27 -0.80 -41.84
N SER J 37 -8.40 0.34 -42.52
CA SER J 37 -9.54 0.63 -43.37
C SER J 37 -9.38 -0.13 -44.68
N ASP J 38 -10.09 -1.26 -44.78
CA ASP J 38 -10.10 -2.27 -45.85
C ASP J 38 -8.72 -2.59 -46.41
N GLY J 39 -7.79 -2.93 -45.52
CA GLY J 39 -6.41 -3.19 -45.90
C GLY J 39 -6.16 -4.46 -46.69
N TYR J 40 -4.93 -4.60 -47.15
CA TYR J 40 -4.47 -5.78 -47.89
C TYR J 40 -3.10 -6.07 -47.34
N THR J 41 -2.24 -6.82 -48.05
CA THR J 41 -0.92 -7.12 -47.49
C THR J 41 0.13 -7.14 -48.60
N MET J 42 1.23 -6.44 -48.38
CA MET J 42 2.43 -6.57 -49.20
C MET J 42 3.56 -7.13 -48.34
N LYS J 43 4.73 -7.33 -48.94
CA LYS J 43 5.85 -7.84 -48.16
C LYS J 43 7.17 -7.43 -48.77
N ALA J 44 8.26 -7.66 -48.03
CA ALA J 44 9.60 -7.25 -48.43
C ALA J 44 10.63 -8.19 -47.81
N GLN J 45 11.90 -8.00 -48.20
CA GLN J 45 13.02 -8.78 -47.67
C GLN J 45 14.17 -7.85 -47.32
N PHE J 46 14.63 -7.92 -46.08
CA PHE J 46 15.64 -7.01 -45.54
C PHE J 46 16.94 -7.72 -45.20
N ASP J 47 18.00 -6.93 -45.11
CA ASP J 47 19.32 -7.43 -44.74
C ASP J 47 19.72 -7.05 -43.32
N ASN J 48 18.91 -6.25 -42.62
CA ASN J 48 19.07 -6.01 -41.20
C ASN J 48 17.77 -5.45 -40.64
N VAL J 49 17.23 -6.14 -39.63
CA VAL J 49 16.07 -5.65 -38.89
C VAL J 49 16.39 -5.63 -37.39
N ASN J 50 17.02 -4.56 -36.93
CA ASN J 50 17.57 -4.55 -35.59
C ASN J 50 16.58 -4.00 -34.58
N GLY J 51 15.47 -4.70 -34.40
CA GLY J 51 14.52 -4.28 -33.39
C GLY J 51 13.27 -3.67 -33.98
N LEU J 52 12.94 -4.09 -35.19
CA LEU J 52 11.68 -3.70 -35.80
C LEU J 52 10.59 -4.50 -35.10
N LYS J 53 9.99 -3.91 -34.07
CA LYS J 53 9.04 -4.63 -33.25
C LYS J 53 7.72 -4.77 -34.00
N PRO J 54 6.99 -5.89 -33.81
CA PRO J 54 5.71 -6.06 -34.51
C PRO J 54 4.66 -5.04 -34.09
N ARG J 55 3.68 -4.83 -34.97
CA ARG J 55 2.70 -3.74 -34.89
C ARG J 55 3.39 -2.39 -34.75
N ALA J 56 4.43 -2.15 -35.54
CA ALA J 56 5.05 -0.84 -35.66
C ALA J 56 4.25 -0.01 -36.66
N LYS J 57 4.82 1.09 -37.12
CA LYS J 57 4.14 1.93 -38.10
C LYS J 57 4.98 2.03 -39.37
N VAL J 58 4.30 2.26 -40.48
CA VAL J 58 4.94 2.43 -41.78
C VAL J 58 4.56 3.81 -42.27
N THR J 59 5.54 4.56 -42.77
CA THR J 59 5.29 5.90 -43.26
C THR J 59 5.61 6.00 -44.74
N MET J 60 4.87 6.86 -45.43
CA MET J 60 5.20 7.21 -46.80
C MET J 60 5.93 8.54 -46.81
N SER J 61 5.30 9.56 -46.24
CA SER J 61 5.88 10.89 -46.16
C SER J 61 5.89 11.43 -44.75
N GLY J 62 5.76 10.56 -43.76
CA GLY J 62 5.61 11.01 -42.39
C GLY J 62 4.15 10.93 -41.99
N VAL J 63 3.48 9.86 -42.38
CA VAL J 63 2.07 9.66 -42.05
C VAL J 63 1.83 8.16 -41.94
N THR J 64 1.02 7.78 -40.96
CA THR J 64 0.81 6.38 -40.64
C THR J 64 -0.07 5.72 -41.69
N ILE J 65 0.52 4.87 -42.52
CA ILE J 65 -0.25 4.06 -43.46
C ILE J 65 0.08 2.57 -43.38
N GLY J 66 0.40 2.03 -42.21
CA GLY J 66 0.60 0.60 -42.16
C GLY J 66 1.15 0.12 -40.85
N ARG J 67 1.05 -1.21 -40.65
CA ARG J 67 1.54 -1.87 -39.46
C ARG J 67 2.66 -2.82 -39.84
N VAL J 68 3.07 -3.65 -38.89
CA VAL J 68 3.99 -4.77 -39.13
C VAL J 68 3.37 -6.02 -38.52
N ASP J 69 3.51 -7.18 -39.17
CA ASP J 69 2.86 -8.40 -38.72
C ASP J 69 3.80 -9.57 -38.44
N SER J 70 4.88 -9.73 -39.19
CA SER J 70 5.73 -10.89 -38.99
C SER J 70 7.13 -10.61 -39.50
N ILE J 71 8.12 -10.86 -38.66
CA ILE J 71 9.53 -10.67 -39.02
C ILE J 71 10.25 -11.98 -38.77
N THR J 72 10.33 -12.83 -39.79
CA THR J 72 11.04 -14.10 -39.70
C THR J 72 12.14 -14.15 -40.73
N LEU J 73 13.09 -15.05 -40.51
CA LEU J 73 14.22 -15.23 -41.39
C LEU J 73 13.81 -15.97 -42.65
N ASP J 74 14.64 -15.83 -43.67
CA ASP J 74 14.51 -16.62 -44.90
C ASP J 74 15.77 -17.44 -45.02
N PRO J 75 15.82 -18.66 -44.47
CA PRO J 75 17.12 -19.31 -44.23
C PRO J 75 17.74 -19.95 -45.46
N VAL J 76 17.20 -19.70 -46.64
CA VAL J 76 17.89 -20.06 -47.87
C VAL J 76 18.69 -18.86 -48.39
N THR J 77 18.50 -17.69 -47.79
CA THR J 77 19.32 -16.53 -48.10
C THR J 77 19.77 -15.84 -46.82
N ARG J 78 19.19 -16.25 -45.68
CA ARG J 78 19.41 -15.65 -44.36
C ARG J 78 19.12 -14.15 -44.36
N LEU J 79 18.02 -13.78 -44.99
CA LEU J 79 17.54 -12.41 -45.01
C LEU J 79 16.17 -12.36 -44.38
N ALA J 80 15.74 -11.15 -44.00
CA ALA J 80 14.52 -10.99 -43.25
C ALA J 80 13.30 -11.12 -44.16
N THR J 81 12.12 -11.13 -43.54
CA THR J 81 10.87 -11.20 -44.27
C THR J 81 9.81 -10.49 -43.45
N VAL J 82 9.33 -9.35 -43.92
CA VAL J 82 8.38 -8.52 -43.19
C VAL J 82 7.10 -8.44 -44.00
N THR J 83 5.95 -8.61 -43.34
CA THR J 83 4.64 -8.42 -43.96
C THR J 83 3.90 -7.27 -43.32
N PHE J 84 3.55 -6.28 -44.13
CA PHE J 84 2.93 -5.04 -43.67
C PHE J 84 1.63 -4.82 -44.40
N ASP J 85 0.61 -4.38 -43.66
CA ASP J 85 -0.73 -4.22 -44.17
C ASP J 85 -1.07 -2.75 -44.27
N LEU J 86 -1.23 -2.24 -45.50
CA LEU J 86 -1.12 -0.79 -45.61
C LEU J 86 -2.39 -0.03 -45.28
N ASP J 87 -3.30 0.10 -46.26
CA ASP J 87 -4.70 0.53 -46.24
C ASP J 87 -5.23 0.60 -47.67
N GLY J 88 -6.54 0.57 -47.83
CA GLY J 88 -7.11 0.65 -49.16
C GLY J 88 -7.81 1.97 -49.47
N LYS J 89 -7.60 3.00 -48.65
CA LYS J 89 -8.21 4.28 -48.95
C LYS J 89 -7.18 5.41 -48.94
N LEU J 90 -6.10 5.23 -48.19
CA LEU J 90 -5.02 6.20 -48.13
C LEU J 90 -3.96 5.95 -49.17
N THR J 91 -3.97 4.78 -49.81
CA THR J 91 -2.76 4.32 -50.49
C THR J 91 -3.11 3.82 -51.88
N SER J 92 -4.40 3.78 -52.21
CA SER J 92 -4.81 3.32 -53.52
C SER J 92 -5.75 4.32 -54.13
N PHE J 93 -6.07 4.09 -55.39
CA PHE J 93 -6.93 4.99 -56.16
C PHE J 93 -8.35 4.43 -56.15
N ASN J 94 -9.29 5.23 -55.64
CA ASN J 94 -10.66 4.76 -55.47
C ASN J 94 -11.46 4.99 -56.75
N ALA J 95 -12.79 4.84 -56.69
CA ALA J 95 -13.69 4.71 -57.84
C ALA J 95 -13.59 5.81 -58.88
N GLU J 96 -13.61 7.06 -58.45
CA GLU J 96 -13.39 8.18 -59.36
C GLU J 96 -11.93 8.27 -59.78
N GLN J 97 -11.02 7.83 -58.90
CA GLN J 97 -9.60 8.07 -59.10
C GLN J 97 -8.97 7.16 -60.15
N LEU J 98 -9.74 6.18 -60.67
CA LEU J 98 -9.19 5.21 -61.61
C LEU J 98 -8.83 5.83 -62.95
N LYS J 99 -9.48 6.94 -63.30
CA LYS J 99 -9.10 7.61 -64.54
C LYS J 99 -7.87 8.50 -64.33
N GLU J 100 -7.60 8.90 -63.08
CA GLU J 100 -6.47 9.78 -62.78
C GLU J 100 -5.14 9.09 -63.00
N VAL J 101 -5.13 7.76 -62.98
CA VAL J 101 -3.92 7.02 -63.28
C VAL J 101 -3.90 6.51 -64.71
N GLN J 102 -5.04 6.52 -65.40
CA GLN J 102 -5.03 6.23 -66.83
C GLN J 102 -4.79 7.50 -67.63
N LYS J 103 -5.19 8.65 -67.07
CA LYS J 103 -4.84 9.93 -67.67
C LYS J 103 -3.44 10.36 -67.29
N ASN J 104 -2.80 9.67 -66.35
CA ASN J 104 -1.38 9.88 -66.11
C ASN J 104 -0.54 8.86 -66.86
N ALA J 105 -1.09 7.65 -67.07
CA ALA J 105 -0.42 6.68 -67.93
C ALA J 105 -0.36 7.17 -69.37
N LEU J 106 -1.42 7.85 -69.80
CA LEU J 106 -1.40 8.47 -71.13
C LEU J 106 -0.53 9.72 -71.15
N ASP J 107 -0.28 10.32 -69.98
CA ASP J 107 0.43 11.58 -69.94
C ASP J 107 1.94 11.40 -70.05
N GLU J 108 2.54 10.73 -69.07
CA GLU J 108 4.00 10.64 -69.03
C GLU J 108 4.51 9.29 -69.49
N LEU J 109 3.68 8.26 -69.47
CA LEU J 109 4.13 6.91 -69.80
C LEU J 109 3.84 6.57 -71.25
N ARG J 110 2.68 6.96 -71.76
CA ARG J 110 2.33 6.69 -73.16
C ARG J 110 2.65 7.88 -74.05
N TYR J 111 3.67 8.66 -73.66
CA TYR J 111 4.14 9.79 -74.44
C TYR J 111 4.78 9.26 -75.71
N SER J 112 4.66 10.03 -76.81
CA SER J 112 5.10 9.54 -78.11
C SER J 112 6.62 9.44 -78.18
N SER J 113 7.32 10.32 -77.46
CA SER J 113 8.77 10.22 -77.38
C SER J 113 9.19 9.07 -76.46
N ASP J 114 8.28 8.64 -75.58
CA ASP J 114 8.50 7.46 -74.77
C ASP J 114 8.04 6.18 -75.47
N TYR J 115 6.98 6.24 -76.27
CA TYR J 115 6.54 5.07 -77.03
C TYR J 115 7.53 4.74 -78.14
N THR J 116 8.22 5.75 -78.65
CA THR J 116 9.30 5.55 -79.64
C THR J 116 10.65 5.40 -78.96
N GLN J 117 10.71 4.51 -77.97
CA GLN J 117 11.94 4.17 -77.28
C GLN J 117 12.00 2.67 -76.93
N ALA J 118 11.08 1.88 -77.48
CA ALA J 118 10.88 0.49 -77.07
C ALA J 118 10.42 -0.30 -78.30
N THR J 119 9.80 -1.45 -78.05
CA THR J 119 9.35 -2.33 -79.11
C THR J 119 8.26 -1.66 -79.94
N PRO J 120 8.23 -1.89 -81.26
CA PRO J 120 7.31 -1.13 -82.12
C PRO J 120 5.91 -1.74 -82.11
N ALA J 121 4.92 -0.90 -81.79
CA ALA J 121 3.52 -1.29 -81.80
C ALA J 121 2.64 -0.06 -81.98
N GLN J 122 1.32 -0.23 -81.84
CA GLN J 122 0.42 0.91 -81.85
C GLN J 122 -0.60 0.82 -80.71
N GLN J 123 -0.87 -0.40 -80.24
CA GLN J 123 -1.94 -0.62 -79.28
C GLN J 123 -1.59 -1.69 -78.26
N LYS J 124 -0.33 -2.13 -78.23
CA LYS J 124 0.06 -3.17 -77.28
C LYS J 124 0.13 -2.62 -75.86
N THR J 125 0.97 -1.60 -75.64
CA THR J 125 1.02 -0.96 -74.34
C THR J 125 -0.16 -0.01 -74.14
N MET J 126 -0.75 0.48 -75.24
CA MET J 126 -1.88 1.39 -75.18
C MET J 126 -3.14 0.73 -74.63
N GLU J 127 -3.29 -0.58 -74.84
CA GLU J 127 -4.43 -1.29 -74.26
C GLU J 127 -4.08 -1.92 -72.93
N GLN J 128 -2.79 -2.20 -72.69
CA GLN J 128 -2.35 -2.77 -71.41
C GLN J 128 -2.56 -1.81 -70.25
N GLN J 129 -2.38 -0.50 -70.52
CA GLN J 129 -2.56 0.54 -69.51
C GLN J 129 -4.02 0.76 -69.16
N LEU J 130 -4.95 0.10 -69.83
CA LEU J 130 -6.36 0.19 -69.48
C LEU J 130 -6.80 -1.03 -68.67
N ILE J 131 -6.09 -2.16 -68.81
CA ILE J 131 -6.47 -3.38 -68.12
C ILE J 131 -5.58 -3.68 -66.92
N SER J 132 -4.28 -3.40 -66.99
CA SER J 132 -3.44 -3.63 -65.82
C SER J 132 -3.65 -2.56 -64.76
N ASN J 133 -4.02 -1.34 -65.17
CA ASN J 133 -3.99 -0.21 -64.25
C ASN J 133 -5.33 -0.05 -63.53
N MET J 134 -6.34 -0.80 -63.92
CA MET J 134 -7.67 -0.54 -63.36
C MET J 134 -7.83 -1.05 -61.94
N ASN J 135 -7.38 -2.26 -61.64
CA ASN J 135 -7.47 -2.79 -60.28
C ASN J 135 -6.10 -3.31 -59.87
N SER J 136 -6.00 -3.67 -58.58
CA SER J 136 -4.79 -4.20 -57.96
C SER J 136 -3.61 -3.25 -58.18
N ILE J 137 -3.70 -2.07 -57.59
CA ILE J 137 -2.77 -0.99 -57.86
C ILE J 137 -2.81 -0.02 -56.70
N THR J 138 -1.63 0.43 -56.27
CA THR J 138 -1.50 1.32 -55.12
C THR J 138 -0.83 2.60 -55.56
N SER J 139 -0.69 3.54 -54.62
CA SER J 139 -0.04 4.81 -54.91
C SER J 139 1.47 4.66 -55.02
N ILE J 140 2.01 3.55 -54.52
CA ILE J 140 3.44 3.35 -54.53
C ILE J 140 3.92 3.06 -55.94
N ASP J 141 4.70 3.98 -56.49
CA ASP J 141 5.45 3.75 -57.72
C ASP J 141 6.52 2.73 -57.41
N GLU J 142 6.80 1.84 -58.37
CA GLU J 142 7.63 0.68 -58.08
C GLU J 142 9.09 1.02 -57.83
N ASP J 143 9.53 2.23 -58.15
CA ASP J 143 10.88 2.66 -57.80
C ASP J 143 10.85 3.43 -56.49
N ALA J 144 10.31 2.76 -55.47
CA ALA J 144 10.25 3.30 -54.12
C ALA J 144 10.67 2.22 -53.15
N TYR J 145 11.85 2.39 -52.57
CA TYR J 145 12.50 1.35 -51.81
C TYR J 145 12.29 1.58 -50.32
N ILE J 146 11.70 0.60 -49.68
CA ILE J 146 11.37 0.67 -48.26
C ILE J 146 12.66 0.58 -47.46
N MET J 147 12.62 1.09 -46.23
CA MET J 147 13.77 1.08 -45.36
C MET J 147 13.30 1.15 -43.91
N VAL J 148 14.20 0.82 -43.00
CA VAL J 148 13.96 0.95 -41.57
C VAL J 148 14.55 2.27 -41.13
N ALA J 149 13.82 2.97 -40.27
CA ALA J 149 14.28 4.22 -39.70
C ALA J 149 13.86 4.28 -38.24
N THR J 150 14.21 5.38 -37.58
CA THR J 150 13.75 5.66 -36.24
C THR J 150 13.53 7.16 -36.09
N ASN J 151 12.62 7.53 -35.21
CA ASN J 151 12.30 8.93 -34.95
C ASN J 151 12.99 9.38 -33.67
N GLY J 152 13.70 10.48 -33.77
CA GLY J 152 14.52 10.94 -32.64
C GLY J 152 15.76 10.06 -32.46
N LEU J 153 16.22 9.93 -31.22
CA LEU J 153 17.35 9.07 -30.94
C LEU J 153 17.06 8.12 -29.79
N LEU J 154 15.79 7.91 -29.49
CA LEU J 154 15.41 7.01 -28.42
C LEU J 154 14.22 6.15 -28.83
N GLY J 155 13.50 6.59 -29.86
CA GLY J 155 12.24 5.96 -30.21
C GLY J 155 12.40 4.62 -30.90
N GLU J 156 11.28 3.93 -31.08
CA GLU J 156 11.28 2.60 -31.67
C GLU J 156 11.58 2.65 -33.16
N LYS J 157 11.73 1.48 -33.77
CA LYS J 157 12.01 1.39 -35.20
C LYS J 157 10.73 1.38 -36.01
N TYR J 158 10.74 2.14 -37.10
CA TYR J 158 9.59 2.23 -37.98
C TYR J 158 10.09 2.21 -39.41
N LEU J 159 9.20 1.87 -40.32
CA LEU J 159 9.54 1.65 -41.72
C LEU J 159 9.20 2.90 -42.53
N LYS J 160 10.09 3.26 -43.45
CA LYS J 160 9.94 4.47 -44.25
C LYS J 160 10.05 4.11 -45.72
N ILE J 161 9.05 4.52 -46.50
CA ILE J 161 9.03 4.28 -47.94
C ILE J 161 9.36 5.58 -48.64
N VAL J 162 10.55 5.67 -49.23
CA VAL J 162 10.97 6.88 -49.93
C VAL J 162 10.53 6.76 -51.39
N PRO J 163 9.72 7.71 -51.89
CA PRO J 163 9.16 7.54 -53.24
C PRO J 163 10.02 8.16 -54.33
N GLY J 164 9.55 8.11 -55.56
CA GLY J 164 10.21 8.81 -56.65
C GLY J 164 10.19 8.06 -57.96
N GLY J 165 9.99 8.80 -59.06
CA GLY J 165 10.03 8.21 -60.38
C GLY J 165 8.83 7.31 -60.63
N GLY J 166 9.07 6.18 -61.27
CA GLY J 166 8.06 5.14 -61.31
C GLY J 166 7.05 5.29 -62.42
N LEU J 167 7.00 4.29 -63.30
CA LEU J 167 6.06 4.27 -64.40
C LEU J 167 5.07 3.12 -64.31
N ASN J 168 5.40 2.08 -63.55
CA ASN J 168 4.45 1.05 -63.19
C ASN J 168 4.25 1.11 -61.68
N TYR J 169 3.09 0.66 -61.23
CA TYR J 169 2.82 0.67 -59.80
C TYR J 169 2.80 -0.76 -59.26
N LEU J 170 3.22 -0.92 -58.01
CA LEU J 170 3.24 -2.22 -57.37
C LEU J 170 1.81 -2.73 -57.17
N LYS J 171 1.58 -3.97 -57.56
CA LYS J 171 0.20 -4.39 -57.72
C LYS J 171 -0.46 -4.83 -56.42
N ARG J 172 -0.09 -6.01 -55.91
CA ARG J 172 -0.70 -6.62 -54.75
C ARG J 172 0.19 -7.76 -54.28
N GLY J 173 0.51 -7.76 -52.99
CA GLY J 173 1.37 -8.80 -52.43
C GLY J 173 2.78 -8.83 -52.98
N ASP J 174 3.28 -7.71 -53.48
CA ASP J 174 4.55 -7.69 -54.19
C ASP J 174 5.72 -7.36 -53.27
N THR J 175 6.90 -7.77 -53.72
CA THR J 175 8.15 -7.57 -53.00
C THR J 175 8.74 -6.23 -53.45
N ILE J 176 8.92 -5.33 -52.49
CA ILE J 176 9.47 -4.00 -52.80
C ILE J 176 10.95 -4.17 -53.12
N SER J 177 11.38 -3.53 -54.22
CA SER J 177 12.61 -3.86 -54.94
C SER J 177 13.90 -3.70 -54.13
N ASN J 178 14.28 -2.46 -53.84
CA ASN J 178 15.51 -2.24 -53.10
C ASN J 178 15.21 -1.99 -51.63
N THR J 179 16.25 -2.02 -50.81
CA THR J 179 16.16 -1.75 -49.39
C THR J 179 17.46 -1.14 -48.90
N GLN J 180 17.47 -0.83 -47.61
CA GLN J 180 18.67 -0.52 -46.86
C GLN J 180 18.38 -0.82 -45.40
N GLY J 181 19.39 -1.27 -44.67
CA GLY J 181 19.21 -1.65 -43.29
C GLY J 181 19.27 -0.45 -42.35
N THR J 182 19.16 -0.76 -41.06
CA THR J 182 19.23 0.25 -40.01
C THR J 182 20.66 0.37 -39.50
N MET J 183 21.03 1.58 -39.11
CA MET J 183 22.38 1.84 -38.65
C MET J 183 22.39 2.05 -37.15
N ASP J 184 23.38 1.45 -36.50
CA ASP J 184 23.68 1.73 -35.10
C ASP J 184 25.20 1.81 -34.98
N LEU J 185 25.68 1.79 -33.74
CA LEU J 185 27.07 2.10 -33.43
C LEU J 185 28.06 1.12 -34.05
N GLU J 186 27.63 -0.12 -34.21
CA GLU J 186 28.47 -1.13 -34.85
C GLU J 186 28.53 -0.89 -36.36
N ASP J 187 27.61 -0.07 -36.88
CA ASP J 187 27.58 0.24 -38.31
C ASP J 187 28.26 1.58 -38.60
N LEU J 188 27.88 2.62 -37.85
CA LEU J 188 28.23 3.99 -38.18
C LEU J 188 29.72 4.28 -38.04
N ILE J 189 30.30 3.89 -36.90
CA ILE J 189 31.69 4.24 -36.63
C ILE J 189 32.61 3.37 -37.47
N SER J 190 32.13 2.21 -37.89
CA SER J 190 32.81 1.40 -38.91
C SER J 190 32.57 1.93 -40.33
N LYS J 191 31.76 2.97 -40.48
CA LYS J 191 31.52 3.62 -41.77
C LYS J 191 31.85 5.09 -41.78
N PHE J 192 32.11 5.71 -40.63
CA PHE J 192 32.42 7.13 -40.52
C PHE J 192 33.80 7.50 -41.04
N ILE J 193 34.70 6.53 -41.15
CA ILE J 193 36.09 6.75 -41.55
C ILE J 193 36.19 7.25 -42.98
N SER K 3 -11.91 -37.70 9.49
CA SER K 3 -12.18 -36.62 8.56
C SER K 3 -11.05 -35.59 8.58
N ARG K 4 -10.63 -35.21 9.79
CA ARG K 4 -9.56 -34.23 9.95
C ARG K 4 -8.39 -34.59 9.04
N THR K 5 -8.12 -35.88 8.89
CA THR K 5 -7.04 -36.32 8.02
C THR K 5 -7.38 -35.90 6.60
N SER K 6 -8.66 -36.04 6.24
CA SER K 6 -9.11 -35.66 4.92
C SER K 6 -8.80 -34.20 4.71
N GLU K 7 -9.21 -33.37 5.67
CA GLU K 7 -8.94 -31.93 5.57
C GLU K 7 -7.47 -31.72 5.30
N LEU K 8 -6.63 -32.30 6.17
CA LEU K 8 -5.18 -32.18 6.02
C LEU K 8 -4.77 -32.44 4.58
N ALA K 9 -5.05 -33.65 4.11
CA ALA K 9 -4.71 -34.02 2.74
C ALA K 9 -5.14 -32.94 1.76
N VAL K 10 -6.43 -32.70 1.68
CA VAL K 10 -6.96 -31.69 0.77
C VAL K 10 -6.32 -30.32 1.00
N GLY K 11 -5.28 -30.30 1.82
CA GLY K 11 -4.57 -29.06 2.14
C GLY K 11 -3.14 -29.16 1.66
N ILE K 12 -2.60 -30.37 1.69
CA ILE K 12 -1.25 -30.60 1.24
C ILE K 12 -1.27 -30.66 -0.28
N PHE K 13 -2.46 -30.91 -0.83
CA PHE K 13 -2.64 -30.97 -2.26
C PHE K 13 -2.81 -29.58 -2.87
N VAL K 14 -3.23 -28.60 -2.07
CA VAL K 14 -3.31 -27.24 -2.58
C VAL K 14 -1.92 -26.63 -2.68
N ILE K 15 -1.12 -26.81 -1.63
CA ILE K 15 0.20 -26.18 -1.58
C ILE K 15 1.15 -26.83 -2.58
N ILE K 16 1.04 -28.14 -2.77
CA ILE K 16 1.84 -28.83 -3.77
C ILE K 16 1.45 -28.39 -5.17
N PHE K 17 0.15 -28.18 -5.40
CA PHE K 17 -0.31 -27.53 -6.61
C PHE K 17 0.10 -26.07 -6.65
N GLY K 18 0.32 -25.44 -5.50
CA GLY K 18 0.76 -24.06 -5.50
C GLY K 18 2.23 -23.91 -5.79
N ILE K 19 2.98 -25.00 -5.70
CA ILE K 19 4.39 -24.98 -6.10
C ILE K 19 4.51 -25.43 -7.55
N ALA K 20 3.57 -26.23 -8.02
CA ALA K 20 3.58 -26.64 -9.42
C ALA K 20 3.26 -25.47 -10.34
N LEU K 21 2.52 -24.48 -9.84
CA LEU K 21 2.25 -23.31 -10.66
C LEU K 21 3.41 -22.34 -10.64
N PHE K 22 4.06 -22.20 -9.49
CA PHE K 22 5.15 -21.23 -9.37
C PHE K 22 6.37 -21.65 -10.18
N PHE K 23 6.49 -22.96 -10.44
CA PHE K 23 7.62 -23.41 -11.25
C PHE K 23 7.19 -23.68 -12.68
N LEU K 24 5.91 -23.51 -12.97
CA LEU K 24 5.51 -23.39 -14.38
C LEU K 24 5.66 -21.96 -14.85
N ALA K 25 5.17 -21.01 -14.06
CA ALA K 25 5.16 -19.61 -14.49
C ALA K 25 6.54 -18.98 -14.39
N MET K 26 7.50 -19.69 -13.80
CA MET K 26 8.86 -19.17 -13.77
C MET K 26 9.65 -19.68 -14.97
N LYS K 27 9.20 -20.76 -15.59
CA LYS K 27 9.87 -21.26 -16.78
C LYS K 27 9.34 -20.56 -18.03
N VAL K 28 8.02 -20.37 -18.11
CA VAL K 28 7.44 -19.77 -19.31
C VAL K 28 7.71 -18.26 -19.33
N SER K 29 8.11 -17.70 -18.20
CA SER K 29 8.54 -16.31 -18.16
C SER K 29 9.90 -16.12 -18.81
N GLY K 30 10.70 -17.18 -18.90
CA GLY K 30 12.03 -17.08 -19.44
C GLY K 30 13.05 -16.93 -18.34
N LEU K 31 12.55 -16.74 -17.13
CA LEU K 31 13.36 -16.30 -16.01
C LEU K 31 14.15 -17.46 -15.38
N VAL K 32 13.86 -18.70 -15.77
CA VAL K 32 14.66 -19.84 -15.31
C VAL K 32 14.61 -20.89 -16.41
N GLY K 33 15.58 -21.79 -16.42
CA GLY K 33 15.62 -22.86 -17.40
C GLY K 33 15.89 -22.39 -18.81
N THR K 34 15.72 -23.29 -19.78
CA THR K 34 15.90 -22.92 -21.18
C THR K 34 14.65 -23.26 -21.98
N ASN K 35 13.81 -22.26 -22.23
CA ASN K 35 12.61 -22.43 -23.04
C ASN K 35 12.93 -22.00 -24.47
N LEU K 36 13.81 -22.77 -25.11
CA LEU K 36 13.99 -22.76 -26.55
C LEU K 36 14.39 -24.16 -26.97
N SER K 37 13.80 -24.64 -28.05
CA SER K 37 13.80 -26.05 -28.40
C SER K 37 15.12 -26.49 -29.01
N ASP K 38 15.42 -27.79 -28.83
CA ASP K 38 16.50 -28.60 -29.39
C ASP K 38 17.83 -27.88 -29.59
N GLY K 39 18.26 -27.14 -28.58
CA GLY K 39 19.39 -26.24 -28.72
C GLY K 39 20.71 -26.93 -28.92
N TYR K 40 21.53 -26.41 -29.83
CA TYR K 40 22.86 -26.94 -29.98
C TYR K 40 23.83 -25.78 -29.81
N THR K 41 25.04 -26.11 -29.38
CA THR K 41 25.96 -25.16 -28.77
C THR K 41 27.17 -24.96 -29.68
N MET K 42 27.52 -23.71 -29.92
CA MET K 42 28.77 -23.37 -30.59
C MET K 42 29.51 -22.33 -29.78
N LYS K 43 30.77 -22.08 -30.14
CA LYS K 43 31.56 -21.12 -29.40
C LYS K 43 32.53 -20.43 -30.35
N ALA K 44 33.17 -19.37 -29.86
CA ALA K 44 34.10 -18.60 -30.67
C ALA K 44 35.21 -18.04 -29.81
N GLN K 45 36.18 -17.42 -30.46
CA GLN K 45 37.36 -16.88 -29.79
C GLN K 45 37.57 -15.44 -30.20
N PHE K 46 37.39 -14.51 -29.28
CA PHE K 46 37.56 -13.09 -29.53
C PHE K 46 38.89 -12.61 -29.00
N ASP K 47 39.12 -11.31 -29.13
CA ASP K 47 40.27 -10.65 -28.54
C ASP K 47 39.84 -9.62 -27.51
N ASN K 48 38.57 -9.21 -27.61
CA ASN K 48 38.03 -8.24 -26.66
C ASN K 48 36.50 -8.18 -26.69
N VAL K 49 35.88 -8.67 -25.62
CA VAL K 49 34.43 -8.67 -25.53
C VAL K 49 33.97 -7.89 -24.30
N ASN K 50 33.74 -6.59 -24.48
CA ASN K 50 33.30 -5.78 -23.36
C ASN K 50 31.80 -5.89 -23.19
N GLY K 51 31.35 -5.75 -21.94
CA GLY K 51 29.95 -5.58 -21.61
C GLY K 51 29.01 -6.68 -22.01
N LEU K 52 29.52 -7.92 -22.04
CA LEU K 52 28.75 -9.06 -22.54
C LEU K 52 28.62 -10.09 -21.43
N LYS K 53 27.48 -10.10 -20.80
CA LYS K 53 27.03 -11.04 -19.78
C LYS K 53 26.43 -12.26 -20.45
N PRO K 54 26.06 -13.30 -19.70
CA PRO K 54 25.17 -14.31 -20.29
C PRO K 54 23.77 -13.76 -20.51
N ARG K 55 22.93 -14.59 -21.11
CA ARG K 55 21.58 -14.27 -21.57
C ARG K 55 21.57 -13.08 -22.51
N ALA K 56 22.55 -13.00 -23.40
CA ALA K 56 22.56 -11.94 -24.40
C ALA K 56 21.87 -12.40 -25.67
N LYS K 57 21.73 -11.51 -26.64
CA LYS K 57 21.08 -11.83 -27.90
C LYS K 57 22.11 -12.29 -28.90
N VAL K 58 21.80 -13.35 -29.64
CA VAL K 58 22.56 -13.72 -30.82
C VAL K 58 21.65 -13.57 -32.01
N THR K 59 22.05 -12.75 -32.98
CA THR K 59 21.20 -12.42 -34.11
C THR K 59 21.87 -12.80 -35.42
N MET K 60 21.04 -13.24 -36.36
CA MET K 60 21.48 -13.51 -37.73
C MET K 60 21.33 -12.31 -38.64
N SER K 61 20.20 -11.61 -38.56
CA SER K 61 20.00 -10.38 -39.31
C SER K 61 19.25 -9.38 -38.43
N GLY K 62 19.18 -9.65 -37.14
CA GLY K 62 18.37 -8.85 -36.25
C GLY K 62 17.26 -9.66 -35.65
N VAL K 63 17.35 -10.99 -35.77
CA VAL K 63 16.37 -11.93 -35.24
C VAL K 63 17.03 -12.74 -34.15
N THR K 64 16.43 -12.77 -32.96
CA THR K 64 17.00 -13.46 -31.82
C THR K 64 16.96 -14.97 -32.05
N ILE K 65 18.14 -15.57 -32.20
CA ILE K 65 18.23 -17.02 -32.35
C ILE K 65 18.87 -17.72 -31.17
N GLY K 66 19.57 -17.02 -30.29
CA GLY K 66 20.28 -17.74 -29.26
C GLY K 66 20.65 -16.88 -28.07
N ARG K 67 21.17 -17.56 -27.05
CA ARG K 67 21.59 -16.93 -25.81
C ARG K 67 23.02 -17.35 -25.51
N VAL K 68 23.73 -16.49 -24.81
CA VAL K 68 25.11 -16.75 -24.40
C VAL K 68 25.08 -17.35 -23.00
N ASP K 69 26.00 -18.27 -22.71
CA ASP K 69 25.99 -18.95 -21.43
C ASP K 69 27.22 -18.72 -20.59
N SER K 70 28.42 -18.67 -21.16
CA SER K 70 29.60 -18.56 -20.33
C SER K 70 30.72 -17.84 -21.05
N ILE K 71 31.43 -17.00 -20.31
CA ILE K 71 32.55 -16.22 -20.83
C ILE K 71 33.77 -16.50 -19.95
N THR K 72 34.76 -17.20 -20.50
CA THR K 72 35.99 -17.51 -19.80
C THR K 72 37.16 -16.83 -20.52
N LEU K 73 38.32 -16.81 -19.86
CA LEU K 73 39.50 -16.13 -20.38
C LEU K 73 40.71 -17.03 -20.25
N ASP K 74 41.41 -17.27 -21.36
CA ASP K 74 42.61 -18.09 -21.32
C ASP K 74 43.81 -17.25 -20.89
N PRO K 75 44.53 -17.66 -19.84
CA PRO K 75 45.68 -16.86 -19.39
C PRO K 75 46.86 -16.84 -20.35
N VAL K 76 47.14 -17.97 -20.99
CA VAL K 76 48.39 -18.11 -21.75
C VAL K 76 48.32 -17.31 -23.05
N THR K 77 47.27 -17.53 -23.84
CA THR K 77 47.18 -16.90 -25.16
C THR K 77 46.51 -15.52 -25.10
N ARG K 78 45.94 -15.17 -23.95
CA ARG K 78 45.29 -13.87 -23.78
C ARG K 78 44.06 -13.64 -24.66
N LEU K 79 43.42 -14.71 -25.10
CA LEU K 79 42.23 -14.59 -25.93
C LEU K 79 41.01 -15.02 -25.12
N ALA K 80 39.96 -14.21 -25.17
CA ALA K 80 38.74 -14.50 -24.44
C ALA K 80 37.99 -15.65 -25.10
N THR K 81 36.96 -16.12 -24.40
CA THR K 81 36.21 -17.27 -24.88
C THR K 81 34.73 -17.04 -24.61
N VAL K 82 33.92 -17.13 -25.63
CA VAL K 82 32.47 -17.05 -25.52
C VAL K 82 31.95 -18.46 -25.69
N THR K 83 30.77 -18.76 -25.14
CA THR K 83 30.16 -20.07 -25.27
C THR K 83 28.65 -19.91 -25.28
N PHE K 84 28.05 -19.94 -26.46
CA PHE K 84 26.64 -19.63 -26.57
C PHE K 84 25.86 -20.85 -27.02
N ASP K 85 24.56 -20.82 -26.80
CA ASP K 85 23.66 -21.86 -27.26
C ASP K 85 22.72 -21.25 -28.30
N LEU K 86 22.52 -21.96 -29.39
CA LEU K 86 21.60 -21.51 -30.42
C LEU K 86 20.38 -22.43 -30.48
N ASP K 87 19.20 -21.82 -30.63
CA ASP K 87 18.02 -22.56 -31.04
C ASP K 87 18.27 -23.19 -32.40
N GLY K 88 17.67 -24.37 -32.61
CA GLY K 88 17.90 -25.12 -33.82
C GLY K 88 16.65 -25.28 -34.66
N LYS K 89 15.55 -24.72 -34.21
CA LYS K 89 14.30 -24.81 -34.97
C LYS K 89 14.34 -23.99 -36.25
N LEU K 90 15.21 -22.98 -36.30
CA LEU K 90 15.19 -22.01 -37.38
C LEU K 90 16.61 -21.63 -37.84
N THR K 91 17.59 -22.47 -37.55
CA THR K 91 18.88 -22.24 -38.19
C THR K 91 19.40 -23.53 -38.76
N SER K 92 18.67 -24.61 -38.53
CA SER K 92 19.07 -25.90 -39.03
C SER K 92 18.26 -26.25 -40.26
N PHE K 93 18.84 -27.11 -41.08
CA PHE K 93 18.13 -27.74 -42.18
C PHE K 93 17.57 -29.05 -41.67
N ASN K 94 16.28 -29.08 -41.38
CA ASN K 94 15.64 -30.34 -41.01
C ASN K 94 15.25 -31.10 -42.29
N ALA K 95 14.56 -32.22 -42.09
CA ALA K 95 14.24 -33.21 -43.12
C ALA K 95 13.50 -32.63 -44.33
N GLU K 96 12.59 -31.68 -44.10
CA GLU K 96 12.01 -30.94 -45.21
C GLU K 96 13.06 -30.04 -45.85
N GLN K 97 13.81 -29.31 -45.03
CA GLN K 97 14.67 -28.25 -45.58
C GLN K 97 15.95 -28.79 -46.18
N LEU K 98 16.16 -30.12 -46.14
CA LEU K 98 17.24 -30.70 -46.95
C LEU K 98 16.98 -30.54 -48.43
N LYS K 99 15.70 -30.54 -48.84
CA LYS K 99 15.35 -30.48 -50.25
C LYS K 99 15.74 -29.15 -50.88
N GLU K 100 15.86 -28.10 -50.07
CA GLU K 100 16.26 -26.79 -50.56
C GLU K 100 17.77 -26.67 -50.68
N VAL K 101 18.52 -27.38 -49.85
CA VAL K 101 19.96 -27.20 -49.80
C VAL K 101 20.72 -28.26 -50.62
N GLN K 102 20.16 -29.47 -50.76
CA GLN K 102 20.83 -30.53 -51.51
C GLN K 102 20.97 -30.17 -52.99
N LYS K 103 19.96 -29.52 -53.55
CA LYS K 103 20.07 -29.02 -54.92
C LYS K 103 20.73 -27.65 -54.98
N ASN K 104 21.22 -27.14 -53.85
CA ASN K 104 21.93 -25.87 -53.84
C ASN K 104 23.37 -26.02 -53.34
N ALA K 105 23.59 -26.77 -52.26
CA ALA K 105 24.94 -26.93 -51.74
C ALA K 105 25.74 -27.93 -52.56
N LEU K 106 25.06 -28.86 -53.24
CA LEU K 106 25.76 -29.71 -54.20
C LEU K 106 25.73 -29.10 -55.58
N ASP K 107 25.02 -27.99 -55.76
CA ASP K 107 25.06 -27.29 -57.04
C ASP K 107 26.31 -26.41 -57.14
N GLU K 108 26.86 -26.00 -56.00
CA GLU K 108 28.15 -25.31 -56.01
C GLU K 108 29.31 -26.28 -56.14
N LEU K 109 29.07 -27.56 -55.85
CA LEU K 109 30.13 -28.56 -55.95
C LEU K 109 30.37 -28.95 -57.40
N ARG K 110 29.30 -29.13 -58.17
CA ARG K 110 29.42 -29.45 -59.58
C ARG K 110 29.41 -28.19 -60.45
N TYR K 111 30.27 -27.24 -60.12
CA TYR K 111 30.39 -26.00 -60.86
C TYR K 111 31.50 -26.11 -61.90
N SER K 112 31.74 -24.98 -62.60
CA SER K 112 32.80 -24.96 -63.61
C SER K 112 34.18 -24.87 -62.96
N SER K 113 34.23 -24.42 -61.71
CA SER K 113 35.50 -24.29 -61.01
C SER K 113 36.04 -25.65 -60.59
N ASP K 114 35.16 -26.50 -60.04
CA ASP K 114 35.57 -27.82 -59.57
C ASP K 114 35.52 -28.88 -60.66
N TYR K 115 35.17 -28.51 -61.90
CA TYR K 115 35.02 -29.52 -62.95
C TYR K 115 36.37 -30.05 -63.41
N THR K 116 37.20 -29.17 -63.97
CA THR K 116 38.55 -29.56 -64.40
C THR K 116 39.59 -29.23 -63.32
N GLN K 117 39.32 -29.66 -62.09
CA GLN K 117 40.28 -29.40 -61.02
C GLN K 117 40.74 -30.66 -60.29
N ALA K 118 39.82 -31.53 -59.90
CA ALA K 118 40.21 -32.73 -59.15
C ALA K 118 40.19 -33.98 -60.02
N THR K 119 39.02 -34.32 -60.56
CA THR K 119 38.83 -35.48 -61.40
C THR K 119 37.49 -35.35 -62.11
N PRO K 120 37.47 -35.48 -63.45
CA PRO K 120 36.17 -35.57 -64.14
C PRO K 120 35.67 -37.00 -64.27
N ALA K 121 35.84 -37.79 -63.22
CA ALA K 121 35.25 -39.12 -63.12
C ALA K 121 34.84 -39.39 -61.68
N GLN K 122 35.00 -38.39 -60.83
CA GLN K 122 34.93 -38.60 -59.39
C GLN K 122 33.49 -38.70 -58.91
N GLN K 123 33.21 -39.73 -58.13
CA GLN K 123 31.97 -39.84 -57.39
C GLN K 123 32.11 -39.32 -55.97
N LYS K 124 33.16 -38.55 -55.68
CA LYS K 124 33.38 -38.02 -54.34
C LYS K 124 32.65 -36.70 -54.14
N THR K 125 32.48 -35.93 -55.23
CA THR K 125 31.91 -34.59 -55.14
C THR K 125 30.44 -34.61 -54.75
N MET K 126 29.74 -35.71 -55.03
CA MET K 126 28.39 -35.89 -54.48
C MET K 126 28.45 -36.68 -53.18
N GLU K 127 29.54 -37.41 -52.95
CA GLU K 127 29.67 -38.19 -51.73
C GLU K 127 30.04 -37.33 -50.53
N GLN K 128 30.63 -36.15 -50.78
CA GLN K 128 30.99 -35.27 -49.67
C GLN K 128 29.76 -34.59 -49.09
N GLN K 129 28.75 -34.35 -49.92
CA GLN K 129 27.64 -33.54 -49.45
C GLN K 129 26.67 -34.32 -48.59
N LEU K 130 26.23 -35.52 -49.01
CA LEU K 130 25.11 -36.16 -48.33
C LEU K 130 25.54 -36.79 -47.02
N ILE K 131 26.85 -36.97 -46.83
CA ILE K 131 27.35 -37.39 -45.51
C ILE K 131 27.54 -36.15 -44.63
N SER K 132 27.41 -34.96 -45.20
CA SER K 132 27.45 -33.75 -44.37
C SER K 132 26.12 -33.01 -44.40
N ASN K 133 25.29 -33.25 -45.43
CA ASN K 133 23.99 -32.58 -45.51
C ASN K 133 22.99 -33.22 -44.55
N MET K 134 23.03 -34.55 -44.42
CA MET K 134 22.04 -35.24 -43.62
C MET K 134 22.32 -35.15 -42.13
N ASN K 135 23.59 -35.08 -41.74
CA ASN K 135 23.97 -35.11 -40.34
C ASN K 135 24.78 -33.87 -40.01
N SER K 136 24.46 -33.26 -38.86
CA SER K 136 25.21 -32.15 -38.25
C SER K 136 25.34 -30.95 -39.18
N ILE K 137 24.22 -30.31 -39.51
CA ILE K 137 24.20 -29.23 -40.49
C ILE K 137 23.80 -27.95 -39.77
N THR K 138 24.23 -26.80 -40.32
CA THR K 138 23.80 -25.48 -39.88
C THR K 138 23.43 -24.68 -41.11
N SER K 139 22.84 -23.50 -40.89
CA SER K 139 22.68 -22.55 -41.98
C SER K 139 23.91 -21.69 -42.18
N ILE K 140 24.83 -21.69 -41.22
CA ILE K 140 25.95 -20.76 -41.21
C ILE K 140 27.01 -21.22 -42.18
N ASP K 141 27.51 -20.30 -43.01
CA ASP K 141 28.44 -20.62 -44.07
C ASP K 141 29.87 -20.58 -43.54
N GLU K 142 30.82 -21.04 -44.36
CA GLU K 142 32.21 -21.16 -43.90
C GLU K 142 33.04 -19.96 -44.35
N ASP K 143 32.36 -18.87 -44.65
CA ASP K 143 33.06 -17.60 -44.86
C ASP K 143 32.33 -16.47 -44.13
N ALA K 144 31.63 -16.81 -43.06
CA ALA K 144 30.96 -15.84 -42.21
C ALA K 144 31.82 -15.54 -41.01
N TYR K 145 31.74 -14.30 -40.52
CA TYR K 145 32.37 -13.93 -39.28
C TYR K 145 31.32 -13.39 -38.33
N ILE K 146 31.57 -13.54 -37.05
CA ILE K 146 30.68 -13.11 -35.99
C ILE K 146 31.29 -11.87 -35.35
N MET K 147 30.47 -11.05 -34.71
CA MET K 147 30.95 -9.85 -34.07
C MET K 147 29.99 -9.41 -32.99
N VAL K 148 30.38 -8.36 -32.28
CA VAL K 148 29.59 -7.75 -31.22
C VAL K 148 29.09 -6.40 -31.72
N ALA K 149 27.79 -6.17 -31.58
CA ALA K 149 27.18 -4.90 -31.94
C ALA K 149 26.45 -4.35 -30.72
N THR K 150 25.64 -3.32 -30.93
CA THR K 150 25.22 -2.48 -29.81
C THR K 150 23.72 -2.37 -29.62
N ASN K 151 22.93 -2.48 -30.69
CA ASN K 151 21.47 -2.34 -30.69
C ASN K 151 20.99 -0.98 -30.18
N GLY K 152 21.22 0.07 -30.96
CA GLY K 152 20.77 1.40 -30.58
C GLY K 152 21.76 2.30 -29.87
N LEU K 153 23.04 2.11 -30.14
CA LEU K 153 24.10 2.93 -29.54
C LEU K 153 23.86 3.24 -28.06
N LEU K 154 22.98 2.48 -27.42
CA LEU K 154 22.70 2.70 -26.00
C LEU K 154 22.26 1.41 -25.32
N GLY K 155 21.83 0.45 -26.13
CA GLY K 155 21.38 -0.83 -25.65
C GLY K 155 22.55 -1.75 -25.32
N GLU K 156 22.25 -2.80 -24.56
CA GLU K 156 23.31 -3.70 -24.12
C GLU K 156 23.82 -4.53 -25.29
N LYS K 157 25.03 -5.07 -25.12
CA LYS K 157 25.73 -5.74 -26.20
C LYS K 157 25.04 -7.04 -26.54
N TYR K 158 25.31 -7.51 -27.74
CA TYR K 158 24.67 -8.71 -28.27
C TYR K 158 25.50 -9.22 -29.43
N LEU K 159 25.66 -10.53 -29.48
CA LEU K 159 26.44 -11.18 -30.52
C LEU K 159 25.72 -11.09 -31.85
N LYS K 160 26.45 -10.76 -32.91
CA LYS K 160 25.85 -10.57 -34.21
C LYS K 160 26.61 -11.37 -35.23
N ILE K 161 25.88 -12.16 -36.02
CA ILE K 161 26.45 -12.97 -37.08
C ILE K 161 26.34 -12.18 -38.37
N VAL K 162 27.40 -12.18 -39.17
CA VAL K 162 27.40 -11.55 -40.48
C VAL K 162 27.44 -12.67 -41.52
N PRO K 163 26.31 -13.05 -42.11
CA PRO K 163 26.32 -14.13 -43.11
C PRO K 163 26.92 -13.64 -44.41
N GLY K 164 28.14 -14.08 -44.70
CA GLY K 164 28.89 -13.58 -45.85
C GLY K 164 29.28 -14.69 -46.81
N GLY K 165 28.75 -14.60 -48.02
CA GLY K 165 28.97 -15.60 -49.05
C GLY K 165 28.39 -16.94 -48.67
N GLY K 166 28.90 -17.99 -49.29
CA GLY K 166 28.61 -19.33 -48.83
C GLY K 166 29.32 -20.43 -49.59
N LEU K 167 30.01 -21.32 -48.87
CA LEU K 167 30.54 -22.53 -49.45
C LEU K 167 30.04 -23.77 -48.73
N ASN K 168 30.23 -23.82 -47.41
CA ASN K 168 29.98 -25.01 -46.63
C ASN K 168 29.55 -24.64 -45.22
N TYR K 169 28.98 -25.62 -44.53
CA TYR K 169 28.41 -25.40 -43.23
C TYR K 169 29.34 -25.82 -42.11
N LEU K 170 28.81 -25.84 -40.88
CA LEU K 170 29.52 -26.36 -39.73
C LEU K 170 28.77 -27.56 -39.19
N LYS K 171 29.40 -28.23 -38.25
CA LYS K 171 28.76 -29.32 -37.53
C LYS K 171 28.22 -28.77 -36.22
N ARG K 172 27.24 -29.44 -35.65
CA ARG K 172 26.66 -29.02 -34.39
C ARG K 172 27.68 -29.20 -33.26
N GLY K 173 28.33 -28.12 -32.87
CA GLY K 173 29.36 -28.19 -31.84
C GLY K 173 30.67 -27.63 -32.31
N ASP K 174 30.67 -27.08 -33.52
CA ASP K 174 31.90 -26.56 -34.07
C ASP K 174 32.16 -25.16 -33.50
N THR K 175 33.38 -24.69 -33.72
CA THR K 175 33.82 -23.37 -33.29
C THR K 175 34.03 -22.52 -34.52
N ILE K 176 33.39 -21.35 -34.55
CA ILE K 176 33.59 -20.42 -35.67
C ILE K 176 35.01 -19.87 -35.57
N SER K 177 35.73 -19.92 -36.68
CA SER K 177 37.10 -19.41 -36.67
C SER K 177 37.14 -17.90 -36.76
N ASN K 178 36.47 -17.33 -37.76
CA ASN K 178 36.53 -15.89 -38.00
C ASN K 178 35.68 -15.15 -36.98
N THR K 179 36.28 -14.17 -36.30
CA THR K 179 35.61 -13.33 -35.33
C THR K 179 35.99 -11.88 -35.57
N GLN K 180 35.20 -10.98 -34.98
CA GLN K 180 35.49 -9.56 -35.01
C GLN K 180 35.19 -8.97 -33.65
N GLY K 181 36.18 -8.34 -33.04
CA GLY K 181 36.02 -7.79 -31.71
C GLY K 181 35.15 -6.55 -31.70
N THR K 182 34.94 -6.02 -30.50
CA THR K 182 34.13 -4.82 -30.36
C THR K 182 34.93 -3.58 -30.78
N MET K 183 34.27 -2.43 -30.70
CA MET K 183 34.93 -1.14 -30.80
C MET K 183 34.36 -0.30 -29.67
N ASP K 184 35.12 -0.16 -28.59
CA ASP K 184 34.62 0.46 -27.37
C ASP K 184 34.51 1.97 -27.52
N LEU K 185 34.06 2.61 -26.44
CA LEU K 185 33.76 4.03 -26.47
C LEU K 185 35.03 4.87 -26.56
N GLU K 186 36.04 4.55 -25.74
CA GLU K 186 37.23 5.38 -25.63
C GLU K 186 38.15 5.31 -26.84
N ASP K 187 37.81 4.49 -27.84
CA ASP K 187 38.59 4.47 -29.08
C ASP K 187 37.92 5.29 -30.17
N LEU K 188 36.60 5.34 -30.14
CA LEU K 188 35.83 6.09 -31.13
C LEU K 188 36.03 7.59 -30.99
N ILE K 189 36.33 8.04 -29.77
CA ILE K 189 36.55 9.46 -29.52
C ILE K 189 37.99 9.85 -29.85
N SER K 190 38.85 8.85 -30.07
CA SER K 190 40.18 9.14 -30.59
C SER K 190 40.11 9.54 -32.05
N LYS K 191 39.34 8.78 -32.84
CA LYS K 191 39.27 9.00 -34.27
C LYS K 191 38.38 10.19 -34.60
N PHE K 192 37.28 10.35 -33.87
CA PHE K 192 36.29 11.39 -34.16
C PHE K 192 36.87 12.79 -33.98
N ILE K 193 37.22 13.16 -32.74
CA ILE K 193 37.80 14.47 -32.37
C ILE K 193 36.96 15.65 -32.86
N SER L 3 3.13 -39.43 16.78
CA SER L 3 2.88 -38.24 15.97
C SER L 3 3.19 -36.96 16.72
N ARG L 4 3.72 -37.10 17.93
CA ARG L 4 4.17 -35.95 18.70
C ARG L 4 5.35 -35.29 18.01
N THR L 5 6.20 -36.09 17.37
CA THR L 5 7.33 -35.56 16.62
C THR L 5 6.88 -34.80 15.37
N SER L 6 5.63 -34.96 14.96
CA SER L 6 5.16 -34.27 13.77
C SER L 6 4.86 -32.80 14.05
N GLU L 7 4.78 -32.51 15.34
CA GLU L 7 4.63 -31.17 15.86
C GLU L 7 6.06 -30.71 16.14
N LEU L 8 7.04 -31.60 15.97
CA LEU L 8 8.43 -31.24 16.19
C LEU L 8 9.24 -31.37 14.92
N ALA L 9 8.77 -32.16 13.96
CA ALA L 9 9.43 -32.19 12.66
C ALA L 9 9.09 -30.94 11.87
N VAL L 10 7.97 -30.30 12.21
CA VAL L 10 7.61 -29.09 11.48
C VAL L 10 8.15 -27.86 12.19
N GLY L 11 8.42 -27.97 13.49
CA GLY L 11 9.02 -26.84 14.18
C GLY L 11 10.50 -26.74 13.91
N ILE L 12 11.07 -27.78 13.30
CA ILE L 12 12.47 -27.76 12.93
C ILE L 12 12.63 -27.28 11.50
N PHE L 13 11.72 -27.67 10.61
CA PHE L 13 11.86 -27.25 9.23
C PHE L 13 11.29 -25.87 9.00
N VAL L 14 10.69 -25.26 10.03
CA VAL L 14 10.26 -23.87 9.92
C VAL L 14 11.40 -22.94 10.33
N ILE L 15 12.07 -23.27 11.43
CA ILE L 15 13.15 -22.42 11.93
C ILE L 15 14.34 -22.46 11.00
N ILE L 16 14.66 -23.65 10.48
CA ILE L 16 15.83 -23.82 9.62
C ILE L 16 15.61 -23.14 8.28
N PHE L 17 14.39 -23.25 7.77
CA PHE L 17 14.02 -22.50 6.57
C PHE L 17 13.93 -21.01 6.87
N GLY L 18 13.83 -20.62 8.14
CA GLY L 18 13.94 -19.21 8.49
C GLY L 18 15.37 -18.78 8.74
N ILE L 19 16.26 -19.75 8.90
CA ILE L 19 17.69 -19.44 9.01
C ILE L 19 18.31 -19.35 7.63
N ALA L 20 17.89 -20.22 6.72
CA ALA L 20 18.44 -20.23 5.37
C ALA L 20 17.95 -19.03 4.56
N LEU L 21 16.90 -18.34 5.02
CA LEU L 21 16.50 -17.12 4.36
C LEU L 21 17.17 -15.91 4.97
N PHE L 22 18.06 -16.12 5.94
CA PHE L 22 18.83 -15.00 6.48
C PHE L 22 20.23 -14.99 5.91
N PHE L 23 20.77 -16.16 5.60
CA PHE L 23 22.11 -16.20 5.04
C PHE L 23 22.08 -15.78 3.58
N LEU L 24 21.01 -16.13 2.88
CA LEU L 24 20.89 -15.73 1.48
C LEU L 24 20.50 -14.27 1.37
N ALA L 25 20.13 -13.64 2.47
CA ALA L 25 20.00 -12.19 2.49
C ALA L 25 21.29 -11.54 2.96
N MET L 26 22.19 -12.33 3.51
CA MET L 26 23.52 -11.80 3.81
C MET L 26 24.55 -12.22 2.78
N LYS L 27 24.16 -13.02 1.80
CA LYS L 27 25.06 -13.28 0.70
C LYS L 27 24.81 -12.35 -0.49
N VAL L 28 23.55 -12.06 -0.81
CA VAL L 28 23.28 -11.26 -2.00
C VAL L 28 23.25 -9.79 -1.64
N SER L 29 23.59 -9.46 -0.41
CA SER L 29 23.63 -8.07 0.00
C SER L 29 25.01 -7.46 0.03
N GLY L 30 26.05 -8.22 0.29
CA GLY L 30 27.35 -7.62 0.42
C GLY L 30 27.65 -7.16 1.84
N LEU L 31 27.37 -8.03 2.80
CA LEU L 31 27.82 -7.84 4.17
C LEU L 31 28.47 -9.10 4.72
N VAL L 32 28.23 -10.26 4.13
CA VAL L 32 28.91 -11.48 4.47
C VAL L 32 29.32 -12.17 3.17
N GLY L 33 30.59 -12.53 3.12
CA GLY L 33 31.09 -13.31 2.01
C GLY L 33 31.81 -12.46 0.98
N THR L 34 31.74 -12.98 -0.25
CA THR L 34 32.42 -12.56 -1.49
C THR L 34 33.87 -12.12 -1.29
N ASN L 35 34.60 -12.84 -0.44
CA ASN L 35 36.04 -12.84 -0.52
C ASN L 35 36.44 -13.62 -1.75
N LEU L 36 37.59 -13.30 -2.32
CA LEU L 36 38.01 -13.87 -3.59
C LEU L 36 39.04 -14.96 -3.37
N SER L 37 38.89 -16.04 -4.12
CA SER L 37 39.78 -17.20 -4.05
C SER L 37 41.13 -16.82 -4.60
N ASP L 38 42.16 -16.98 -3.78
CA ASP L 38 43.55 -16.65 -4.09
C ASP L 38 43.73 -15.21 -4.54
N GLY L 39 42.98 -14.31 -3.90
CA GLY L 39 43.02 -12.91 -4.25
C GLY L 39 44.35 -12.30 -3.89
N TYR L 40 44.81 -11.37 -4.72
CA TYR L 40 46.04 -10.68 -4.43
C TYR L 40 45.88 -9.26 -4.93
N THR L 41 46.30 -8.31 -4.11
CA THR L 41 45.94 -6.92 -4.34
C THR L 41 47.19 -6.15 -4.74
N MET L 42 47.23 -5.71 -5.99
CA MET L 42 48.37 -4.99 -6.51
C MET L 42 48.11 -3.49 -6.42
N LYS L 43 49.02 -2.69 -6.95
CA LYS L 43 48.80 -1.25 -6.89
C LYS L 43 49.39 -0.52 -8.08
N ALA L 44 48.92 0.71 -8.26
CA ALA L 44 49.40 1.64 -9.27
C ALA L 44 49.04 3.05 -8.82
N GLN L 45 49.65 4.05 -9.44
CA GLN L 45 49.39 5.44 -9.08
C GLN L 45 48.78 6.18 -10.26
N PHE L 46 47.61 6.77 -10.05
CA PHE L 46 46.87 7.48 -11.09
C PHE L 46 46.83 8.97 -10.78
N ASP L 47 46.14 9.72 -11.64
CA ASP L 47 45.91 11.14 -11.41
C ASP L 47 44.44 11.55 -11.50
N ASN L 48 43.60 10.80 -12.20
CA ASN L 48 42.19 11.13 -12.28
C ASN L 48 41.37 9.86 -12.17
N VAL L 49 40.80 9.62 -10.99
CA VAL L 49 39.96 8.45 -10.76
C VAL L 49 38.57 8.86 -10.30
N ASN L 50 38.07 9.98 -10.82
CA ASN L 50 36.76 10.48 -10.44
C ASN L 50 35.64 9.55 -10.86
N GLY L 51 34.67 9.37 -9.96
CA GLY L 51 33.56 8.47 -10.18
C GLY L 51 33.85 7.00 -9.95
N LEU L 52 35.07 6.65 -9.60
CA LEU L 52 35.50 5.26 -9.50
C LEU L 52 35.23 4.79 -8.08
N LYS L 53 34.11 4.12 -7.89
CA LYS L 53 33.58 3.70 -6.59
C LYS L 53 34.36 2.51 -6.04
N PRO L 54 34.15 2.11 -4.79
CA PRO L 54 34.64 0.79 -4.38
C PRO L 54 33.70 -0.28 -4.90
N ARG L 55 34.20 -1.52 -5.00
CA ARG L 55 33.54 -2.66 -5.61
C ARG L 55 33.13 -2.36 -7.04
N ALA L 56 34.05 -1.73 -7.78
CA ALA L 56 33.88 -1.40 -9.19
C ALA L 56 34.18 -2.63 -10.04
N LYS L 57 34.54 -2.43 -11.30
CA LYS L 57 34.86 -3.52 -12.21
C LYS L 57 36.31 -3.40 -12.63
N VAL L 58 36.99 -4.53 -12.86
CA VAL L 58 38.34 -4.56 -13.43
C VAL L 58 38.36 -5.61 -14.53
N THR L 59 38.53 -5.21 -15.78
CA THR L 59 38.47 -6.14 -16.90
C THR L 59 39.80 -6.25 -17.61
N MET L 60 40.15 -7.46 -18.02
CA MET L 60 41.41 -7.64 -18.73
C MET L 60 41.26 -7.62 -20.24
N SER L 61 40.58 -8.60 -20.81
CA SER L 61 40.33 -8.54 -22.25
C SER L 61 38.92 -8.10 -22.51
N GLY L 62 37.95 -8.88 -22.09
CA GLY L 62 36.58 -8.42 -22.01
C GLY L 62 35.96 -8.87 -20.72
N VAL L 63 36.66 -9.74 -20.04
CA VAL L 63 36.12 -10.48 -18.90
C VAL L 63 36.48 -9.80 -17.60
N THR L 64 35.50 -9.66 -16.73
CA THR L 64 35.71 -9.13 -15.40
C THR L 64 36.58 -10.09 -14.62
N ILE L 65 37.59 -9.59 -13.92
CA ILE L 65 38.41 -10.44 -13.07
C ILE L 65 38.40 -10.01 -11.61
N GLY L 66 38.20 -8.74 -11.31
CA GLY L 66 38.29 -8.34 -9.91
C GLY L 66 37.63 -7.01 -9.70
N ARG L 67 37.63 -6.57 -8.45
CA ARG L 67 36.96 -5.33 -8.11
C ARG L 67 37.95 -4.37 -7.49
N VAL L 68 37.48 -3.19 -7.18
CA VAL L 68 38.30 -2.13 -6.61
C VAL L 68 37.83 -1.90 -5.18
N ASP L 69 38.77 -1.73 -4.26
CA ASP L 69 38.40 -1.45 -2.87
C ASP L 69 38.98 -0.13 -2.37
N SER L 70 40.25 0.14 -2.68
CA SER L 70 41.00 1.15 -1.95
C SER L 70 41.57 2.19 -2.90
N ILE L 71 41.47 3.45 -2.46
CA ILE L 71 41.90 4.61 -3.22
C ILE L 71 42.62 5.57 -2.27
N THR L 72 43.84 5.91 -2.61
CA THR L 72 44.68 6.74 -1.76
C THR L 72 44.92 8.03 -2.51
N LEU L 73 45.23 9.07 -1.75
CA LEU L 73 45.54 10.39 -2.26
C LEU L 73 46.88 10.64 -1.61
N ASP L 74 47.91 10.90 -2.40
CA ASP L 74 49.24 11.08 -1.80
C ASP L 74 49.69 12.52 -1.84
N PRO L 75 49.32 13.34 -0.84
CA PRO L 75 49.32 14.80 -1.05
C PRO L 75 50.70 15.42 -1.01
N VAL L 76 51.71 14.62 -0.71
CA VAL L 76 53.09 15.07 -0.88
C VAL L 76 53.38 15.30 -2.35
N THR L 77 52.94 14.40 -3.22
CA THR L 77 53.00 14.65 -4.66
C THR L 77 51.65 14.41 -5.32
N ARG L 78 50.58 14.54 -4.52
CA ARG L 78 49.21 14.81 -4.96
C ARG L 78 48.53 13.70 -5.76
N LEU L 79 49.25 12.64 -6.12
CA LEU L 79 48.68 11.66 -7.03
C LEU L 79 47.75 10.71 -6.29
N ALA L 80 46.95 10.00 -7.08
CA ALA L 80 46.12 8.95 -6.52
C ALA L 80 46.91 7.66 -6.47
N THR L 81 46.39 6.71 -5.71
CA THR L 81 47.03 5.42 -5.56
C THR L 81 45.92 4.42 -5.28
N VAL L 82 45.89 3.35 -6.05
CA VAL L 82 44.77 2.43 -6.08
C VAL L 82 45.25 1.03 -5.75
N THR L 83 44.44 0.28 -5.00
CA THR L 83 44.75 -1.08 -4.63
C THR L 83 43.47 -1.91 -4.63
N PHE L 84 43.49 -3.00 -5.39
CA PHE L 84 42.32 -3.70 -5.89
C PHE L 84 42.65 -5.18 -5.96
N ASP L 85 41.65 -6.04 -5.74
CA ASP L 85 41.90 -7.48 -5.70
C ASP L 85 41.57 -8.10 -7.05
N LEU L 86 42.44 -8.96 -7.51
CA LEU L 86 42.15 -9.75 -8.70
C LEU L 86 41.65 -11.11 -8.26
N ASP L 87 41.55 -12.06 -9.18
CA ASP L 87 41.11 -13.39 -8.83
C ASP L 87 42.08 -14.38 -9.43
N GLY L 88 42.58 -15.30 -8.61
CA GLY L 88 43.68 -16.13 -9.04
C GLY L 88 43.29 -17.22 -10.02
N LYS L 89 42.00 -17.50 -10.13
CA LYS L 89 41.56 -18.63 -10.95
C LYS L 89 41.71 -18.35 -12.43
N LEU L 90 41.69 -17.08 -12.83
CA LEU L 90 41.79 -16.71 -14.23
C LEU L 90 43.09 -16.02 -14.56
N THR L 91 43.84 -15.57 -13.57
CA THR L 91 45.00 -14.72 -13.79
C THR L 91 46.30 -15.42 -13.40
N SER L 92 46.23 -16.59 -12.77
CA SER L 92 47.43 -17.27 -12.32
C SER L 92 47.45 -18.68 -12.89
N PHE L 93 48.66 -19.23 -13.02
CA PHE L 93 48.87 -20.47 -13.74
C PHE L 93 48.84 -21.65 -12.80
N ASN L 94 48.69 -22.86 -13.37
CA ASN L 94 48.81 -24.09 -12.60
C ASN L 94 49.84 -25.00 -13.25
N ALA L 95 50.03 -26.17 -12.62
CA ALA L 95 51.15 -27.08 -12.86
C ALA L 95 51.26 -27.60 -14.30
N GLU L 96 50.12 -27.84 -14.93
CA GLU L 96 50.14 -28.21 -16.34
C GLU L 96 50.56 -27.02 -17.21
N GLN L 97 50.08 -25.84 -16.87
CA GLN L 97 50.55 -24.63 -17.55
C GLN L 97 51.90 -24.18 -17.03
N LEU L 98 52.27 -24.58 -15.81
CA LEU L 98 53.52 -24.11 -15.22
C LEU L 98 54.71 -24.73 -15.93
N LYS L 99 54.58 -25.97 -16.39
CA LYS L 99 55.59 -26.52 -17.29
C LYS L 99 55.48 -25.92 -18.68
N GLU L 100 54.34 -25.31 -19.00
CA GLU L 100 54.24 -24.58 -20.26
C GLU L 100 54.70 -23.13 -20.10
N VAL L 101 54.31 -22.47 -19.01
CA VAL L 101 54.67 -21.06 -18.89
C VAL L 101 56.12 -20.90 -18.45
N GLN L 102 56.75 -21.95 -17.95
CA GLN L 102 58.21 -21.91 -17.86
C GLN L 102 58.81 -22.08 -19.25
N LYS L 103 58.11 -22.83 -20.12
CA LYS L 103 58.65 -23.21 -21.42
C LYS L 103 58.44 -22.15 -22.49
N ASN L 104 57.32 -21.42 -22.45
CA ASN L 104 56.95 -20.54 -23.57
C ASN L 104 57.88 -19.35 -23.71
N ALA L 105 58.50 -18.94 -22.59
CA ALA L 105 59.58 -17.96 -22.66
C ALA L 105 60.92 -18.67 -22.86
N LEU L 106 61.01 -19.94 -22.43
CA LEU L 106 62.28 -20.68 -22.54
C LEU L 106 62.60 -21.03 -23.98
N ASP L 107 61.59 -21.37 -24.77
CA ASP L 107 61.80 -21.58 -26.19
C ASP L 107 62.04 -20.27 -26.92
N GLU L 108 61.65 -19.14 -26.31
CA GLU L 108 62.06 -17.84 -26.82
C GLU L 108 63.25 -17.27 -26.07
N LEU L 109 63.66 -17.91 -24.96
CA LEU L 109 64.96 -17.60 -24.37
C LEU L 109 66.08 -18.09 -25.29
N ARG L 110 65.91 -19.28 -25.85
CA ARG L 110 66.78 -19.81 -26.88
C ARG L 110 66.21 -19.52 -28.27
N TYR L 111 66.29 -18.25 -28.67
CA TYR L 111 65.69 -17.81 -29.92
C TYR L 111 66.73 -17.07 -30.76
N SER L 112 66.32 -16.70 -31.96
CA SER L 112 67.18 -15.87 -32.82
C SER L 112 67.38 -14.49 -32.22
N SER L 113 66.42 -14.00 -31.45
CA SER L 113 66.49 -12.66 -30.87
C SER L 113 67.21 -12.65 -29.54
N ASP L 114 66.77 -13.48 -28.58
CA ASP L 114 67.16 -13.32 -27.18
C ASP L 114 68.29 -14.25 -26.74
N TYR L 115 68.61 -15.30 -27.52
CA TYR L 115 69.79 -16.11 -27.22
C TYR L 115 71.03 -15.53 -27.88
N THR L 116 70.89 -15.05 -29.12
CA THR L 116 71.96 -14.33 -29.82
C THR L 116 72.02 -12.88 -29.36
N GLN L 117 72.23 -12.72 -28.06
CA GLN L 117 72.11 -11.48 -27.33
C GLN L 117 73.31 -11.34 -26.41
N ALA L 118 74.52 -11.39 -27.00
CA ALA L 118 75.81 -11.70 -26.37
C ALA L 118 75.81 -13.13 -25.88
N THR L 119 75.86 -14.08 -26.85
CA THR L 119 75.62 -15.53 -26.79
C THR L 119 76.33 -16.25 -25.66
N PRO L 120 77.44 -15.72 -25.14
CA PRO L 120 78.01 -16.27 -23.90
C PRO L 120 77.08 -16.13 -22.70
N ALA L 121 76.16 -15.16 -22.76
CA ALA L 121 75.08 -15.02 -21.79
C ALA L 121 73.79 -15.68 -22.27
N GLN L 122 73.91 -16.81 -22.98
CA GLN L 122 72.78 -17.70 -23.18
C GLN L 122 72.60 -18.55 -21.93
N GLN L 123 73.72 -18.90 -21.28
CA GLN L 123 73.65 -19.66 -20.04
C GLN L 123 73.23 -18.77 -18.87
N LYS L 124 73.52 -17.47 -18.94
CA LYS L 124 73.09 -16.54 -17.91
C LYS L 124 71.60 -16.19 -18.04
N THR L 125 71.09 -16.13 -19.26
CA THR L 125 69.68 -15.88 -19.52
C THR L 125 68.83 -17.14 -19.42
N MET L 126 69.44 -18.29 -19.08
CA MET L 126 68.68 -19.53 -18.95
C MET L 126 68.54 -19.95 -17.49
N GLU L 127 69.64 -19.93 -16.73
CA GLU L 127 69.62 -20.50 -15.38
C GLU L 127 69.06 -19.52 -14.35
N GLN L 128 69.27 -18.22 -14.56
CA GLN L 128 68.79 -17.24 -13.60
C GLN L 128 67.35 -16.85 -13.88
N GLN L 129 66.86 -17.12 -15.09
CA GLN L 129 65.46 -16.78 -15.41
C GLN L 129 64.42 -17.75 -14.84
N LEU L 130 64.49 -18.99 -15.31
CA LEU L 130 63.57 -20.05 -14.90
C LEU L 130 63.24 -20.01 -13.41
N ILE L 131 64.26 -19.79 -12.58
CA ILE L 131 64.06 -19.75 -11.14
C ILE L 131 62.86 -18.87 -10.77
N SER L 132 63.10 -17.57 -10.61
CA SER L 132 62.05 -16.63 -10.25
C SER L 132 60.81 -16.89 -11.11
N ASN L 133 61.06 -17.23 -12.38
CA ASN L 133 59.96 -17.51 -13.29
C ASN L 133 58.95 -18.45 -12.63
N MET L 134 59.25 -19.74 -12.61
CA MET L 134 58.36 -20.70 -11.98
C MET L 134 57.86 -20.16 -10.65
N ASN L 135 58.51 -19.10 -10.17
CA ASN L 135 58.14 -18.48 -8.90
C ASN L 135 56.74 -17.88 -8.94
N SER L 136 56.54 -16.80 -8.19
CA SER L 136 55.24 -16.13 -8.15
C SER L 136 55.13 -15.16 -9.31
N ILE L 137 54.41 -15.57 -10.36
CA ILE L 137 54.24 -14.73 -11.53
C ILE L 137 52.88 -14.95 -12.18
N THR L 138 52.09 -13.89 -12.25
CA THR L 138 50.77 -13.96 -12.85
C THR L 138 50.85 -13.97 -14.36
N SER L 139 49.70 -13.85 -15.02
CA SER L 139 49.64 -13.84 -16.48
C SER L 139 49.77 -12.44 -17.07
N ILE L 140 50.10 -11.44 -16.24
CA ILE L 140 50.22 -10.07 -16.73
C ILE L 140 51.65 -9.79 -17.15
N ASP L 141 51.80 -9.22 -18.34
CA ASP L 141 53.12 -8.86 -18.84
C ASP L 141 53.65 -7.65 -18.13
N GLU L 142 54.87 -7.25 -18.42
CA GLU L 142 55.35 -5.94 -18.05
C GLU L 142 54.94 -4.88 -19.05
N ASP L 143 54.49 -5.27 -20.24
CA ASP L 143 54.11 -4.31 -21.27
C ASP L 143 52.71 -3.77 -21.05
N ALA L 144 51.96 -4.30 -20.10
CA ALA L 144 50.59 -3.90 -19.93
C ALA L 144 50.49 -2.56 -19.23
N TYR L 145 49.58 -1.72 -19.73
CA TYR L 145 49.25 -0.46 -19.09
C TYR L 145 47.85 -0.53 -18.55
N ILE L 146 47.61 0.08 -17.45
CA ILE L 146 46.27 0.11 -16.88
C ILE L 146 45.72 1.53 -17.01
N MET L 147 44.42 1.63 -17.29
CA MET L 147 43.78 2.93 -17.42
C MET L 147 42.35 2.82 -16.95
N VAL L 148 41.67 3.96 -16.89
CA VAL L 148 40.26 4.03 -16.54
C VAL L 148 39.48 4.17 -17.83
N ALA L 149 38.41 3.41 -17.97
CA ALA L 149 37.48 3.55 -19.08
C ALA L 149 36.08 3.67 -18.50
N THR L 150 35.06 3.66 -19.35
CA THR L 150 33.72 3.86 -18.83
C THR L 150 32.64 2.92 -19.36
N ASN L 151 32.82 2.38 -20.57
CA ASN L 151 31.82 1.53 -21.26
C ASN L 151 30.46 2.20 -21.38
N GLY L 152 30.36 3.14 -22.30
CA GLY L 152 29.06 3.64 -22.68
C GLY L 152 28.90 5.11 -22.43
N LEU L 153 27.88 5.69 -23.04
CA LEU L 153 27.61 7.12 -22.96
C LEU L 153 27.10 7.53 -21.58
N LEU L 154 26.80 6.57 -20.72
CA LEU L 154 26.50 6.81 -19.32
C LEU L 154 27.49 5.97 -18.52
N GLY L 155 27.70 6.35 -17.26
CA GLY L 155 28.86 5.91 -16.49
C GLY L 155 28.89 4.55 -15.82
N GLU L 156 30.06 3.91 -15.88
CA GLU L 156 30.37 2.77 -15.01
C GLU L 156 31.69 3.01 -14.29
N LYS L 157 32.65 3.62 -14.98
CA LYS L 157 34.00 3.94 -14.50
C LYS L 157 34.77 2.72 -14.02
N TYR L 158 35.27 1.89 -14.92
CA TYR L 158 36.03 0.74 -14.46
C TYR L 158 37.47 0.83 -14.94
N LEU L 159 38.31 -0.05 -14.40
CA LEU L 159 39.73 -0.14 -14.73
C LEU L 159 39.94 -1.17 -15.81
N LYS L 160 40.94 -0.96 -16.65
CA LYS L 160 41.16 -1.78 -17.82
C LYS L 160 42.63 -2.07 -17.95
N ILE L 161 42.98 -3.32 -18.22
CA ILE L 161 44.37 -3.74 -18.33
C ILE L 161 44.63 -4.20 -19.75
N VAL L 162 45.49 -3.51 -20.48
CA VAL L 162 45.68 -3.76 -21.91
C VAL L 162 47.06 -4.39 -22.11
N PRO L 163 47.14 -5.67 -22.45
CA PRO L 163 48.44 -6.35 -22.47
C PRO L 163 49.23 -5.98 -23.71
N GLY L 164 50.49 -6.40 -23.73
CA GLY L 164 51.36 -6.15 -24.86
C GLY L 164 52.29 -7.30 -25.17
N GLY L 165 52.13 -8.42 -24.47
CA GLY L 165 53.03 -9.53 -24.68
C GLY L 165 54.35 -9.30 -23.98
N GLY L 166 55.31 -10.18 -24.26
CA GLY L 166 56.64 -10.02 -23.69
C GLY L 166 57.25 -11.29 -23.12
N LEU L 167 58.51 -11.19 -22.71
CA LEU L 167 59.23 -12.33 -22.17
C LEU L 167 59.55 -12.10 -20.70
N ASN L 168 58.55 -11.58 -19.98
CA ASN L 168 58.73 -11.11 -18.61
C ASN L 168 57.35 -10.85 -18.03
N TYR L 169 57.12 -11.24 -16.77
CA TYR L 169 55.80 -11.13 -16.20
C TYR L 169 55.88 -10.54 -14.81
N LEU L 170 54.77 -9.95 -14.36
CA LEU L 170 54.72 -9.32 -13.05
C LEU L 170 54.56 -10.34 -11.93
N LYS L 171 54.43 -9.83 -10.72
CA LYS L 171 54.49 -10.62 -9.49
C LYS L 171 53.28 -10.28 -8.64
N ARG L 172 52.93 -11.17 -7.73
CA ARG L 172 51.75 -10.97 -6.89
C ARG L 172 51.91 -9.81 -5.93
N GLY L 173 50.99 -8.86 -5.94
CA GLY L 173 51.07 -7.71 -5.07
C GLY L 173 52.19 -6.74 -5.39
N ASP L 174 52.17 -6.17 -6.58
CA ASP L 174 53.27 -5.34 -7.06
C ASP L 174 52.74 -4.01 -7.56
N THR L 175 53.57 -3.31 -8.34
CA THR L 175 53.31 -1.98 -8.84
C THR L 175 53.21 -2.02 -10.36
N ILE L 176 52.02 -1.80 -10.91
CA ILE L 176 51.86 -1.85 -12.35
C ILE L 176 52.30 -0.51 -12.94
N SER L 177 53.52 -0.47 -13.45
CA SER L 177 54.21 0.78 -13.74
C SER L 177 53.99 1.22 -15.18
N ASN L 178 52.72 1.35 -15.56
CA ASN L 178 52.29 2.13 -16.72
C ASN L 178 50.85 2.56 -16.56
N THR L 179 50.62 3.78 -16.09
CA THR L 179 49.29 4.18 -15.70
C THR L 179 48.76 5.21 -16.67
N GLN L 180 47.48 5.56 -16.49
CA GLN L 180 46.80 6.59 -17.27
C GLN L 180 45.48 6.92 -16.61
N GLY L 181 45.21 8.20 -16.41
CA GLY L 181 43.95 8.62 -15.84
C GLY L 181 42.93 8.83 -16.92
N THR L 182 41.80 9.42 -16.54
CA THR L 182 40.69 9.60 -17.46
C THR L 182 40.79 10.93 -18.19
N MET L 183 39.97 11.07 -19.24
CA MET L 183 40.03 12.20 -20.16
C MET L 183 38.66 12.72 -20.52
N ASP L 184 37.83 13.05 -19.52
CA ASP L 184 36.47 13.52 -19.80
C ASP L 184 36.27 15.05 -19.81
N LEU L 185 35.10 15.49 -19.38
CA LEU L 185 34.73 16.89 -19.33
C LEU L 185 35.64 17.83 -20.14
N GLU L 186 36.45 18.60 -19.42
CA GLU L 186 37.37 19.57 -20.03
C GLU L 186 37.95 19.17 -21.38
N ASP L 187 39.00 18.36 -21.34
CA ASP L 187 39.67 17.90 -22.57
C ASP L 187 38.66 17.52 -23.65
N LEU L 188 37.75 16.63 -23.31
CA LEU L 188 36.74 16.17 -24.25
C LEU L 188 36.11 17.34 -24.99
N ILE L 189 35.32 18.13 -24.27
CA ILE L 189 34.65 19.29 -24.85
C ILE L 189 35.60 20.16 -25.66
N SER L 190 36.74 20.51 -25.08
CA SER L 190 37.73 21.35 -25.74
C SER L 190 38.11 20.85 -27.14
N LYS L 191 38.53 19.59 -27.22
CA LYS L 191 38.94 18.99 -28.49
C LYS L 191 37.77 18.82 -29.45
N PHE L 192 36.58 18.52 -28.90
CA PHE L 192 35.40 18.32 -29.73
C PHE L 192 34.75 19.65 -30.10
N ILE L 193 35.38 20.75 -29.70
CA ILE L 193 34.87 22.08 -29.99
C ILE L 193 33.36 22.17 -29.77
PG ATP M . -26.88 -4.48 34.18
O1G ATP M . -28.01 -5.37 33.75
O2G ATP M . -25.56 -4.78 33.53
O3G ATP M . -26.79 -4.26 35.67
PB ATP M . -28.78 -2.45 33.80
O1B ATP M . -29.67 -2.83 32.64
O2B ATP M . -29.23 -2.80 35.18
O3B ATP M . -27.30 -3.04 33.59
PA ATP M . -27.87 -0.14 32.49
O1A ATP M . -27.85 -1.10 31.34
O2A ATP M . -26.59 0.55 32.86
O3A ATP M . -28.49 -0.87 33.78
O5' ATP M . -28.94 1.00 32.20
C5' ATP M . -28.44 2.28 31.82
C4' ATP M . -29.15 2.77 30.56
O4' ATP M . -28.27 3.66 29.89
C3' ATP M . -29.46 1.63 29.63
O3' ATP M . -30.84 1.71 29.26
C2' ATP M . -28.61 1.84 28.40
O2' ATP M . -29.43 1.75 27.24
C1' ATP M . -28.04 3.23 28.55
N9 ATP M . -26.58 3.17 28.31
C8 ATP M . -25.73 2.33 28.91
N7 ATP M . -24.46 2.51 28.47
C5 ATP M . -24.50 3.48 27.56
C6 ATP M . -23.51 4.18 26.71
N6 ATP M . -22.20 3.81 26.78
N1 ATP M . -23.94 5.16 25.90
C2 ATP M . -25.25 5.50 25.84
N3 ATP M . -26.20 4.92 26.59
C4 ATP M . -25.89 3.93 27.45
PG ATP N . -25.54 -23.06 26.98
O1G ATP N . -25.20 -22.58 28.37
O2G ATP N . -25.46 -22.00 25.91
O3G ATP N . -26.80 -23.89 26.92
PB ATP N . -23.89 -25.22 27.68
O1B ATP N . -22.77 -24.71 28.55
O2B ATP N . -25.12 -25.76 28.34
O3B ATP N . -24.34 -24.08 26.65
PA ATP N . -22.11 -26.08 25.70
O1A ATP N . -21.46 -24.77 26.05
O2A ATP N . -22.52 -26.31 24.28
O3A ATP N . -23.34 -26.34 26.68
O5' ATP N . -21.11 -27.26 26.08
C5' ATP N . -20.42 -27.90 25.01
C4' ATP N . -18.93 -27.97 25.31
O4' ATP N . -18.24 -28.03 24.07
C3' ATP N . -18.45 -26.75 26.06
O3' ATP N . -17.71 -27.17 27.21
C2' ATP N . -17.53 -26.01 25.11
O2' ATP N . -16.31 -25.70 25.79
C1' ATP N . -17.29 -26.97 23.97
N9 ATP N . -17.51 -26.25 22.69
C8 ATP N . -18.61 -25.53 22.39
N7 ATP N . -18.51 -24.98 21.15
C5 ATP N . -17.32 -25.33 20.66
C6 ATP N . -16.58 -25.11 19.40
N6 ATP N . -17.15 -24.34 18.42
N1 ATP N . -15.37 -25.67 19.27
C2 ATP N . -14.83 -26.41 20.25
N3 ATP N . -15.44 -26.67 21.41
C4 ATP N . -16.66 -26.17 21.67
#